data_1TJL
#
_entry.id   1TJL
#
_cell.length_a   91.319
_cell.length_b   96.593
_cell.length_c   117.477
_cell.angle_alpha   90.00
_cell.angle_beta   90.00
_cell.angle_gamma   90.00
#
_symmetry.space_group_name_H-M   'P 1 21 1'
#
loop_
_entity.id
_entity.type
_entity.pdbx_description
1 polymer 'DnaK suppressor protein'
2 non-polymer 'ZINC ION'
3 water water
#
_entity_poly.entity_id   1
_entity_poly.type   'polypeptide(L)'
_entity_poly.pdbx_seq_one_letter_code
;MQEGQNRKTSSLSILAIAGVEPYQEKPGEEYMNEAQLAHFRRILEAWRNQLRDEVDRTVTHMQDEAANFPDPVDRAAQEE
EFSLELRNRDRERKLIKKIEKTLKKVEDEDFGYCESCGVEIGIRRLEARPTADLCIDCKTLAEIREKQMAG
;
_entity_poly.pdbx_strand_id   A,B,C,D,E,F,G,H,I,J
#
# COMPACT_ATOMS: atom_id res chain seq x y z
N ARG A 7 -10.01 20.86 6.20
CA ARG A 7 -9.23 20.95 4.94
C ARG A 7 -8.55 22.32 4.82
N LYS A 8 -7.23 22.31 4.70
CA LYS A 8 -6.44 23.54 4.60
C LYS A 8 -6.71 24.37 3.35
N THR A 9 -7.87 25.02 3.33
CA THR A 9 -8.28 25.87 2.21
C THR A 9 -8.55 27.27 2.73
N SER A 10 -8.20 28.30 1.95
CA SER A 10 -8.43 29.69 2.36
C SER A 10 -9.93 29.83 2.61
N SER A 11 -10.73 29.30 1.67
CA SER A 11 -12.19 29.32 1.75
C SER A 11 -12.60 28.11 2.60
N LEU A 12 -13.20 28.38 3.75
CA LEU A 12 -13.63 27.35 4.68
C LEU A 12 -13.66 25.93 4.13
N SER A 13 -13.02 25.03 4.87
CA SER A 13 -12.98 23.64 4.49
C SER A 13 -14.41 23.16 4.31
N ILE A 14 -15.36 23.99 4.70
CA ILE A 14 -16.79 23.67 4.59
C ILE A 14 -17.19 23.59 3.13
N LEU A 15 -16.76 24.56 2.34
CA LEU A 15 -17.05 24.55 0.91
C LEU A 15 -16.24 23.41 0.34
N ALA A 16 -15.16 23.08 1.01
CA ALA A 16 -14.27 21.98 0.60
C ALA A 16 -14.96 20.65 0.95
N ILE A 17 -15.53 20.59 2.14
CA ILE A 17 -16.24 19.41 2.62
C ILE A 17 -17.25 19.01 1.57
N ALA A 18 -17.98 19.99 1.06
CA ALA A 18 -18.96 19.77 0.01
C ALA A 18 -18.13 19.88 -1.27
N GLY A 19 -18.62 19.37 -2.38
CA GLY A 19 -17.86 19.51 -3.60
C GLY A 19 -18.15 20.87 -4.21
N VAL A 20 -18.47 21.83 -3.34
CA VAL A 20 -18.84 23.17 -3.76
C VAL A 20 -17.74 24.21 -3.94
N GLU A 21 -17.93 25.08 -4.92
CA GLU A 21 -17.00 26.15 -5.20
C GLU A 21 -17.76 27.43 -4.84
N PRO A 22 -17.05 28.46 -4.37
CA PRO A 22 -17.70 29.72 -3.99
C PRO A 22 -18.72 30.16 -5.04
N TYR A 23 -19.88 30.60 -4.59
CA TYR A 23 -20.93 30.99 -5.51
C TYR A 23 -20.57 32.20 -6.39
N GLN A 24 -20.79 32.02 -7.69
CA GLN A 24 -20.51 33.06 -8.68
C GLN A 24 -21.77 33.91 -8.88
N GLU A 25 -21.93 34.90 -8.04
CA GLU A 25 -23.08 35.80 -8.11
C GLU A 25 -23.11 36.62 -9.39
N LYS A 26 -24.21 36.49 -10.14
CA LYS A 26 -24.38 37.24 -11.38
C LYS A 26 -24.91 38.63 -11.06
N PRO A 27 -24.72 39.59 -11.98
CA PRO A 27 -25.16 40.99 -11.84
C PRO A 27 -26.49 41.27 -11.15
N GLY A 28 -27.60 40.98 -11.83
CA GLY A 28 -28.90 41.26 -11.24
C GLY A 28 -29.67 40.13 -10.57
N GLU A 29 -28.98 39.10 -10.08
CA GLU A 29 -29.67 38.01 -9.42
C GLU A 29 -30.28 38.49 -8.10
N GLU A 30 -31.49 38.02 -7.80
CA GLU A 30 -32.14 38.34 -6.54
C GLU A 30 -31.35 37.54 -5.49
N TYR A 31 -31.47 37.88 -4.22
CA TYR A 31 -30.72 37.18 -3.16
C TYR A 31 -30.93 35.66 -3.18
N MET A 32 -31.71 35.11 -2.27
CA MET A 32 -31.88 33.66 -2.27
C MET A 32 -32.86 33.11 -3.31
N ASN A 33 -32.44 32.99 -4.57
CA ASN A 33 -33.30 32.43 -5.62
C ASN A 33 -33.09 30.91 -5.63
N GLU A 34 -33.87 30.20 -6.44
CA GLU A 34 -33.78 28.75 -6.54
C GLU A 34 -32.37 28.22 -6.67
N ALA A 35 -31.58 28.83 -7.55
CA ALA A 35 -30.21 28.41 -7.78
C ALA A 35 -29.32 28.64 -6.57
N GLN A 36 -29.56 29.72 -5.87
CA GLN A 36 -28.77 30.04 -4.69
C GLN A 36 -29.09 29.13 -3.51
N LEU A 37 -30.38 28.93 -3.23
CA LEU A 37 -30.71 28.07 -2.11
C LEU A 37 -30.43 26.60 -2.39
N ALA A 38 -30.38 26.23 -3.65
CA ALA A 38 -30.08 24.85 -4.01
C ALA A 38 -28.61 24.67 -3.66
N HIS A 39 -27.87 25.74 -3.83
CA HIS A 39 -26.43 25.79 -3.56
C HIS A 39 -26.17 25.61 -2.07
N PHE A 40 -26.87 26.39 -1.26
CA PHE A 40 -26.70 26.29 0.18
C PHE A 40 -27.31 25.01 0.77
N ARG A 41 -28.32 24.47 0.11
CA ARG A 41 -28.93 23.24 0.59
C ARG A 41 -27.89 22.13 0.44
N ARG A 42 -27.20 22.14 -0.69
CA ARG A 42 -26.17 21.14 -0.95
C ARG A 42 -25.06 21.25 0.08
N ILE A 43 -24.63 22.48 0.35
CA ILE A 43 -23.56 22.70 1.32
C ILE A 43 -23.94 22.18 2.71
N LEU A 44 -25.15 22.52 3.15
CA LEU A 44 -25.63 22.11 4.46
C LEU A 44 -25.75 20.60 4.56
N GLU A 45 -26.26 19.98 3.51
CA GLU A 45 -26.43 18.54 3.47
C GLU A 45 -25.09 17.82 3.52
N ALA A 46 -24.12 18.32 2.74
CA ALA A 46 -22.78 17.72 2.69
C ALA A 46 -22.09 17.86 4.03
N TRP A 47 -22.26 19.03 4.64
CA TRP A 47 -21.65 19.30 5.93
C TRP A 47 -22.25 18.38 6.99
N ARG A 48 -23.58 18.24 6.97
CA ARG A 48 -24.28 17.38 7.90
C ARG A 48 -23.84 15.92 7.75
N ASN A 49 -23.76 15.45 6.52
CA ASN A 49 -23.34 14.08 6.27
C ASN A 49 -21.90 13.81 6.71
N GLN A 50 -21.07 14.83 6.62
CA GLN A 50 -19.69 14.66 7.04
C GLN A 50 -19.66 14.52 8.55
N LEU A 51 -20.38 15.41 9.25
CA LEU A 51 -20.43 15.40 10.70
C LEU A 51 -20.96 14.06 11.22
N ARG A 52 -21.98 13.54 10.57
CA ARG A 52 -22.58 12.27 10.96
C ARG A 52 -21.57 11.13 10.86
N ASP A 53 -20.74 11.18 9.82
CA ASP A 53 -19.72 10.15 9.64
C ASP A 53 -18.65 10.25 10.71
N GLU A 54 -18.37 11.48 11.16
CA GLU A 54 -17.37 11.71 12.20
C GLU A 54 -17.88 11.19 13.53
N VAL A 55 -19.16 11.42 13.79
CA VAL A 55 -19.76 10.95 15.04
C VAL A 55 -19.76 9.43 15.09
N ASP A 56 -19.99 8.79 13.95
CA ASP A 56 -20.01 7.34 13.87
C ASP A 56 -18.61 6.76 14.09
N ARG A 57 -17.61 7.38 13.45
CA ARG A 57 -16.24 6.92 13.61
C ARG A 57 -15.83 7.09 15.06
N THR A 58 -16.27 8.18 15.68
CA THR A 58 -15.96 8.45 17.08
C THR A 58 -16.55 7.37 17.98
N VAL A 59 -17.83 7.11 17.82
CA VAL A 59 -18.51 6.10 18.61
C VAL A 59 -17.82 4.75 18.43
N THR A 60 -17.43 4.45 17.21
CA THR A 60 -16.77 3.19 16.96
C THR A 60 -15.42 3.13 17.65
N HIS A 61 -14.70 4.24 17.65
CA HIS A 61 -13.40 4.28 18.29
C HIS A 61 -13.60 4.10 19.79
N MET A 62 -14.59 4.82 20.32
CA MET A 62 -14.90 4.75 21.73
C MET A 62 -15.22 3.31 22.16
N GLN A 63 -15.89 2.56 21.30
CA GLN A 63 -16.24 1.19 21.63
C GLN A 63 -15.01 0.29 21.56
N ASP A 64 -14.08 0.62 20.68
CA ASP A 64 -12.86 -0.16 20.54
C ASP A 64 -12.05 0.06 21.80
N GLU A 65 -12.09 1.29 22.30
CA GLU A 65 -11.37 1.64 23.52
C GLU A 65 -11.95 0.87 24.71
N ALA A 66 -13.28 0.76 24.78
CA ALA A 66 -13.94 0.04 25.86
C ALA A 66 -13.58 -1.43 25.82
N ALA A 67 -13.23 -1.92 24.64
CA ALA A 67 -12.86 -3.31 24.45
C ALA A 67 -11.38 -3.58 24.71
N ASN A 68 -10.52 -2.69 24.24
CA ASN A 68 -9.09 -2.88 24.44
C ASN A 68 -8.65 -2.28 25.77
N PHE A 69 -8.01 -3.08 26.63
CA PHE A 69 -7.52 -2.64 27.94
C PHE A 69 -6.13 -2.01 27.84
N PRO A 70 -5.98 -0.76 28.29
CA PRO A 70 -4.71 -0.03 28.25
C PRO A 70 -3.73 -0.51 29.32
N ASP A 71 -2.46 -0.15 29.15
CA ASP A 71 -1.46 -0.51 30.14
C ASP A 71 -1.66 0.43 31.32
N PRO A 72 -1.41 -0.05 32.54
CA PRO A 72 -1.58 0.79 33.74
C PRO A 72 -1.11 2.22 33.54
N VAL A 73 -0.02 2.38 32.79
CA VAL A 73 0.58 3.68 32.53
C VAL A 73 -0.31 4.60 31.68
N ASP A 74 -0.97 4.02 30.67
CA ASP A 74 -1.80 4.78 29.75
C ASP A 74 -3.30 4.80 30.11
N ARG A 75 -3.63 4.41 31.34
CA ARG A 75 -5.01 4.43 31.76
C ARG A 75 -5.54 5.88 31.90
N ALA A 76 -4.76 6.81 32.48
CA ALA A 76 -5.13 8.23 32.63
C ALA A 76 -5.17 8.97 31.28
N ALA A 77 -4.37 8.48 30.34
CA ALA A 77 -4.29 9.06 29.01
C ALA A 77 -5.47 8.64 28.15
N GLN A 78 -5.94 7.41 28.36
CA GLN A 78 -7.08 6.91 27.60
C GLN A 78 -8.35 7.59 28.09
N GLU A 79 -8.48 7.74 29.40
CA GLU A 79 -9.65 8.38 29.99
C GLU A 79 -9.74 9.83 29.55
N GLU A 80 -8.58 10.50 29.53
CA GLU A 80 -8.52 11.89 29.12
C GLU A 80 -8.97 12.07 27.67
N GLU A 81 -8.46 11.22 26.79
CA GLU A 81 -8.82 11.28 25.38
C GLU A 81 -10.26 10.83 25.16
N PHE A 82 -10.73 9.92 26.01
CA PHE A 82 -12.08 9.43 25.87
C PHE A 82 -13.09 10.51 26.19
N SER A 83 -12.78 11.32 27.19
CA SER A 83 -13.68 12.40 27.59
C SER A 83 -13.74 13.45 26.49
N LEU A 84 -12.60 13.72 25.86
CA LEU A 84 -12.53 14.70 24.77
C LEU A 84 -13.43 14.24 23.64
N GLU A 85 -13.28 12.97 23.25
CA GLU A 85 -14.09 12.39 22.18
C GLU A 85 -15.57 12.58 22.52
N LEU A 86 -15.93 12.21 23.73
CA LEU A 86 -17.30 12.33 24.19
C LEU A 86 -17.84 13.74 24.06
N ARG A 87 -17.12 14.68 24.66
CA ARG A 87 -17.52 16.09 24.62
C ARG A 87 -17.67 16.55 23.18
N ASN A 88 -16.63 16.34 22.39
CA ASN A 88 -16.63 16.72 20.98
C ASN A 88 -17.84 16.09 20.27
N ARG A 89 -17.97 14.77 20.41
CA ARG A 89 -19.08 14.02 19.80
C ARG A 89 -20.43 14.68 20.04
N ASP A 90 -20.69 15.03 21.30
CA ASP A 90 -21.94 15.66 21.64
C ASP A 90 -22.13 17.01 20.99
N ARG A 91 -21.03 17.69 20.71
CA ARG A 91 -21.11 19.01 20.08
C ARG A 91 -21.52 18.86 18.62
N GLU A 92 -20.95 17.87 17.96
CA GLU A 92 -21.26 17.60 16.57
C GLU A 92 -22.73 17.21 16.40
N ARG A 93 -23.28 16.49 17.36
CA ARG A 93 -24.67 16.09 17.29
C ARG A 93 -25.55 17.34 17.33
N LYS A 94 -25.11 18.35 18.09
CA LYS A 94 -25.85 19.62 18.20
C LYS A 94 -25.78 20.35 16.88
N LEU A 95 -24.59 20.34 16.29
CA LEU A 95 -24.36 21.00 15.00
C LEU A 95 -25.26 20.36 13.95
N ILE A 96 -25.31 19.04 13.95
CA ILE A 96 -26.12 18.29 13.00
C ILE A 96 -27.59 18.66 13.14
N LYS A 97 -28.06 18.82 14.37
CA LYS A 97 -29.45 19.19 14.58
C LYS A 97 -29.70 20.61 14.10
N LYS A 98 -28.68 21.46 14.20
CA LYS A 98 -28.82 22.83 13.74
C LYS A 98 -28.92 22.86 12.21
N ILE A 99 -28.09 22.05 11.56
CA ILE A 99 -28.08 21.97 10.10
C ILE A 99 -29.45 21.47 9.65
N GLU A 100 -29.97 20.44 10.33
CA GLU A 100 -31.28 19.88 10.00
C GLU A 100 -32.33 20.98 10.10
N LYS A 101 -32.22 21.82 11.12
CA LYS A 101 -33.15 22.92 11.31
C LYS A 101 -33.02 23.87 10.16
N THR A 102 -31.77 24.13 9.74
CA THR A 102 -31.51 25.04 8.65
C THR A 102 -32.03 24.45 7.33
N LEU A 103 -31.92 23.13 7.16
CA LEU A 103 -32.41 22.50 5.94
C LEU A 103 -33.93 22.63 5.80
N LYS A 104 -34.61 22.80 6.92
CA LYS A 104 -36.05 22.95 6.88
C LYS A 104 -36.38 24.37 6.49
N LYS A 105 -35.49 25.29 6.83
CA LYS A 105 -35.69 26.71 6.46
C LYS A 105 -35.57 26.79 4.94
N VAL A 106 -34.69 25.98 4.38
CA VAL A 106 -34.50 25.94 2.93
C VAL A 106 -35.74 25.34 2.31
N GLU A 107 -36.18 24.19 2.84
CA GLU A 107 -37.38 23.52 2.35
C GLU A 107 -38.56 24.46 2.43
N ASP A 108 -38.60 25.25 3.50
CA ASP A 108 -39.68 26.20 3.72
C ASP A 108 -39.46 27.51 2.99
N GLU A 109 -38.35 27.63 2.28
CA GLU A 109 -38.02 28.83 1.54
C GLU A 109 -37.95 30.07 2.42
N ASP A 110 -37.34 29.90 3.59
CA ASP A 110 -37.23 30.96 4.60
C ASP A 110 -35.79 31.00 5.07
N PHE A 111 -34.88 30.74 4.14
CA PHE A 111 -33.47 30.70 4.43
C PHE A 111 -32.74 31.96 3.95
N GLY A 112 -31.74 32.39 4.71
CA GLY A 112 -30.95 33.54 4.29
C GLY A 112 -31.13 34.87 4.97
N TYR A 113 -32.09 34.98 5.88
CA TYR A 113 -32.33 36.27 6.53
C TYR A 113 -32.17 36.22 8.05
N CYS A 114 -31.90 37.38 8.63
CA CYS A 114 -31.73 37.48 10.07
C CYS A 114 -33.05 37.18 10.75
N GLU A 115 -33.02 36.37 11.81
CA GLU A 115 -34.24 36.04 12.50
C GLU A 115 -34.76 37.16 13.41
N SER A 116 -33.88 38.07 13.85
CA SER A 116 -34.28 39.16 14.72
C SER A 116 -34.88 40.30 13.90
N CYS A 117 -34.11 40.81 12.95
CA CYS A 117 -34.59 41.85 12.07
C CYS A 117 -34.69 41.15 10.72
N GLY A 118 -35.55 41.60 9.83
CA GLY A 118 -35.69 40.88 8.57
C GLY A 118 -34.50 40.86 7.62
N VAL A 119 -33.47 41.63 7.93
CA VAL A 119 -32.27 41.77 7.13
C VAL A 119 -31.72 40.47 6.51
N GLU A 120 -31.15 40.59 5.33
CA GLU A 120 -30.57 39.44 4.67
C GLU A 120 -29.18 39.24 5.24
N ILE A 121 -28.79 38.00 5.47
CA ILE A 121 -27.47 37.67 5.98
C ILE A 121 -26.59 37.51 4.74
N GLY A 122 -25.35 37.97 4.80
CA GLY A 122 -24.55 37.85 3.59
C GLY A 122 -24.45 36.49 2.92
N ILE A 123 -24.27 36.48 1.61
CA ILE A 123 -24.11 35.23 0.92
C ILE A 123 -22.78 34.64 1.34
N ARG A 124 -21.75 35.47 1.32
CA ARG A 124 -20.42 34.99 1.72
C ARG A 124 -20.42 34.66 3.20
N ARG A 125 -21.28 35.33 3.96
CA ARG A 125 -21.32 35.03 5.39
C ARG A 125 -21.99 33.68 5.61
N LEU A 126 -23.01 33.38 4.80
CA LEU A 126 -23.71 32.10 4.91
C LEU A 126 -22.81 30.98 4.42
N GLU A 127 -21.89 31.31 3.53
CA GLU A 127 -20.98 30.31 3.01
C GLU A 127 -19.99 29.96 4.12
N ALA A 128 -19.79 30.88 5.05
CA ALA A 128 -18.90 30.66 6.19
C ALA A 128 -19.63 29.81 7.25
N ARG A 129 -20.83 30.22 7.64
CA ARG A 129 -21.64 29.47 8.59
C ARG A 129 -23.06 29.49 8.04
N PRO A 130 -23.38 28.54 7.16
CA PRO A 130 -24.71 28.43 6.55
C PRO A 130 -25.84 28.24 7.54
N THR A 131 -25.48 27.99 8.78
CA THR A 131 -26.42 27.75 9.85
C THR A 131 -26.77 29.05 10.60
N ALA A 132 -26.19 30.16 10.15
CA ALA A 132 -26.41 31.45 10.78
C ALA A 132 -27.88 31.87 10.94
N ASP A 133 -28.25 32.29 12.16
CA ASP A 133 -29.61 32.71 12.48
C ASP A 133 -29.77 34.23 12.54
N LEU A 134 -28.68 34.92 12.86
CA LEU A 134 -28.74 36.37 12.99
C LEU A 134 -27.78 37.14 12.12
N CYS A 135 -28.16 38.38 11.82
CA CYS A 135 -27.26 39.23 11.09
C CYS A 135 -26.23 39.45 12.21
N ILE A 136 -25.03 39.89 11.86
CA ILE A 136 -23.98 40.09 12.87
C ILE A 136 -24.39 40.99 14.02
N ASP A 137 -25.11 42.07 13.73
CA ASP A 137 -25.54 43.00 14.76
C ASP A 137 -26.47 42.35 15.78
N CYS A 138 -27.54 41.72 15.31
CA CYS A 138 -28.48 41.10 16.22
C CYS A 138 -27.83 39.95 16.92
N LYS A 139 -26.97 39.23 16.21
CA LYS A 139 -26.26 38.11 16.80
C LYS A 139 -25.42 38.58 17.96
N THR A 140 -24.67 39.64 17.72
CA THR A 140 -23.79 40.21 18.74
C THR A 140 -24.57 40.80 19.91
N LEU A 141 -25.60 41.56 19.60
CA LEU A 141 -26.42 42.17 20.63
C LEU A 141 -26.99 41.09 21.53
N ALA A 142 -27.38 39.98 20.92
CA ALA A 142 -27.91 38.86 21.69
C ALA A 142 -26.87 38.33 22.64
N GLU A 143 -25.64 38.20 22.17
CA GLU A 143 -24.56 37.70 23.00
C GLU A 143 -24.28 38.66 24.15
N ILE A 144 -24.41 39.95 23.90
CA ILE A 144 -24.18 40.94 24.93
C ILE A 144 -25.27 40.83 25.98
N ARG A 145 -26.53 40.81 25.53
CA ARG A 145 -27.66 40.71 26.45
C ARG A 145 -27.46 39.50 27.33
N GLU A 146 -27.01 38.42 26.73
CA GLU A 146 -26.73 37.15 27.42
C GLU A 146 -25.86 37.36 28.65
N LYS A 147 -24.65 37.89 28.44
CA LYS A 147 -23.72 38.14 29.54
C LYS A 147 -24.31 39.01 30.65
N GLN A 148 -25.21 39.92 30.28
CA GLN A 148 -25.83 40.83 31.25
C GLN A 148 -27.09 40.27 31.94
N MET A 149 -27.93 39.59 31.17
CA MET A 149 -29.15 38.99 31.72
C MET A 149 -28.75 37.76 32.54
N ALA A 150 -27.57 37.22 32.25
CA ALA A 150 -27.07 36.06 32.95
C ALA A 150 -26.35 36.50 34.23
N GLY A 151 -25.13 37.00 34.08
CA GLY A 151 -24.35 37.44 35.23
C GLY A 151 -24.95 38.64 35.97
N ARG B 7 -6.27 4.98 1.80
CA ARG B 7 -5.37 5.29 2.94
C ARG B 7 -4.19 4.31 2.97
N LYS B 8 -2.98 4.84 2.87
CA LYS B 8 -1.75 4.04 2.86
C LYS B 8 -1.50 3.27 4.16
N THR B 9 -2.28 2.22 4.40
CA THR B 9 -2.16 1.39 5.59
C THR B 9 -1.92 -0.07 5.16
N SER B 10 -1.07 -0.78 5.91
CA SER B 10 -0.80 -2.19 5.60
C SER B 10 -2.14 -2.93 5.60
N SER B 11 -2.91 -2.69 6.66
CA SER B 11 -4.24 -3.27 6.83
C SER B 11 -5.21 -2.39 6.03
N LEU B 12 -5.82 -2.98 5.01
CA LEU B 12 -6.75 -2.27 4.13
C LEU B 12 -7.29 -0.93 4.64
N SER B 13 -7.16 0.07 3.79
CA SER B 13 -7.63 1.40 4.13
C SER B 13 -9.10 1.31 4.52
N ILE B 14 -9.70 0.14 4.33
CA ILE B 14 -11.09 -0.10 4.65
C ILE B 14 -11.27 -0.06 6.16
N LEU B 15 -10.37 -0.70 6.89
CA LEU B 15 -10.46 -0.67 8.35
C LEU B 15 -10.09 0.74 8.75
N ALA B 16 -9.32 1.40 7.89
CA ALA B 16 -8.90 2.78 8.11
C ALA B 16 -10.11 3.70 7.86
N ILE B 17 -10.81 3.43 6.76
CA ILE B 17 -11.99 4.21 6.39
C ILE B 17 -12.93 4.26 7.58
N ALA B 18 -13.12 3.12 8.22
CA ALA B 18 -13.95 3.03 9.42
C ALA B 18 -12.97 3.35 10.54
N GLY B 19 -13.47 3.73 11.70
CA GLY B 19 -12.57 4.03 12.80
C GLY B 19 -12.21 2.74 13.50
N VAL B 20 -12.21 1.65 12.74
CA VAL B 20 -11.94 0.31 13.25
C VAL B 20 -10.50 -0.18 13.26
N GLU B 21 -10.19 -0.95 14.30
CA GLU B 21 -8.88 -1.55 14.49
C GLU B 21 -9.11 -3.05 14.26
N PRO B 22 -8.11 -3.77 13.71
CA PRO B 22 -8.24 -5.19 13.45
C PRO B 22 -8.84 -5.93 14.63
N TYR B 23 -9.79 -6.78 14.32
CA TYR B 23 -10.47 -7.55 15.33
C TYR B 23 -9.52 -8.40 16.15
N GLN B 24 -9.67 -8.32 17.46
CA GLN B 24 -8.85 -9.11 18.40
C GLN B 24 -9.57 -10.42 18.71
N GLU B 25 -9.34 -11.41 17.86
CA GLU B 25 -9.93 -12.73 18.00
C GLU B 25 -9.47 -13.46 19.28
N LYS B 26 -10.42 -13.82 20.12
CA LYS B 26 -10.15 -14.51 21.37
C LYS B 26 -10.00 -16.00 21.07
N PRO B 27 -9.31 -16.76 21.94
CA PRO B 27 -9.06 -18.21 21.81
C PRO B 27 -10.17 -19.08 21.23
N GLY B 28 -11.23 -19.31 22.01
CA GLY B 28 -12.30 -20.16 21.54
C GLY B 28 -13.55 -19.52 20.96
N GLU B 29 -13.46 -18.30 20.42
CA GLU B 29 -14.64 -17.65 19.86
C GLU B 29 -15.08 -18.42 18.64
N GLU B 30 -16.38 -18.64 18.55
CA GLU B 30 -16.90 -19.35 17.40
C GLU B 30 -16.57 -18.41 16.22
N TYR B 31 -16.46 -18.96 15.02
CA TYR B 31 -16.13 -18.14 13.87
C TYR B 31 -17.02 -16.92 13.68
N MET B 32 -17.96 -16.94 12.75
CA MET B 32 -18.78 -15.74 12.53
C MET B 32 -19.92 -15.59 13.53
N ASN B 33 -19.62 -15.09 14.72
CA ASN B 33 -20.64 -14.91 15.74
C ASN B 33 -21.19 -13.49 15.75
N GLU B 34 -22.19 -13.23 16.59
CA GLU B 34 -22.81 -11.92 16.69
C GLU B 34 -21.80 -10.78 16.78
N ALA B 35 -20.79 -10.92 17.63
CA ALA B 35 -19.79 -9.88 17.82
C ALA B 35 -18.95 -9.65 16.57
N GLN B 36 -18.68 -10.73 15.84
CA GLN B 36 -17.89 -10.62 14.64
C GLN B 36 -18.64 -10.02 13.48
N LEU B 37 -19.88 -10.47 13.27
CA LEU B 37 -20.65 -9.92 12.17
C LEU B 37 -21.05 -8.47 12.46
N ALA B 38 -21.15 -8.11 13.74
CA ALA B 38 -21.49 -6.75 14.09
C ALA B 38 -20.32 -5.88 13.70
N HIS B 39 -19.13 -6.46 13.81
CA HIS B 39 -17.86 -5.82 13.47
C HIS B 39 -17.79 -5.57 11.97
N PHE B 40 -18.05 -6.60 11.18
CA PHE B 40 -18.02 -6.43 9.74
C PHE B 40 -19.17 -5.61 9.20
N ARG B 41 -20.32 -5.62 9.88
CA ARG B 41 -21.46 -4.84 9.46
C ARG B 41 -21.05 -3.37 9.58
N ARG B 42 -20.40 -3.04 10.67
CA ARG B 42 -19.96 -1.66 10.89
C ARG B 42 -18.98 -1.23 9.79
N ILE B 43 -18.02 -2.09 9.49
CA ILE B 43 -17.03 -1.82 8.47
C ILE B 43 -17.69 -1.56 7.12
N LEU B 44 -18.59 -2.45 6.72
CA LEU B 44 -19.26 -2.33 5.43
C LEU B 44 -20.11 -1.06 5.36
N GLU B 45 -20.79 -0.74 6.44
CA GLU B 45 -21.62 0.45 6.48
C GLU B 45 -20.78 1.70 6.40
N ALA B 46 -19.69 1.74 7.14
CA ALA B 46 -18.81 2.91 7.14
C ALA B 46 -18.20 3.11 5.76
N TRP B 47 -17.79 2.00 5.15
CA TRP B 47 -17.18 2.03 3.83
C TRP B 47 -18.20 2.54 2.81
N ARG B 48 -19.42 2.02 2.89
CA ARG B 48 -20.49 2.43 1.99
C ARG B 48 -20.81 3.92 2.14
N ASN B 49 -20.89 4.40 3.38
CA ASN B 49 -21.18 5.82 3.61
C ASN B 49 -20.08 6.71 3.09
N GLN B 50 -18.85 6.23 3.17
CA GLN B 50 -17.73 7.02 2.70
C GLN B 50 -17.81 7.14 1.17
N LEU B 51 -18.07 6.02 0.50
CA LEU B 51 -18.18 6.00 -0.95
C LEU B 51 -19.31 6.90 -1.43
N ARG B 52 -20.43 6.89 -0.73
CA ARG B 52 -21.56 7.71 -1.09
C ARG B 52 -21.20 9.19 -1.03
N ASP B 53 -20.45 9.57 -0.01
CA ASP B 53 -20.04 10.96 0.16
C ASP B 53 -19.09 11.37 -0.99
N GLU B 54 -18.26 10.43 -1.42
CA GLU B 54 -17.31 10.68 -2.51
C GLU B 54 -18.08 10.90 -3.81
N VAL B 55 -19.11 10.08 -4.04
CA VAL B 55 -19.90 10.19 -5.25
C VAL B 55 -20.62 11.53 -5.30
N ASP B 56 -21.09 11.98 -4.13
CA ASP B 56 -21.79 13.26 -4.04
C ASP B 56 -20.85 14.41 -4.32
N ARG B 57 -19.67 14.36 -3.73
CA ARG B 57 -18.69 15.41 -3.94
C ARG B 57 -18.32 15.45 -5.42
N THR B 58 -18.18 14.27 -6.02
CA THR B 58 -17.82 14.18 -7.43
C THR B 58 -18.89 14.83 -8.29
N VAL B 59 -20.15 14.46 -8.05
CA VAL B 59 -21.25 15.02 -8.83
C VAL B 59 -21.29 16.51 -8.66
N THR B 60 -21.04 17.00 -7.44
CA THR B 60 -21.05 18.43 -7.21
C THR B 60 -19.93 19.13 -7.94
N HIS B 61 -18.76 18.49 -7.99
CA HIS B 61 -17.63 19.06 -8.69
C HIS B 61 -17.94 19.10 -10.17
N MET B 62 -18.50 17.99 -10.68
CA MET B 62 -18.88 17.88 -12.07
C MET B 62 -19.86 18.98 -12.48
N GLN B 63 -20.78 19.35 -11.58
CA GLN B 63 -21.75 20.38 -11.88
C GLN B 63 -21.10 21.76 -11.85
N ASP B 64 -20.10 21.93 -11.00
CA ASP B 64 -19.40 23.20 -10.93
C ASP B 64 -18.60 23.38 -12.22
N GLU B 65 -18.09 22.27 -12.74
CA GLU B 65 -17.33 22.30 -13.98
C GLU B 65 -18.24 22.68 -15.14
N ALA B 66 -19.47 22.15 -15.14
CA ALA B 66 -20.42 22.45 -16.19
C ALA B 66 -20.82 23.92 -16.16
N ALA B 67 -20.69 24.53 -14.99
CA ALA B 67 -21.05 25.92 -14.80
C ALA B 67 -19.89 26.87 -15.09
N ASN B 68 -18.69 26.50 -14.68
CA ASN B 68 -17.53 27.35 -14.90
C ASN B 68 -16.84 27.07 -16.24
N PHE B 69 -16.35 28.12 -16.89
CA PHE B 69 -15.74 27.96 -18.20
C PHE B 69 -14.22 28.13 -18.30
N PRO B 70 -13.51 27.08 -18.77
CA PRO B 70 -12.05 27.10 -18.93
C PRO B 70 -11.60 27.92 -20.15
N ASP B 71 -10.32 28.29 -20.18
CA ASP B 71 -9.79 29.02 -21.30
C ASP B 71 -9.62 27.99 -22.40
N PRO B 72 -9.82 28.41 -23.66
CA PRO B 72 -9.70 27.50 -24.80
C PRO B 72 -8.53 26.52 -24.67
N VAL B 73 -7.44 27.02 -24.10
CA VAL B 73 -6.22 26.23 -23.92
C VAL B 73 -6.36 25.08 -22.92
N ASP B 74 -7.10 25.33 -21.83
CA ASP B 74 -7.28 24.32 -20.79
C ASP B 74 -8.56 23.52 -20.90
N ARG B 75 -9.21 23.59 -22.05
CA ARG B 75 -10.46 22.87 -22.25
C ARG B 75 -10.23 21.36 -22.30
N ALA B 76 -9.28 20.96 -23.13
CA ALA B 76 -8.97 19.55 -23.29
C ALA B 76 -8.58 18.89 -21.97
N ALA B 77 -8.03 19.69 -21.06
CA ALA B 77 -7.61 19.18 -19.76
C ALA B 77 -8.80 18.99 -18.83
N GLN B 78 -9.79 19.88 -18.93
CA GLN B 78 -10.98 19.78 -18.09
C GLN B 78 -11.83 18.58 -18.55
N GLU B 79 -11.97 18.43 -19.86
CA GLU B 79 -12.76 17.34 -20.42
C GLU B 79 -12.11 16.00 -20.03
N GLU B 80 -10.79 15.94 -20.09
CA GLU B 80 -10.06 14.73 -19.77
C GLU B 80 -10.28 14.32 -18.32
N GLU B 81 -10.15 15.30 -17.43
CA GLU B 81 -10.33 15.07 -15.99
C GLU B 81 -11.80 14.78 -15.65
N PHE B 82 -12.70 15.37 -16.41
CA PHE B 82 -14.12 15.18 -16.20
C PHE B 82 -14.54 13.76 -16.53
N SER B 83 -13.97 13.21 -17.60
CA SER B 83 -14.29 11.85 -18.01
C SER B 83 -13.78 10.86 -16.95
N LEU B 84 -12.60 11.14 -16.41
CA LEU B 84 -12.02 10.28 -15.39
C LEU B 84 -12.93 10.24 -14.17
N GLU B 85 -13.36 11.42 -13.72
CA GLU B 85 -14.27 11.56 -12.58
C GLU B 85 -15.50 10.70 -12.84
N LEU B 86 -16.10 10.89 -14.00
CA LEU B 86 -17.29 10.16 -14.40
C LEU B 86 -17.08 8.65 -14.32
N ARG B 87 -16.05 8.15 -15.01
CA ARG B 87 -15.76 6.73 -15.02
C ARG B 87 -15.59 6.22 -13.61
N ASN B 88 -14.69 6.88 -12.86
CA ASN B 88 -14.43 6.51 -11.48
C ASN B 88 -15.73 6.49 -10.67
N ARG B 89 -16.45 7.60 -10.71
CA ARG B 89 -17.72 7.75 -10.02
C ARG B 89 -18.63 6.54 -10.24
N ASP B 90 -18.77 6.12 -11.48
CA ASP B 90 -19.63 4.99 -11.79
C ASP B 90 -19.13 3.68 -11.23
N ARG B 91 -17.83 3.59 -11.04
CA ARG B 91 -17.25 2.37 -10.45
C ARG B 91 -17.57 2.28 -8.96
N GLU B 92 -17.46 3.42 -8.28
CA GLU B 92 -17.76 3.50 -6.87
C GLU B 92 -19.21 3.13 -6.60
N ARG B 93 -20.10 3.53 -7.50
CA ARG B 93 -21.50 3.23 -7.34
C ARG B 93 -21.72 1.72 -7.39
N LYS B 94 -20.93 1.05 -8.22
CA LYS B 94 -21.02 -0.41 -8.35
C LYS B 94 -20.48 -1.06 -7.06
N LEU B 95 -19.38 -0.51 -6.54
CA LEU B 95 -18.78 -1.00 -5.32
C LEU B 95 -19.79 -0.90 -4.19
N ILE B 96 -20.45 0.25 -4.10
CA ILE B 96 -21.45 0.53 -3.08
C ILE B 96 -22.58 -0.50 -3.14
N LYS B 97 -23.03 -0.82 -4.34
CA LYS B 97 -24.08 -1.79 -4.51
C LYS B 97 -23.61 -3.16 -4.09
N LYS B 98 -22.32 -3.43 -4.28
CA LYS B 98 -21.75 -4.71 -3.90
C LYS B 98 -21.74 -4.83 -2.37
N ILE B 99 -21.33 -3.74 -1.72
CA ILE B 99 -21.27 -3.68 -0.26
C ILE B 99 -22.67 -3.90 0.30
N GLU B 100 -23.65 -3.22 -0.29
CA GLU B 100 -25.03 -3.36 0.14
C GLU B 100 -25.48 -4.81 0.04
N LYS B 101 -25.05 -5.46 -1.02
CA LYS B 101 -25.39 -6.85 -1.21
C LYS B 101 -24.74 -7.67 -0.12
N THR B 102 -23.50 -7.33 0.20
CA THR B 102 -22.75 -8.03 1.24
C THR B 102 -23.38 -7.78 2.62
N LEU B 103 -23.91 -6.57 2.84
CA LEU B 103 -24.53 -6.24 4.11
C LEU B 103 -25.80 -7.05 4.32
N LYS B 104 -26.41 -7.51 3.23
CA LYS B 104 -27.61 -8.31 3.33
C LYS B 104 -27.22 -9.74 3.68
N LYS B 105 -26.01 -10.14 3.26
CA LYS B 105 -25.51 -11.48 3.57
C LYS B 105 -25.27 -11.54 5.07
N VAL B 106 -24.82 -10.41 5.62
CA VAL B 106 -24.56 -10.30 7.06
C VAL B 106 -25.91 -10.38 7.80
N GLU B 107 -26.86 -9.57 7.35
CA GLU B 107 -28.17 -9.56 7.95
C GLU B 107 -28.80 -10.95 7.86
N ASP B 108 -28.57 -11.64 6.74
CA ASP B 108 -29.10 -12.97 6.53
C ASP B 108 -28.27 -14.05 7.22
N GLU B 109 -27.18 -13.63 7.85
CA GLU B 109 -26.28 -14.54 8.55
C GLU B 109 -25.62 -15.52 7.58
N ASP B 110 -25.17 -14.98 6.46
CA ASP B 110 -24.53 -15.82 5.48
C ASP B 110 -23.25 -15.15 5.03
N PHE B 111 -22.65 -14.41 5.94
CA PHE B 111 -21.42 -13.68 5.67
C PHE B 111 -20.18 -14.38 6.24
N GLY B 112 -19.07 -14.30 5.52
CA GLY B 112 -17.81 -14.85 6.00
C GLY B 112 -17.28 -16.15 5.45
N TYR B 113 -18.01 -16.79 4.55
CA TYR B 113 -17.57 -18.08 4.02
C TYR B 113 -17.39 -18.05 2.50
N CYS B 114 -16.55 -18.95 2.00
CA CYS B 114 -16.30 -19.05 0.56
C CYS B 114 -17.55 -19.51 -0.14
N GLU B 115 -17.88 -18.88 -1.26
CA GLU B 115 -19.07 -19.26 -1.98
C GLU B 115 -18.93 -20.54 -2.80
N SER B 116 -17.69 -20.91 -3.14
CA SER B 116 -17.47 -22.14 -3.93
C SER B 116 -17.47 -23.35 -3.00
N CYS B 117 -16.59 -23.34 -2.01
CA CYS B 117 -16.49 -24.43 -1.06
C CYS B 117 -16.99 -23.77 0.24
N GLY B 118 -17.55 -24.53 1.16
CA GLY B 118 -18.08 -23.88 2.35
C GLY B 118 -17.11 -23.19 3.30
N VAL B 119 -15.83 -23.36 3.05
CA VAL B 119 -14.77 -22.80 3.90
C VAL B 119 -14.94 -21.38 4.37
N GLU B 120 -14.45 -21.11 5.57
CA GLU B 120 -14.52 -19.78 6.11
C GLU B 120 -13.38 -18.96 5.52
N ILE B 121 -13.67 -17.70 5.20
CA ILE B 121 -12.67 -16.80 4.66
C ILE B 121 -12.05 -16.15 5.88
N GLY B 122 -10.75 -15.92 5.87
CA GLY B 122 -10.14 -15.32 7.05
C GLY B 122 -10.77 -14.04 7.61
N ILE B 123 -10.69 -13.86 8.92
CA ILE B 123 -11.22 -12.65 9.53
C ILE B 123 -10.35 -11.50 9.01
N ARG B 124 -9.04 -11.68 9.11
CA ARG B 124 -8.13 -10.63 8.67
C ARG B 124 -8.23 -10.44 7.17
N ARG B 125 -8.60 -11.50 6.46
CA ARG B 125 -8.71 -11.38 5.02
C ARG B 125 -9.97 -10.58 4.70
N LEU B 126 -11.05 -10.79 5.47
CA LEU B 126 -12.28 -10.07 5.25
C LEU B 126 -12.10 -8.61 5.65
N GLU B 127 -11.16 -8.34 6.54
CA GLU B 127 -10.89 -6.98 6.96
C GLU B 127 -10.18 -6.25 5.83
N ALA B 128 -9.49 -7.02 4.99
CA ALA B 128 -8.78 -6.47 3.84
C ALA B 128 -9.80 -6.19 2.76
N ARG B 129 -10.60 -7.20 2.40
CA ARG B 129 -11.63 -7.03 1.40
C ARG B 129 -12.88 -7.70 1.94
N PRO B 130 -13.68 -6.96 2.71
CA PRO B 130 -14.93 -7.46 3.32
C PRO B 130 -15.96 -7.93 2.30
N THR B 131 -15.72 -7.60 1.05
CA THR B 131 -16.60 -7.97 -0.04
C THR B 131 -16.22 -9.33 -0.69
N ALA B 132 -15.19 -9.98 -0.14
CA ALA B 132 -14.70 -11.26 -0.64
C ALA B 132 -15.75 -12.38 -0.77
N ASP B 133 -15.77 -13.03 -1.93
CA ASP B 133 -16.73 -14.11 -2.22
C ASP B 133 -16.10 -15.48 -2.17
N LEU B 134 -14.80 -15.54 -2.43
CA LEU B 134 -14.10 -16.81 -2.46
C LEU B 134 -12.92 -16.87 -1.50
N CYS B 135 -12.50 -18.08 -1.21
CA CYS B 135 -11.36 -18.26 -0.34
C CYS B 135 -10.15 -18.18 -1.28
N ILE B 136 -8.95 -18.00 -0.74
CA ILE B 136 -7.78 -17.89 -1.59
C ILE B 136 -7.58 -19.08 -2.52
N ASP B 137 -7.83 -20.29 -2.02
CA ASP B 137 -7.65 -21.47 -2.83
C ASP B 137 -8.60 -21.53 -4.01
N CYS B 138 -9.89 -21.33 -3.78
CA CYS B 138 -10.85 -21.37 -4.87
C CYS B 138 -10.60 -20.21 -5.82
N LYS B 139 -10.21 -19.07 -5.25
CA LYS B 139 -9.94 -17.90 -6.06
C LYS B 139 -8.79 -18.18 -7.01
N THR B 140 -7.73 -18.75 -6.46
CA THR B 140 -6.54 -19.08 -7.23
C THR B 140 -6.80 -20.17 -8.25
N LEU B 141 -7.51 -21.20 -7.83
CA LEU B 141 -7.84 -22.30 -8.72
C LEU B 141 -8.60 -21.77 -9.91
N ALA B 142 -9.50 -20.83 -9.63
CA ALA B 142 -10.32 -20.22 -10.67
C ALA B 142 -9.43 -19.51 -11.66
N GLU B 143 -8.46 -18.75 -11.15
CA GLU B 143 -7.52 -18.01 -12.00
C GLU B 143 -6.71 -18.97 -12.88
N ILE B 144 -6.33 -20.12 -12.31
CA ILE B 144 -5.56 -21.10 -13.04
C ILE B 144 -6.42 -21.70 -14.15
N ARG B 145 -7.64 -22.11 -13.82
CA ARG B 145 -8.55 -22.70 -14.80
C ARG B 145 -8.71 -21.72 -15.96
N GLU B 146 -8.83 -20.44 -15.60
CA GLU B 146 -8.96 -19.35 -16.57
C GLU B 146 -7.90 -19.42 -17.65
N LYS B 147 -6.63 -19.30 -17.24
CA LYS B 147 -5.52 -19.36 -18.18
C LYS B 147 -5.49 -20.60 -19.06
N GLN B 148 -6.02 -21.71 -18.54
CA GLN B 148 -6.02 -22.97 -19.28
C GLN B 148 -7.27 -23.12 -20.17
N MET B 149 -8.44 -22.77 -19.65
CA MET B 149 -9.68 -22.85 -20.43
C MET B 149 -9.68 -21.77 -21.49
N ALA B 150 -8.89 -20.73 -21.27
CA ALA B 150 -8.78 -19.62 -22.20
C ALA B 150 -7.75 -19.95 -23.27
N GLY B 151 -6.47 -19.84 -22.91
CA GLY B 151 -5.39 -20.14 -23.85
C GLY B 151 -5.37 -21.59 -24.29
N ARG C 7 -31.70 51.96 -6.14
CA ARG C 7 -31.31 53.09 -7.05
C ARG C 7 -29.80 53.04 -7.34
N LYS C 8 -29.47 52.95 -8.62
CA LYS C 8 -28.07 52.89 -9.07
C LYS C 8 -27.24 54.15 -8.77
N THR C 9 -26.90 54.33 -7.49
CA THR C 9 -26.09 55.48 -7.06
C THR C 9 -24.84 54.96 -6.34
N SER C 10 -23.72 55.65 -6.53
CA SER C 10 -22.47 55.25 -5.87
C SER C 10 -22.74 55.24 -4.37
N SER C 11 -23.35 56.32 -3.90
CA SER C 11 -23.73 56.47 -2.49
C SER C 11 -25.06 55.74 -2.31
N LEU C 12 -25.03 54.69 -1.48
CA LEU C 12 -26.21 53.88 -1.21
C LEU C 12 -27.55 54.47 -1.61
N SER C 13 -28.31 53.67 -2.36
CA SER C 13 -29.63 54.08 -2.81
C SER C 13 -30.45 54.51 -1.60
N ILE C 14 -29.91 54.25 -0.40
CA ILE C 14 -30.59 54.61 0.84
C ILE C 14 -30.66 56.13 0.98
N LEU C 15 -29.55 56.80 0.70
CA LEU C 15 -29.54 58.26 0.77
C LEU C 15 -30.39 58.73 -0.39
N ALA C 16 -30.48 57.88 -1.41
CA ALA C 16 -31.27 58.18 -2.60
C ALA C 16 -32.74 57.99 -2.24
N ILE C 17 -33.03 56.90 -1.52
CA ILE C 17 -34.39 56.58 -1.09
C ILE C 17 -34.97 57.79 -0.38
N ALA C 18 -34.16 58.37 0.50
CA ALA C 18 -34.55 59.58 1.21
C ALA C 18 -34.13 60.70 0.27
N GLY C 19 -34.69 61.90 0.43
CA GLY C 19 -34.30 62.97 -0.45
C GLY C 19 -33.03 63.60 0.10
N VAL C 20 -32.23 62.77 0.78
CA VAL C 20 -30.99 63.21 1.42
C VAL C 20 -29.71 63.16 0.60
N GLU C 21 -28.84 64.14 0.85
CA GLU C 21 -27.53 64.25 0.22
C GLU C 21 -26.53 63.97 1.33
N PRO C 22 -25.39 63.34 1.00
CA PRO C 22 -24.38 63.03 2.03
C PRO C 22 -24.18 64.24 2.95
N TYR C 23 -24.30 64.04 4.25
CA TYR C 23 -24.13 65.15 5.18
C TYR C 23 -22.86 65.95 4.92
N GLN C 24 -23.02 67.27 4.87
CA GLN C 24 -21.91 68.18 4.63
C GLN C 24 -21.30 68.62 5.97
N GLU C 25 -20.38 67.80 6.46
CA GLU C 25 -19.70 68.05 7.73
C GLU C 25 -18.86 69.31 7.70
N LYS C 26 -19.16 70.25 8.60
CA LYS C 26 -18.40 71.50 8.69
C LYS C 26 -17.12 71.28 9.52
N PRO C 27 -16.11 72.15 9.35
CA PRO C 27 -14.83 72.08 10.07
C PRO C 27 -14.84 71.62 11.53
N GLY C 28 -15.30 72.49 12.43
CA GLY C 28 -15.29 72.15 13.83
C GLY C 28 -16.56 71.63 14.48
N GLU C 29 -17.46 71.01 13.71
CA GLU C 29 -18.69 70.48 14.31
C GLU C 29 -18.42 69.29 15.20
N GLU C 30 -19.21 69.17 16.27
CA GLU C 30 -19.10 68.06 17.22
C GLU C 30 -19.78 66.86 16.57
N TYR C 31 -19.49 65.64 17.05
CA TYR C 31 -20.09 64.45 16.45
C TYR C 31 -21.62 64.48 16.33
N MET C 32 -22.33 63.74 17.17
CA MET C 32 -23.79 63.71 17.06
C MET C 32 -24.47 64.94 17.62
N ASN C 33 -24.51 65.98 16.80
CA ASN C 33 -25.14 67.23 17.21
C ASN C 33 -26.53 67.32 16.61
N GLU C 34 -27.27 68.35 17.00
CA GLU C 34 -28.63 68.58 16.51
C GLU C 34 -28.79 68.44 15.00
N ALA C 35 -27.88 69.05 14.24
CA ALA C 35 -27.92 69.01 12.77
C ALA C 35 -27.70 67.60 12.23
N GLN C 36 -26.81 66.85 12.90
CA GLN C 36 -26.51 65.51 12.48
C GLN C 36 -27.64 64.52 12.80
N LEU C 37 -28.18 64.57 14.01
CA LEU C 37 -29.27 63.66 14.34
C LEU C 37 -30.58 64.02 13.64
N ALA C 38 -30.72 65.27 13.24
CA ALA C 38 -31.91 65.69 12.51
C ALA C 38 -31.80 65.03 11.13
N HIS C 39 -30.56 64.90 10.67
CA HIS C 39 -30.21 64.30 9.38
C HIS C 39 -30.58 62.82 9.40
N PHE C 40 -30.12 62.11 10.43
CA PHE C 40 -30.41 60.69 10.53
C PHE C 40 -31.86 60.40 10.90
N ARG C 41 -32.51 61.32 11.59
CA ARG C 41 -33.89 61.10 11.93
C ARG C 41 -34.70 61.14 10.63
N ARG C 42 -34.34 62.07 9.75
CA ARG C 42 -35.03 62.18 8.48
C ARG C 42 -34.84 60.91 7.67
N ILE C 43 -33.60 60.41 7.62
CA ILE C 43 -33.29 59.20 6.87
C ILE C 43 -34.10 58.00 7.39
N LEU C 44 -34.12 57.82 8.70
CA LEU C 44 -34.84 56.72 9.33
C LEU C 44 -36.33 56.79 9.06
N GLU C 45 -36.87 57.99 9.15
CA GLU C 45 -38.30 58.18 8.92
C GLU C 45 -38.66 57.91 7.48
N ALA C 46 -37.85 58.40 6.55
CA ALA C 46 -38.10 58.20 5.11
C ALA C 46 -38.01 56.71 4.77
N TRP C 47 -37.03 56.05 5.36
CA TRP C 47 -36.82 54.64 5.13
C TRP C 47 -38.03 53.87 5.66
N ARG C 48 -38.46 54.20 6.87
CA ARG C 48 -39.61 53.55 7.49
C ARG C 48 -40.87 53.74 6.68
N ASN C 49 -41.11 54.97 6.23
CA ASN C 49 -42.30 55.27 5.43
C ASN C 49 -42.29 54.52 4.11
N GLN C 50 -41.10 54.30 3.55
CA GLN C 50 -40.99 53.59 2.30
C GLN C 50 -41.35 52.12 2.51
N LEU C 51 -40.81 51.53 3.57
CA LEU C 51 -41.05 50.13 3.88
C LEU C 51 -42.53 49.89 4.16
N ARG C 52 -43.18 50.83 4.86
CA ARG C 52 -44.59 50.70 5.16
C ARG C 52 -45.43 50.69 3.90
N ASP C 53 -45.03 51.48 2.90
CA ASP C 53 -45.75 51.54 1.63
C ASP C 53 -45.58 50.22 0.88
N GLU C 54 -44.40 49.62 1.01
CA GLU C 54 -44.10 48.35 0.37
C GLU C 54 -44.93 47.23 0.98
N VAL C 55 -45.07 47.25 2.31
CA VAL C 55 -45.86 46.23 2.98
C VAL C 55 -47.33 46.35 2.58
N ASP C 56 -47.82 47.58 2.41
CA ASP C 56 -49.19 47.82 2.02
C ASP C 56 -49.44 47.32 0.61
N ARG C 57 -48.52 47.63 -0.30
CA ARG C 57 -48.66 47.19 -1.69
C ARG C 57 -48.67 45.68 -1.74
N THR C 58 -47.83 45.09 -0.90
CA THR C 58 -47.70 43.63 -0.83
C THR C 58 -49.02 43.01 -0.37
N VAL C 59 -49.55 43.50 0.74
CA VAL C 59 -50.81 42.99 1.26
C VAL C 59 -51.92 43.14 0.22
N THR C 60 -51.94 44.28 -0.46
CA THR C 60 -52.95 44.52 -1.49
C THR C 60 -52.80 43.53 -2.62
N HIS C 61 -51.57 43.26 -3.02
CA HIS C 61 -51.34 42.32 -4.10
C HIS C 61 -51.80 40.94 -3.66
N MET C 62 -51.44 40.59 -2.42
CA MET C 62 -51.80 39.30 -1.87
C MET C 62 -53.31 39.10 -1.84
N GLN C 63 -54.05 40.18 -1.58
CA GLN C 63 -55.50 40.09 -1.55
C GLN C 63 -56.09 39.97 -2.95
N ASP C 64 -55.41 40.56 -3.93
CA ASP C 64 -55.85 40.49 -5.30
C ASP C 64 -55.65 39.04 -5.75
N GLU C 65 -54.57 38.45 -5.28
CA GLU C 65 -54.26 37.07 -5.64
C GLU C 65 -55.32 36.13 -5.06
N ALA C 66 -55.74 36.40 -3.83
CA ALA C 66 -56.75 35.59 -3.15
C ALA C 66 -58.09 35.68 -3.87
N ALA C 67 -58.28 36.79 -4.58
CA ALA C 67 -59.51 37.05 -5.32
C ALA C 67 -59.45 36.50 -6.74
N ASN C 68 -58.31 36.68 -7.40
CA ASN C 68 -58.20 36.21 -8.78
C ASN C 68 -57.86 34.75 -8.80
N PHE C 69 -58.82 34.04 -9.39
CA PHE C 69 -58.69 32.62 -9.51
C PHE C 69 -57.90 32.25 -10.74
N PRO C 70 -56.73 31.64 -10.52
CA PRO C 70 -55.83 31.21 -11.60
C PRO C 70 -56.36 29.97 -12.31
N ASP C 71 -55.83 29.71 -13.50
CA ASP C 71 -56.20 28.53 -14.27
C ASP C 71 -55.54 27.35 -13.55
N PRO C 72 -56.19 26.18 -13.53
CA PRO C 72 -55.61 25.01 -12.85
C PRO C 72 -54.10 24.86 -13.08
N VAL C 73 -53.66 25.22 -14.28
CA VAL C 73 -52.25 25.11 -14.68
C VAL C 73 -51.34 26.05 -13.92
N ASP C 74 -51.80 27.28 -13.68
CA ASP C 74 -51.03 28.30 -12.98
C ASP C 74 -51.29 28.41 -11.49
N ARG C 75 -51.96 27.41 -10.91
CA ARG C 75 -52.25 27.44 -9.49
C ARG C 75 -50.96 27.28 -8.66
N ALA C 76 -50.19 26.26 -8.97
CA ALA C 76 -48.93 26.02 -8.28
C ALA C 76 -48.06 27.27 -8.35
N ALA C 77 -48.24 28.06 -9.41
CA ALA C 77 -47.46 29.29 -9.60
C ALA C 77 -47.97 30.40 -8.70
N GLN C 78 -49.27 30.45 -8.47
CA GLN C 78 -49.87 31.48 -7.62
C GLN C 78 -49.51 31.20 -6.16
N GLU C 79 -49.61 29.93 -5.77
CA GLU C 79 -49.29 29.55 -4.41
C GLU C 79 -47.81 29.82 -4.10
N GLU C 80 -46.93 29.54 -5.07
CA GLU C 80 -45.49 29.74 -4.92
C GLU C 80 -45.19 31.23 -4.72
N GLU C 81 -45.81 32.07 -5.54
CA GLU C 81 -45.61 33.51 -5.45
C GLU C 81 -46.28 34.10 -4.21
N PHE C 82 -47.36 33.48 -3.78
CA PHE C 82 -48.07 33.95 -2.60
C PHE C 82 -47.24 33.71 -1.34
N SER C 83 -46.53 32.60 -1.30
CA SER C 83 -45.71 32.26 -0.16
C SER C 83 -44.54 33.22 -0.08
N LEU C 84 -43.99 33.56 -1.24
CA LEU C 84 -42.86 34.47 -1.29
C LEU C 84 -43.28 35.82 -0.73
N GLU C 85 -44.43 36.29 -1.16
CA GLU C 85 -44.98 37.58 -0.71
C GLU C 85 -45.13 37.56 0.80
N LEU C 86 -45.72 36.49 1.30
CA LEU C 86 -45.94 36.31 2.72
C LEU C 86 -44.62 36.38 3.50
N ARG C 87 -43.66 35.54 3.10
CA ARG C 87 -42.36 35.50 3.76
C ARG C 87 -41.72 36.89 3.74
N ASN C 88 -41.63 37.48 2.55
CA ASN C 88 -41.04 38.81 2.38
C ASN C 88 -41.76 39.81 3.28
N ARG C 89 -43.09 39.87 3.17
CA ARG C 89 -43.92 40.78 3.97
C ARG C 89 -43.55 40.74 5.44
N ASP C 90 -43.44 39.54 5.99
CA ASP C 90 -43.11 39.39 7.39
C ASP C 90 -41.71 39.91 7.73
N ARG C 91 -40.81 39.88 6.75
CA ARG C 91 -39.45 40.36 6.97
C ARG C 91 -39.46 41.88 7.09
N GLU C 92 -40.21 42.52 6.21
CA GLU C 92 -40.33 43.96 6.20
C GLU C 92 -40.92 44.46 7.50
N ARG C 93 -41.87 43.71 8.05
CA ARG C 93 -42.49 44.12 9.30
C ARG C 93 -41.44 44.14 10.40
N LYS C 94 -40.49 43.21 10.33
CA LYS C 94 -39.41 43.12 11.31
C LYS C 94 -38.47 44.29 11.15
N LEU C 95 -38.19 44.62 9.89
CA LEU C 95 -37.31 45.74 9.60
C LEU C 95 -37.93 47.04 10.12
N ILE C 96 -39.23 47.20 9.88
CA ILE C 96 -39.94 48.39 10.34
C ILE C 96 -39.85 48.51 11.84
N LYS C 97 -40.00 47.39 12.55
CA LYS C 97 -39.93 47.42 14.00
C LYS C 97 -38.53 47.79 14.46
N LYS C 98 -37.54 47.41 13.67
CA LYS C 98 -36.15 47.72 13.98
C LYS C 98 -35.91 49.21 13.80
N ILE C 99 -36.44 49.76 12.71
CA ILE C 99 -36.29 51.19 12.46
C ILE C 99 -36.97 51.98 13.58
N GLU C 100 -38.16 51.55 13.99
CA GLU C 100 -38.89 52.21 15.06
C GLU C 100 -38.02 52.23 16.31
N LYS C 101 -37.37 51.10 16.58
CA LYS C 101 -36.50 50.98 17.73
C LYS C 101 -35.36 51.98 17.60
N THR C 102 -34.84 52.09 16.38
CA THR C 102 -33.73 53.00 16.11
C THR C 102 -34.19 54.46 16.23
N LEU C 103 -35.44 54.73 15.85
CA LEU C 103 -35.96 56.09 15.95
C LEU C 103 -36.10 56.53 17.40
N LYS C 104 -36.21 55.57 18.30
CA LYS C 104 -36.31 55.89 19.72
C LYS C 104 -34.93 56.17 20.27
N LYS C 105 -33.91 55.57 19.66
CA LYS C 105 -32.54 55.81 20.08
C LYS C 105 -32.20 57.24 19.70
N VAL C 106 -32.76 57.70 18.59
CA VAL C 106 -32.55 59.06 18.11
C VAL C 106 -33.25 60.01 19.08
N GLU C 107 -34.51 59.71 19.36
CA GLU C 107 -35.31 60.51 20.29
C GLU C 107 -34.62 60.56 21.65
N ASP C 108 -34.04 59.43 22.04
CA ASP C 108 -33.35 59.34 23.31
C ASP C 108 -31.93 59.89 23.26
N GLU C 109 -31.50 60.30 22.06
CA GLU C 109 -30.15 60.81 21.87
C GLU C 109 -29.06 59.76 22.22
N ASP C 110 -29.40 58.46 22.10
CA ASP C 110 -28.47 57.35 22.37
C ASP C 110 -28.14 56.74 21.00
N PHE C 111 -28.20 57.58 19.98
CA PHE C 111 -27.93 57.15 18.61
C PHE C 111 -26.54 57.53 18.12
N GLY C 112 -25.97 56.69 17.26
CA GLY C 112 -24.66 56.98 16.69
C GLY C 112 -23.41 56.31 17.21
N TYR C 113 -23.53 55.50 18.26
CA TYR C 113 -22.34 54.84 18.80
C TYR C 113 -22.43 53.32 18.78
N CYS C 114 -21.27 52.67 18.77
CA CYS C 114 -21.20 51.22 18.76
C CYS C 114 -21.76 50.67 20.05
N GLU C 115 -22.57 49.63 19.96
CA GLU C 115 -23.19 49.05 21.15
C GLU C 115 -22.24 48.15 21.94
N SER C 116 -21.20 47.65 21.29
CA SER C 116 -20.23 46.78 21.97
C SER C 116 -19.20 47.62 22.72
N CYS C 117 -18.51 48.48 21.98
CA CYS C 117 -17.52 49.39 22.55
C CYS C 117 -18.19 50.78 22.39
N GLY C 118 -17.90 51.72 23.27
CA GLY C 118 -18.57 53.01 23.17
C GLY C 118 -18.33 53.85 21.92
N VAL C 119 -17.36 53.43 21.11
CA VAL C 119 -16.99 54.15 19.89
C VAL C 119 -18.14 54.69 19.06
N GLU C 120 -17.87 55.80 18.40
CA GLU C 120 -18.86 56.42 17.53
C GLU C 120 -18.78 55.72 16.18
N ILE C 121 -19.94 55.51 15.57
CA ILE C 121 -20.02 54.88 14.26
C ILE C 121 -19.93 56.04 13.27
N GLY C 122 -19.24 55.85 12.15
CA GLY C 122 -19.12 56.94 11.19
C GLY C 122 -20.42 57.63 10.79
N ILE C 123 -20.35 58.92 10.49
CA ILE C 123 -21.53 59.65 10.07
C ILE C 123 -21.88 59.11 8.70
N ARG C 124 -20.88 59.01 7.83
CA ARG C 124 -21.10 58.50 6.50
C ARG C 124 -21.48 57.02 6.54
N ARG C 125 -21.03 56.32 7.58
CA ARG C 125 -21.38 54.91 7.72
C ARG C 125 -22.84 54.77 8.14
N LEU C 126 -23.31 55.66 9.00
CA LEU C 126 -24.70 55.65 9.43
C LEU C 126 -25.60 56.11 8.29
N GLU C 127 -25.05 56.89 7.37
CA GLU C 127 -25.84 57.34 6.23
C GLU C 127 -26.06 56.14 5.30
N ALA C 128 -25.14 55.18 5.38
CA ALA C 128 -25.22 53.97 4.57
C ALA C 128 -26.26 53.03 5.18
N ARG C 129 -26.11 52.75 6.47
CA ARG C 129 -27.03 51.87 7.22
C ARG C 129 -27.28 52.56 8.56
N PRO C 130 -28.22 53.51 8.58
CA PRO C 130 -28.55 54.26 9.80
C PRO C 130 -29.00 53.37 10.97
N THR C 131 -29.27 52.10 10.67
CA THR C 131 -29.70 51.14 11.67
C THR C 131 -28.55 50.38 12.31
N ALA C 132 -27.31 50.76 11.95
CA ALA C 132 -26.11 50.12 12.46
C ALA C 132 -25.99 50.10 13.98
N ASP C 133 -25.69 48.91 14.52
CA ASP C 133 -25.54 48.73 15.96
C ASP C 133 -24.08 48.65 16.41
N LEU C 134 -23.22 48.22 15.50
CA LEU C 134 -21.81 48.04 15.82
C LEU C 134 -20.91 48.87 14.93
N CYS C 135 -19.70 49.09 15.41
CA CYS C 135 -18.75 49.86 14.66
C CYS C 135 -18.06 48.86 13.72
N ILE C 136 -17.34 49.34 12.72
CA ILE C 136 -16.69 48.45 11.76
C ILE C 136 -15.76 47.43 12.38
N ASP C 137 -15.03 47.82 13.41
CA ASP C 137 -14.11 46.90 14.07
C ASP C 137 -14.81 45.75 14.77
N CYS C 138 -15.80 46.08 15.61
CA CYS C 138 -16.54 45.05 16.32
C CYS C 138 -17.32 44.18 15.34
N LYS C 139 -17.83 44.81 14.29
CA LYS C 139 -18.59 44.12 13.27
C LYS C 139 -17.69 43.10 12.60
N THR C 140 -16.51 43.54 12.21
CA THR C 140 -15.53 42.68 11.54
C THR C 140 -15.02 41.57 12.45
N LEU C 141 -14.71 41.93 13.67
CA LEU C 141 -14.20 40.99 14.63
C LEU C 141 -15.21 39.89 14.81
N ALA C 142 -16.47 40.28 14.87
CA ALA C 142 -17.56 39.32 15.03
C ALA C 142 -17.59 38.36 13.85
N GLU C 143 -17.43 38.89 12.64
CA GLU C 143 -17.44 38.05 11.46
C GLU C 143 -16.27 37.09 11.46
N ILE C 144 -15.14 37.54 12.00
CA ILE C 144 -13.97 36.68 12.04
C ILE C 144 -14.19 35.57 13.05
N ARG C 145 -14.66 35.92 14.25
CA ARG C 145 -14.94 34.94 15.29
C ARG C 145 -15.89 33.87 14.72
N GLU C 146 -16.88 34.31 13.96
CA GLU C 146 -17.85 33.44 13.33
C GLU C 146 -17.19 32.32 12.54
N LYS C 147 -16.38 32.68 11.56
CA LYS C 147 -15.69 31.70 10.72
C LYS C 147 -14.84 30.73 11.51
N GLN C 148 -14.33 31.16 12.66
CA GLN C 148 -13.50 30.31 13.50
C GLN C 148 -14.29 29.48 14.52
N MET C 149 -15.29 30.08 15.15
CA MET C 149 -16.12 29.37 16.12
C MET C 149 -17.02 28.40 15.38
N ALA C 150 -17.22 28.66 14.10
CA ALA C 150 -18.05 27.81 13.24
C ALA C 150 -17.22 26.67 12.68
N GLY C 151 -16.42 26.97 11.66
CA GLY C 151 -15.56 25.98 11.05
C GLY C 151 -14.65 25.38 12.11
N ARG D 7 -35.34 30.52 -36.26
CA ARG D 7 -36.77 30.76 -36.59
C ARG D 7 -36.96 30.82 -38.11
N LYS D 8 -37.81 29.93 -38.63
CA LYS D 8 -38.10 29.85 -40.07
C LYS D 8 -38.76 31.11 -40.65
N THR D 9 -37.98 32.18 -40.79
CA THR D 9 -38.47 33.45 -41.34
C THR D 9 -37.61 33.82 -42.55
N SER D 10 -38.25 34.40 -43.58
CA SER D 10 -37.51 34.81 -44.77
C SER D 10 -36.41 35.79 -44.31
N SER D 11 -36.83 36.76 -43.47
CA SER D 11 -35.92 37.75 -42.89
C SER D 11 -35.27 37.09 -41.68
N LEU D 12 -33.94 36.93 -41.74
CA LEU D 12 -33.16 36.31 -40.68
C LEU D 12 -33.87 36.16 -39.33
N SER D 13 -33.84 34.95 -38.82
CA SER D 13 -34.45 34.67 -37.54
C SER D 13 -33.87 35.63 -36.50
N ILE D 14 -32.85 36.38 -36.90
CA ILE D 14 -32.20 37.35 -36.00
C ILE D 14 -33.15 38.51 -35.69
N LEU D 15 -33.84 39.00 -36.72
CA LEU D 15 -34.80 40.08 -36.52
C LEU D 15 -35.95 39.44 -35.75
N ALA D 16 -36.11 38.12 -35.94
CA ALA D 16 -37.15 37.35 -35.28
C ALA D 16 -36.76 37.17 -33.80
N ILE D 17 -35.49 36.82 -33.57
CA ILE D 17 -34.95 36.62 -32.24
C ILE D 17 -35.28 37.86 -31.40
N ALA D 18 -35.07 39.03 -31.99
CA ALA D 18 -35.39 40.28 -31.33
C ALA D 18 -36.85 40.51 -31.71
N GLY D 19 -37.56 41.34 -30.98
CA GLY D 19 -38.95 41.58 -31.32
C GLY D 19 -39.01 42.65 -32.38
N VAL D 20 -37.96 42.70 -33.21
CA VAL D 20 -37.81 43.70 -34.27
C VAL D 20 -38.37 43.35 -35.64
N GLU D 21 -38.88 44.39 -36.30
CA GLU D 21 -39.42 44.29 -37.64
C GLU D 21 -38.44 45.06 -38.52
N PRO D 22 -38.25 44.64 -39.78
CA PRO D 22 -37.32 45.33 -40.68
C PRO D 22 -37.50 46.84 -40.60
N TYR D 23 -36.41 47.60 -40.47
CA TYR D 23 -36.47 49.04 -40.34
C TYR D 23 -37.16 49.80 -41.47
N GLN D 24 -38.06 50.70 -41.10
CA GLN D 24 -38.78 51.50 -42.08
C GLN D 24 -38.05 52.83 -42.31
N GLU D 25 -37.10 52.79 -43.24
CA GLU D 25 -36.30 53.94 -43.59
C GLU D 25 -37.12 55.07 -44.21
N LYS D 26 -37.07 56.25 -43.57
CA LYS D 26 -37.80 57.40 -44.08
C LYS D 26 -36.98 58.10 -45.16
N PRO D 27 -37.64 58.93 -45.99
CA PRO D 27 -37.01 59.66 -47.11
C PRO D 27 -35.60 60.24 -46.90
N GLY D 28 -35.51 61.32 -46.13
CA GLY D 28 -34.23 61.95 -45.92
C GLY D 28 -33.44 61.65 -44.66
N GLU D 29 -33.65 60.48 -44.05
CA GLU D 29 -32.89 60.17 -42.84
C GLU D 29 -31.42 59.91 -43.19
N GLU D 30 -30.47 60.40 -42.40
CA GLU D 30 -29.04 60.13 -42.65
C GLU D 30 -28.87 58.62 -42.44
N TYR D 31 -27.78 58.03 -42.93
CA TYR D 31 -27.59 56.58 -42.78
C TYR D 31 -27.70 56.06 -41.34
N MET D 32 -26.58 55.71 -40.70
CA MET D 32 -26.66 55.20 -39.34
C MET D 32 -26.92 56.34 -38.38
N ASN D 33 -28.10 56.93 -38.57
CA ASN D 33 -28.58 58.04 -37.77
C ASN D 33 -29.08 57.47 -36.45
N GLU D 34 -29.43 58.36 -35.53
CA GLU D 34 -29.93 57.97 -34.21
C GLU D 34 -31.00 56.88 -34.24
N ALA D 35 -31.99 57.06 -35.10
CA ALA D 35 -33.10 56.12 -35.23
C ALA D 35 -32.64 54.75 -35.73
N GLN D 36 -31.67 54.77 -36.62
CA GLN D 36 -31.16 53.54 -37.18
C GLN D 36 -30.29 52.76 -36.21
N LEU D 37 -29.36 53.43 -35.55
CA LEU D 37 -28.50 52.72 -34.60
C LEU D 37 -29.25 52.31 -33.35
N ALA D 38 -30.34 53.00 -33.04
CA ALA D 38 -31.16 52.65 -31.89
C ALA D 38 -31.83 51.34 -32.23
N HIS D 39 -32.13 51.19 -33.52
CA HIS D 39 -32.77 50.00 -34.08
C HIS D 39 -31.83 48.81 -33.98
N PHE D 40 -30.59 48.99 -34.41
CA PHE D 40 -29.62 47.91 -34.37
C PHE D 40 -29.11 47.63 -32.97
N ARG D 41 -29.14 48.63 -32.10
CA ARG D 41 -28.72 48.42 -30.72
C ARG D 41 -29.73 47.48 -30.05
N ARG D 42 -31.00 47.70 -30.35
CA ARG D 42 -32.09 46.91 -29.82
C ARG D 42 -31.93 45.47 -30.28
N ILE D 43 -31.67 45.29 -31.56
CA ILE D 43 -31.49 43.95 -32.15
C ILE D 43 -30.32 43.19 -31.51
N LEU D 44 -29.18 43.87 -31.38
CA LEU D 44 -28.01 43.26 -30.79
C LEU D 44 -28.23 42.88 -29.32
N GLU D 45 -28.88 43.77 -28.58
CA GLU D 45 -29.17 43.51 -27.19
C GLU D 45 -30.11 42.33 -27.04
N ALA D 46 -31.16 42.28 -27.86
CA ALA D 46 -32.13 41.21 -27.80
C ALA D 46 -31.47 39.88 -28.14
N TRP D 47 -30.61 39.92 -29.16
CA TRP D 47 -29.91 38.73 -29.61
C TRP D 47 -28.99 38.24 -28.51
N ARG D 48 -28.27 39.17 -27.89
CA ARG D 48 -27.35 38.82 -26.81
C ARG D 48 -28.09 38.21 -25.63
N ASN D 49 -29.19 38.83 -25.23
CA ASN D 49 -29.97 38.34 -24.11
C ASN D 49 -30.52 36.95 -24.38
N GLN D 50 -30.85 36.68 -25.63
CA GLN D 50 -31.39 35.38 -25.97
C GLN D 50 -30.30 34.35 -25.83
N LEU D 51 -29.12 34.67 -26.36
CA LEU D 51 -27.98 33.75 -26.31
C LEU D 51 -27.60 33.43 -24.87
N ARG D 52 -27.63 34.44 -24.01
CA ARG D 52 -27.29 34.25 -22.60
C ARG D 52 -28.26 33.29 -21.93
N ASP D 53 -29.54 33.39 -22.28
CA ASP D 53 -30.53 32.51 -21.69
C ASP D 53 -30.32 31.09 -22.16
N GLU D 54 -29.83 30.94 -23.39
CA GLU D 54 -29.56 29.61 -23.92
C GLU D 54 -28.38 28.97 -23.24
N VAL D 55 -27.36 29.78 -22.96
CA VAL D 55 -26.19 29.25 -22.30
C VAL D 55 -26.55 28.81 -20.87
N ASP D 56 -27.43 29.56 -20.21
CA ASP D 56 -27.86 29.24 -18.86
C ASP D 56 -28.65 27.95 -18.85
N ARG D 57 -29.57 27.81 -19.78
CA ARG D 57 -30.37 26.59 -19.86
C ARG D 57 -29.45 25.41 -20.13
N THR D 58 -28.45 25.63 -20.97
CA THR D 58 -27.49 24.58 -21.31
C THR D 58 -26.74 24.14 -20.08
N VAL D 59 -26.17 25.10 -19.37
CA VAL D 59 -25.43 24.79 -18.16
C VAL D 59 -26.30 24.06 -17.14
N THR D 60 -27.55 24.49 -17.03
CA THR D 60 -28.48 23.85 -16.10
C THR D 60 -28.74 22.41 -16.52
N HIS D 61 -28.90 22.19 -17.82
CA HIS D 61 -29.14 20.85 -18.29
C HIS D 61 -27.94 19.99 -18.03
N MET D 62 -26.78 20.54 -18.32
CA MET D 62 -25.52 19.84 -18.11
C MET D 62 -25.36 19.42 -16.65
N GLN D 63 -25.82 20.26 -15.73
CA GLN D 63 -25.71 19.94 -14.31
C GLN D 63 -26.71 18.88 -13.92
N ASP D 64 -27.84 18.85 -14.60
CA ASP D 64 -28.85 17.84 -14.32
C ASP D 64 -28.33 16.51 -14.80
N GLU D 65 -27.61 16.55 -15.90
CA GLU D 65 -27.04 15.34 -16.47
C GLU D 65 -25.96 14.78 -15.54
N ALA D 66 -25.17 15.66 -14.93
CA ALA D 66 -24.12 15.25 -14.00
C ALA D 66 -24.73 14.62 -12.75
N ALA D 67 -25.97 15.00 -12.45
CA ALA D 67 -26.67 14.50 -11.28
C ALA D 67 -27.45 13.23 -11.57
N ASN D 68 -28.09 13.17 -12.73
CA ASN D 68 -28.85 11.98 -13.06
C ASN D 68 -27.96 10.94 -13.69
N PHE D 69 -27.90 9.82 -13.00
CA PHE D 69 -27.11 8.71 -13.47
C PHE D 69 -27.89 7.89 -14.47
N PRO D 70 -27.38 7.79 -15.69
CA PRO D 70 -28.02 7.02 -16.76
C PRO D 70 -27.83 5.53 -16.57
N ASP D 71 -28.62 4.75 -17.29
CA ASP D 71 -28.53 3.30 -17.23
C ASP D 71 -27.31 2.94 -18.04
N PRO D 72 -26.56 1.90 -17.62
CA PRO D 72 -25.36 1.49 -18.35
C PRO D 72 -25.49 1.57 -19.88
N VAL D 73 -26.68 1.24 -20.38
CA VAL D 73 -26.98 1.26 -21.80
C VAL D 73 -26.94 2.65 -22.45
N ASP D 74 -27.46 3.64 -21.72
CA ASP D 74 -27.53 5.01 -22.22
C ASP D 74 -26.40 5.91 -21.77
N ARG D 75 -25.33 5.33 -21.25
CA ARG D 75 -24.22 6.14 -20.81
C ARG D 75 -23.53 6.78 -22.01
N ALA D 76 -23.44 6.05 -23.12
CA ALA D 76 -22.80 6.56 -24.34
C ALA D 76 -23.63 7.64 -25.03
N ALA D 77 -24.94 7.56 -24.87
CA ALA D 77 -25.84 8.54 -25.47
C ALA D 77 -25.85 9.85 -24.68
N GLN D 78 -25.70 9.76 -23.36
CA GLN D 78 -25.67 10.94 -22.52
C GLN D 78 -24.37 11.69 -22.72
N GLU D 79 -23.27 10.95 -22.77
CA GLU D 79 -21.95 11.55 -22.99
C GLU D 79 -21.89 12.25 -24.35
N GLU D 80 -22.47 11.61 -25.36
CA GLU D 80 -22.49 12.15 -26.72
C GLU D 80 -23.24 13.47 -26.77
N GLU D 81 -24.43 13.50 -26.15
CA GLU D 81 -25.24 14.71 -26.11
C GLU D 81 -24.65 15.78 -25.20
N PHE D 82 -23.92 15.34 -24.18
CA PHE D 82 -23.29 16.28 -23.26
C PHE D 82 -22.17 17.03 -23.95
N SER D 83 -21.42 16.33 -24.77
CA SER D 83 -20.31 16.95 -25.50
C SER D 83 -20.86 17.97 -26.50
N LEU D 84 -21.97 17.63 -27.15
CA LEU D 84 -22.59 18.53 -28.13
C LEU D 84 -23.00 19.81 -27.42
N GLU D 85 -23.64 19.67 -26.27
CA GLU D 85 -24.08 20.81 -25.50
C GLU D 85 -22.89 21.70 -25.19
N LEU D 86 -21.85 21.07 -24.67
CA LEU D 86 -20.62 21.76 -24.31
C LEU D 86 -20.02 22.53 -25.48
N ARG D 87 -19.81 21.85 -26.60
CA ARG D 87 -19.25 22.48 -27.79
C ARG D 87 -20.13 23.65 -28.22
N ASN D 88 -21.42 23.39 -28.37
CA ASN D 88 -22.36 24.43 -28.76
C ASN D 88 -22.30 25.60 -27.80
N ARG D 89 -22.42 25.30 -26.51
CA ARG D 89 -22.40 26.32 -25.46
C ARG D 89 -21.22 27.26 -25.63
N ASP D 90 -20.04 26.70 -25.85
CA ASP D 90 -18.84 27.53 -26.00
C ASP D 90 -18.87 28.40 -27.25
N ARG D 91 -19.60 27.96 -28.28
CA ARG D 91 -19.72 28.74 -29.50
C ARG D 91 -20.60 29.97 -29.24
N GLU D 92 -21.70 29.77 -28.51
CA GLU D 92 -22.60 30.85 -28.19
C GLU D 92 -21.89 31.92 -27.37
N ARG D 93 -21.02 31.49 -26.49
CA ARG D 93 -20.30 32.43 -25.65
C ARG D 93 -19.45 33.34 -26.53
N LYS D 94 -18.93 32.77 -27.60
CA LYS D 94 -18.09 33.52 -28.54
C LYS D 94 -18.95 34.51 -29.32
N LEU D 95 -20.14 34.05 -29.71
CA LEU D 95 -21.07 34.88 -30.44
C LEU D 95 -21.47 36.07 -29.57
N ILE D 96 -21.76 35.80 -28.30
CA ILE D 96 -22.15 36.85 -27.37
C ILE D 96 -21.05 37.88 -27.23
N LYS D 97 -19.81 37.42 -27.20
CA LYS D 97 -18.68 38.35 -27.07
C LYS D 97 -18.53 39.18 -28.32
N LYS D 98 -18.90 38.60 -29.45
CA LYS D 98 -18.85 39.31 -30.72
C LYS D 98 -19.92 40.41 -30.74
N ILE D 99 -21.12 40.06 -30.27
CA ILE D 99 -22.22 41.00 -30.22
C ILE D 99 -21.83 42.15 -29.30
N GLU D 100 -21.25 41.83 -28.15
CA GLU D 100 -20.82 42.85 -27.20
C GLU D 100 -19.85 43.80 -27.87
N LYS D 101 -18.96 43.23 -28.69
CA LYS D 101 -17.98 44.04 -29.42
C LYS D 101 -18.71 44.95 -30.40
N THR D 102 -19.73 44.41 -31.06
CA THR D 102 -20.50 45.17 -32.02
C THR D 102 -21.30 46.24 -31.33
N LEU D 103 -21.77 45.97 -30.10
CA LEU D 103 -22.55 46.96 -29.36
C LEU D 103 -21.70 48.16 -28.99
N LYS D 104 -20.39 47.96 -28.91
CA LYS D 104 -19.51 49.05 -28.58
C LYS D 104 -19.23 49.89 -29.82
N LYS D 105 -19.35 49.25 -30.99
CA LYS D 105 -19.15 49.95 -32.27
C LYS D 105 -20.33 50.90 -32.40
N VAL D 106 -21.49 50.45 -31.93
CA VAL D 106 -22.72 51.24 -31.96
C VAL D 106 -22.56 52.42 -31.03
N GLU D 107 -22.15 52.12 -29.80
CA GLU D 107 -21.94 53.14 -28.78
C GLU D 107 -20.91 54.15 -29.28
N ASP D 108 -19.88 53.65 -29.96
CA ASP D 108 -18.81 54.49 -30.50
C ASP D 108 -19.21 55.17 -31.82
N GLU D 109 -20.40 54.85 -32.32
CA GLU D 109 -20.90 55.41 -33.57
C GLU D 109 -20.01 55.05 -34.75
N ASP D 110 -19.47 53.85 -34.72
CA ASP D 110 -18.63 53.40 -35.79
C ASP D 110 -19.27 52.14 -36.32
N PHE D 111 -20.59 52.09 -36.24
CA PHE D 111 -21.34 50.91 -36.68
C PHE D 111 -22.00 51.14 -38.03
N GLY D 112 -22.06 50.08 -38.84
CA GLY D 112 -22.72 50.17 -40.13
C GLY D 112 -21.91 50.25 -41.41
N TYR D 113 -20.60 50.33 -41.31
CA TYR D 113 -19.78 50.44 -42.51
C TYR D 113 -18.77 49.29 -42.67
N CYS D 114 -18.37 49.05 -43.92
CA CYS D 114 -17.41 47.99 -44.21
C CYS D 114 -16.06 48.36 -43.62
N GLU D 115 -15.41 47.38 -42.98
CA GLU D 115 -14.12 47.62 -42.35
C GLU D 115 -12.96 47.70 -43.34
N SER D 116 -13.13 47.10 -44.52
CA SER D 116 -12.07 47.11 -45.53
C SER D 116 -12.11 48.41 -46.33
N CYS D 117 -13.25 48.67 -46.94
CA CYS D 117 -13.46 49.89 -47.70
C CYS D 117 -14.48 50.66 -46.84
N GLY D 118 -14.50 51.98 -46.89
CA GLY D 118 -15.43 52.72 -46.05
C GLY D 118 -16.92 52.56 -46.29
N VAL D 119 -17.26 51.89 -47.39
CA VAL D 119 -18.65 51.66 -47.79
C VAL D 119 -19.60 51.29 -46.68
N GLU D 120 -20.84 51.72 -46.82
CA GLU D 120 -21.87 51.40 -45.83
C GLU D 120 -22.40 50.01 -46.16
N ILE D 121 -22.68 49.24 -45.12
CA ILE D 121 -23.22 47.89 -45.30
C ILE D 121 -24.74 48.09 -45.28
N GLY D 122 -25.45 47.34 -46.12
CA GLY D 122 -26.90 47.51 -46.15
C GLY D 122 -27.62 47.49 -44.80
N ILE D 123 -28.71 48.25 -44.71
CA ILE D 123 -29.49 48.27 -43.48
C ILE D 123 -30.13 46.89 -43.38
N ARG D 124 -30.74 46.44 -44.47
CA ARG D 124 -31.37 45.13 -44.48
C ARG D 124 -30.33 44.03 -44.33
N ARG D 125 -29.12 44.30 -44.78
CA ARG D 125 -28.05 43.31 -44.66
C ARG D 125 -27.63 43.19 -43.20
N LEU D 126 -27.56 44.34 -42.51
CA LEU D 126 -27.20 44.37 -41.09
C LEU D 126 -28.32 43.76 -40.26
N GLU D 127 -29.53 43.80 -40.77
CA GLU D 127 -30.66 43.23 -40.05
C GLU D 127 -30.55 41.71 -40.11
N ALA D 128 -29.89 41.24 -41.16
CA ALA D 128 -29.67 39.81 -41.37
C ALA D 128 -28.54 39.35 -40.43
N ARG D 129 -27.39 40.01 -40.52
CA ARG D 129 -26.26 39.72 -39.65
C ARG D 129 -25.72 41.05 -39.16
N PRO D 130 -26.30 41.57 -38.06
CA PRO D 130 -25.88 42.86 -37.48
C PRO D 130 -24.41 42.91 -37.04
N THR D 131 -23.76 41.76 -37.03
CA THR D 131 -22.37 41.65 -36.63
C THR D 131 -21.43 41.76 -37.81
N ALA D 132 -21.98 42.02 -38.99
CA ALA D 132 -21.22 42.12 -40.24
C ALA D 132 -20.07 43.14 -40.20
N ASP D 133 -18.89 42.70 -40.64
CA ASP D 133 -17.70 43.53 -40.67
C ASP D 133 -17.33 44.02 -42.07
N LEU D 134 -17.75 43.27 -43.09
CA LEU D 134 -17.44 43.63 -44.46
C LEU D 134 -18.67 43.76 -45.34
N CYS D 135 -18.51 44.38 -46.49
CA CYS D 135 -19.62 44.56 -47.41
C CYS D 135 -19.58 43.34 -48.35
N ILE D 136 -20.64 43.09 -49.10
CA ILE D 136 -20.67 41.91 -49.98
C ILE D 136 -19.52 41.87 -50.98
N ASP D 137 -19.16 43.03 -51.53
CA ASP D 137 -18.07 43.09 -52.50
C ASP D 137 -16.71 42.71 -51.90
N CYS D 138 -16.34 43.31 -50.77
CA CYS D 138 -15.07 42.99 -50.14
C CYS D 138 -15.10 41.55 -49.64
N LYS D 139 -16.27 41.13 -49.15
CA LYS D 139 -16.41 39.78 -48.67
C LYS D 139 -16.15 38.79 -49.80
N THR D 140 -16.78 39.05 -50.94
CA THR D 140 -16.65 38.21 -52.12
C THR D 140 -15.22 38.23 -52.70
N LEU D 141 -14.66 39.43 -52.80
CA LEU D 141 -13.33 39.59 -53.32
C LEU D 141 -12.37 38.77 -52.47
N ALA D 142 -12.58 38.81 -51.17
CA ALA D 142 -11.75 38.07 -50.23
C ALA D 142 -11.84 36.59 -50.50
N GLU D 143 -13.05 36.11 -50.75
CA GLU D 143 -13.25 34.69 -51.03
C GLU D 143 -12.56 34.31 -52.34
N ILE D 144 -12.56 35.22 -53.31
CA ILE D 144 -11.94 34.93 -54.59
C ILE D 144 -10.44 34.88 -54.41
N ARG D 145 -9.87 35.88 -53.74
CA ARG D 145 -8.43 35.91 -53.50
C ARG D 145 -8.02 34.59 -52.84
N GLU D 146 -8.83 34.15 -51.88
CA GLU D 146 -8.60 32.91 -51.13
C GLU D 146 -8.30 31.76 -52.08
N LYS D 147 -9.27 31.45 -52.94
CA LYS D 147 -9.13 30.35 -53.88
C LYS D 147 -7.88 30.45 -54.75
N GLN D 148 -7.45 31.69 -55.05
CA GLN D 148 -6.27 31.92 -55.90
C GLN D 148 -4.95 31.94 -55.13
N MET D 149 -4.92 32.57 -53.96
CA MET D 149 -3.72 32.63 -53.14
C MET D 149 -3.48 31.25 -52.50
N ALA D 150 -4.56 30.47 -52.42
CA ALA D 150 -4.50 29.12 -51.85
C ALA D 150 -4.07 28.12 -52.92
N GLY D 151 -5.01 27.74 -53.79
CA GLY D 151 -4.70 26.80 -54.87
C GLY D 151 -3.69 27.31 -55.87
N ARG E 7 0.51 18.93 27.78
CA ARG E 7 -0.81 18.59 27.17
C ARG E 7 -0.92 19.17 25.76
N LYS E 8 -1.12 18.29 24.78
CA LYS E 8 -1.23 18.68 23.38
C LYS E 8 -2.43 19.58 23.06
N THR E 9 -2.36 20.83 23.50
CA THR E 9 -3.42 21.80 23.27
C THR E 9 -2.85 23.00 22.52
N SER E 10 -3.63 23.57 21.60
CA SER E 10 -3.17 24.74 20.84
C SER E 10 -2.82 25.83 21.86
N SER E 11 -3.75 26.03 22.81
CA SER E 11 -3.56 27.01 23.89
C SER E 11 -2.73 26.32 24.97
N LEU E 12 -1.53 26.84 25.20
CA LEU E 12 -0.59 26.31 26.19
C LEU E 12 -1.18 25.30 27.16
N SER E 13 -0.50 24.16 27.27
CA SER E 13 -0.94 23.12 28.19
C SER E 13 -1.04 23.71 29.59
N ILE E 14 -0.57 24.95 29.75
CA ILE E 14 -0.60 25.63 31.04
C ILE E 14 -2.05 25.96 31.42
N LEU E 15 -2.84 26.44 30.48
CA LEU E 15 -4.24 26.72 30.75
C LEU E 15 -4.90 25.36 30.92
N ALA E 16 -4.29 24.36 30.30
CA ALA E 16 -4.79 22.99 30.37
C ALA E 16 -4.44 22.43 31.76
N ILE E 17 -3.21 22.67 32.20
CA ILE E 17 -2.72 22.24 33.50
C ILE E 17 -3.71 22.68 34.56
N ALA E 18 -4.13 23.93 34.46
CA ALA E 18 -5.13 24.47 35.37
C ALA E 18 -6.44 24.10 34.70
N GLY E 19 -7.54 24.09 35.45
CA GLY E 19 -8.81 23.76 34.83
C GLY E 19 -9.38 25.03 34.17
N VAL E 20 -8.48 25.91 33.74
CA VAL E 20 -8.84 27.18 33.13
C VAL E 20 -9.04 27.21 31.62
N GLU E 21 -10.00 28.03 31.21
CA GLU E 21 -10.31 28.26 29.81
C GLU E 21 -9.87 29.69 29.51
N PRO E 22 -9.40 29.97 28.29
CA PRO E 22 -8.97 31.32 27.96
C PRO E 22 -9.96 32.40 28.43
N TYR E 23 -9.50 33.46 29.12
CA TYR E 23 -10.38 34.55 29.59
C TYR E 23 -10.98 35.31 28.42
N GLN E 24 -12.28 35.55 28.51
CA GLN E 24 -13.01 36.28 27.47
C GLN E 24 -13.04 37.77 27.79
N GLU E 25 -11.99 38.48 27.35
CA GLU E 25 -11.86 39.91 27.58
C GLU E 25 -12.94 40.72 26.87
N LYS E 26 -13.69 41.50 27.64
CA LYS E 26 -14.75 42.33 27.09
C LYS E 26 -14.13 43.63 26.57
N PRO E 27 -14.83 44.33 25.66
CA PRO E 27 -14.40 45.58 25.04
C PRO E 27 -13.65 46.59 25.91
N GLY E 28 -14.36 47.26 26.81
CA GLY E 28 -13.70 48.25 27.65
C GLY E 28 -13.29 47.88 29.07
N GLU E 29 -13.05 46.59 29.34
CA GLU E 29 -12.65 46.20 30.68
C GLU E 29 -11.30 46.83 31.00
N GLU E 30 -11.25 47.55 32.12
CA GLU E 30 -10.00 48.17 32.55
C GLU E 30 -9.09 46.96 32.74
N TYR E 31 -7.78 47.18 32.73
CA TYR E 31 -6.87 46.05 32.87
C TYR E 31 -7.10 45.17 34.09
N MET E 32 -6.33 45.32 35.15
CA MET E 32 -6.55 44.43 36.30
C MET E 32 -7.63 44.74 37.37
N ASN E 33 -8.73 43.98 37.40
CA ASN E 33 -9.75 44.13 38.45
C ASN E 33 -9.84 42.85 39.28
N GLU E 34 -10.61 42.88 40.36
CA GLU E 34 -10.75 41.72 41.25
C GLU E 34 -11.02 40.40 40.53
N ALA E 35 -11.94 40.42 39.57
CA ALA E 35 -12.28 39.22 38.82
C ALA E 35 -11.12 38.72 37.95
N GLN E 36 -10.37 39.66 37.39
CA GLN E 36 -9.25 39.31 36.54
C GLN E 36 -8.07 38.74 37.33
N LEU E 37 -7.69 39.39 38.43
CA LEU E 37 -6.58 38.89 39.23
C LEU E 37 -6.94 37.61 39.97
N ALA E 38 -8.22 37.40 40.23
CA ALA E 38 -8.66 36.18 40.90
C ALA E 38 -8.43 35.05 39.91
N HIS E 39 -8.62 35.40 38.63
CA HIS E 39 -8.45 34.50 37.49
C HIS E 39 -6.99 34.08 37.38
N PHE E 40 -6.10 35.06 37.38
CA PHE E 40 -4.67 34.77 37.25
C PHE E 40 -4.07 34.16 38.51
N ARG E 41 -4.67 34.45 39.67
CA ARG E 41 -4.17 33.89 40.92
C ARG E 41 -4.42 32.38 40.86
N ARG E 42 -5.61 32.01 40.37
CA ARG E 42 -6.00 30.61 40.24
C ARG E 42 -5.05 29.89 39.30
N ILE E 43 -4.77 30.50 38.15
CA ILE E 43 -3.87 29.90 37.17
C ILE E 43 -2.47 29.68 37.75
N LEU E 44 -1.94 30.69 38.43
CA LEU E 44 -0.61 30.59 39.01
C LEU E 44 -0.53 29.54 40.08
N GLU E 45 -1.57 29.46 40.90
CA GLU E 45 -1.63 28.48 41.97
C GLU E 45 -1.71 27.06 41.41
N ALA E 46 -2.55 26.87 40.40
CA ALA E 46 -2.71 25.57 39.77
C ALA E 46 -1.41 25.13 39.11
N TRP E 47 -0.77 26.07 38.44
CA TRP E 47 0.48 25.79 37.76
C TRP E 47 1.56 25.41 38.78
N ARG E 48 1.63 26.16 39.87
CA ARG E 48 2.59 25.90 40.94
C ARG E 48 2.38 24.52 41.56
N ASN E 49 1.12 24.21 41.85
CA ASN E 49 0.77 22.92 42.46
C ASN E 49 1.12 21.76 41.53
N GLN E 50 0.99 21.99 40.23
CA GLN E 50 1.31 20.95 39.28
C GLN E 50 2.81 20.71 39.26
N LEU E 51 3.58 21.79 39.23
CA LEU E 51 5.04 21.69 39.21
C LEU E 51 5.55 20.99 40.46
N ARG E 52 4.96 21.32 41.61
CA ARG E 52 5.36 20.72 42.88
C ARG E 52 5.16 19.20 42.83
N ASP E 53 4.05 18.77 42.22
CA ASP E 53 3.74 17.33 42.11
C ASP E 53 4.77 16.65 41.22
N GLU E 54 5.21 17.35 40.18
CA GLU E 54 6.19 16.82 39.24
C GLU E 54 7.54 16.66 39.91
N VAL E 55 7.93 17.63 40.74
CA VAL E 55 9.20 17.57 41.45
C VAL E 55 9.19 16.41 42.43
N ASP E 56 8.05 16.17 43.07
CA ASP E 56 7.90 15.08 44.02
C ASP E 56 8.02 13.73 43.32
N ARG E 57 7.31 13.58 42.20
CA ARG E 57 7.36 12.35 41.44
C ARG E 57 8.79 12.11 40.98
N THR E 58 9.46 13.19 40.59
CA THR E 58 10.85 13.10 40.12
C THR E 58 11.75 12.59 41.23
N VAL E 59 11.68 13.24 42.39
CA VAL E 59 12.50 12.85 43.52
C VAL E 59 12.23 11.39 43.89
N THR E 60 10.96 10.99 43.83
CA THR E 60 10.61 9.62 44.17
C THR E 60 11.20 8.63 43.17
N HIS E 61 11.17 9.01 41.89
CA HIS E 61 11.72 8.17 40.84
C HIS E 61 13.23 8.06 41.06
N MET E 62 13.85 9.18 41.34
CA MET E 62 15.29 9.23 41.57
C MET E 62 15.71 8.34 42.73
N GLN E 63 14.87 8.27 43.77
CA GLN E 63 15.19 7.43 44.92
C GLN E 63 14.99 5.96 44.60
N ASP E 64 14.04 5.67 43.71
CA ASP E 64 13.79 4.29 43.30
C ASP E 64 14.99 3.84 42.47
N GLU E 65 15.56 4.76 41.70
CA GLU E 65 16.72 4.49 40.86
C GLU E 65 17.95 4.21 41.75
N ALA E 66 18.08 4.96 42.82
CA ALA E 66 19.19 4.77 43.76
C ALA E 66 19.07 3.42 44.46
N ALA E 67 17.85 2.90 44.55
CA ALA E 67 17.59 1.61 45.20
C ALA E 67 17.73 0.43 44.25
N ASN E 68 17.21 0.56 43.02
CA ASN E 68 17.30 -0.52 42.02
C ASN E 68 18.67 -0.39 41.28
N PHE E 69 19.52 -1.40 41.35
CA PHE E 69 20.88 -1.41 40.79
C PHE E 69 21.08 -1.98 39.38
N PRO E 70 21.69 -1.20 38.48
CA PRO E 70 21.95 -1.62 37.10
C PRO E 70 23.08 -2.64 36.97
N ASP E 71 23.11 -3.34 35.83
CA ASP E 71 24.15 -4.33 35.57
C ASP E 71 25.40 -3.51 35.26
N PRO E 72 26.59 -4.00 35.67
CA PRO E 72 27.84 -3.28 35.40
C PRO E 72 27.90 -2.64 34.00
N VAL E 73 27.32 -3.32 33.01
CA VAL E 73 27.30 -2.85 31.62
C VAL E 73 26.45 -1.60 31.41
N ASP E 74 25.30 -1.54 32.08
CA ASP E 74 24.39 -0.40 31.96
C ASP E 74 24.53 0.68 33.03
N ARG E 75 25.63 0.66 33.78
CA ARG E 75 25.84 1.66 34.80
C ARG E 75 25.99 3.00 34.07
N ALA E 76 26.36 2.94 32.79
CA ALA E 76 26.56 4.15 32.02
C ALA E 76 25.27 4.81 31.55
N ALA E 77 24.26 4.01 31.23
CA ALA E 77 22.97 4.52 30.78
C ALA E 77 22.14 5.05 31.94
N GLN E 78 22.25 4.42 33.10
CA GLN E 78 21.50 4.85 34.29
C GLN E 78 22.09 6.15 34.82
N GLU E 79 23.42 6.21 34.86
CA GLU E 79 24.13 7.40 35.34
C GLU E 79 23.83 8.58 34.44
N GLU E 80 23.80 8.34 33.13
CA GLU E 80 23.52 9.38 32.15
C GLU E 80 22.12 9.96 32.35
N GLU E 81 21.13 9.07 32.49
CA GLU E 81 19.75 9.49 32.68
C GLU E 81 19.53 10.10 34.06
N PHE E 82 20.32 9.65 35.05
CA PHE E 82 20.20 10.16 36.41
C PHE E 82 20.68 11.60 36.47
N SER E 83 21.73 11.92 35.72
CA SER E 83 22.27 13.27 35.69
C SER E 83 21.27 14.20 35.03
N LEU E 84 20.62 13.72 33.96
CA LEU E 84 19.63 14.51 33.24
C LEU E 84 18.49 14.87 34.18
N GLU E 85 18.00 13.88 34.92
CA GLU E 85 16.91 14.08 35.88
C GLU E 85 17.31 15.15 36.89
N LEU E 86 18.51 14.98 37.45
CA LEU E 86 19.06 15.91 38.43
C LEU E 86 19.09 17.34 37.89
N ARG E 87 19.74 17.51 36.74
CA ARG E 87 19.85 18.84 36.12
C ARG E 87 18.46 19.43 35.89
N ASN E 88 17.60 18.67 35.23
CA ASN E 88 16.23 19.09 34.95
C ASN E 88 15.51 19.48 36.24
N ARG E 89 15.54 18.56 37.20
CA ARG E 89 14.88 18.79 38.50
C ARG E 89 15.25 20.13 39.10
N ASP E 90 16.55 20.45 39.10
CA ASP E 90 17.03 21.70 39.67
C ASP E 90 16.51 22.91 38.90
N ARG E 91 16.24 22.74 37.60
CA ARG E 91 15.73 23.83 36.78
C ARG E 91 14.29 24.13 37.18
N GLU E 92 13.51 23.07 37.36
CA GLU E 92 12.10 23.19 37.74
C GLU E 92 11.98 23.90 39.09
N ARG E 93 12.89 23.60 40.01
CA ARG E 93 12.86 24.22 41.32
C ARG E 93 13.03 25.74 41.17
N LYS E 94 13.85 26.15 40.20
CA LYS E 94 14.13 27.56 39.92
C LYS E 94 12.86 28.20 39.35
N LEU E 95 12.22 27.46 38.44
CA LEU E 95 10.99 27.92 37.80
C LEU E 95 9.92 28.14 38.86
N ILE E 96 9.80 27.18 39.77
CA ILE E 96 8.81 27.26 40.83
C ILE E 96 9.05 28.48 41.71
N LYS E 97 10.32 28.78 41.99
CA LYS E 97 10.65 29.92 42.82
C LYS E 97 10.30 31.21 42.09
N LYS E 98 10.41 31.18 40.76
CA LYS E 98 10.09 32.35 39.95
C LYS E 98 8.59 32.58 39.96
N ILE E 99 7.82 31.49 39.84
CA ILE E 99 6.37 31.56 39.87
C ILE E 99 5.92 32.13 41.22
N GLU E 100 6.53 31.64 42.28
CA GLU E 100 6.22 32.10 43.63
C GLU E 100 6.45 33.60 43.71
N LYS E 101 7.54 34.05 43.11
CA LYS E 101 7.89 35.46 43.09
C LYS E 101 6.80 36.21 42.33
N THR E 102 6.36 35.63 41.22
CA THR E 102 5.32 36.22 40.40
C THR E 102 3.98 36.26 41.14
N LEU E 103 3.72 35.23 41.95
CA LEU E 103 2.45 35.18 42.68
C LEU E 103 2.40 36.27 43.75
N LYS E 104 3.56 36.75 44.18
CA LYS E 104 3.60 37.81 45.17
C LYS E 104 3.36 39.16 44.50
N LYS E 105 3.71 39.24 43.21
CA LYS E 105 3.50 40.46 42.43
C LYS E 105 2.00 40.59 42.26
N VAL E 106 1.32 39.45 42.11
CA VAL E 106 -0.13 39.43 41.96
C VAL E 106 -0.76 39.87 43.28
N GLU E 107 -0.32 39.26 44.37
CA GLU E 107 -0.81 39.58 45.68
C GLU E 107 -0.58 41.05 45.97
N ASP E 108 0.57 41.55 45.54
CA ASP E 108 0.96 42.96 45.74
C ASP E 108 0.33 43.88 44.71
N GLU E 109 -0.39 43.29 43.76
CA GLU E 109 -1.05 44.06 42.71
C GLU E 109 -0.06 44.84 41.79
N ASP E 110 1.08 44.22 41.44
CA ASP E 110 2.09 44.78 40.51
C ASP E 110 2.26 43.73 39.39
N PHE E 111 1.16 43.03 39.12
CA PHE E 111 1.12 41.97 38.13
C PHE E 111 0.44 42.40 36.83
N GLY E 112 0.94 41.91 35.71
CA GLY E 112 0.32 42.22 34.43
C GLY E 112 0.95 43.23 33.49
N TYR E 113 2.05 43.87 33.89
CA TYR E 113 2.68 44.86 33.02
C TYR E 113 4.12 44.52 32.66
N CYS E 114 4.59 45.06 31.53
CA CYS E 114 5.98 44.83 31.08
C CYS E 114 6.93 45.48 32.07
N GLU E 115 7.99 44.76 32.43
CA GLU E 115 8.97 45.27 33.37
C GLU E 115 9.92 46.31 32.76
N SER E 116 10.08 46.28 31.44
CA SER E 116 10.96 47.24 30.75
C SER E 116 10.24 48.57 30.53
N CYS E 117 9.12 48.50 29.82
CA CYS E 117 8.28 49.64 29.50
C CYS E 117 7.04 49.39 30.36
N GLY E 118 6.35 50.44 30.81
CA GLY E 118 5.20 50.19 31.68
C GLY E 118 4.00 49.47 31.07
N VAL E 119 4.05 49.28 29.76
CA VAL E 119 2.97 48.64 29.02
C VAL E 119 2.35 47.41 29.66
N GLU E 120 1.07 47.21 29.41
CA GLU E 120 0.37 46.06 29.93
C GLU E 120 0.63 44.89 28.99
N ILE E 121 0.79 43.71 29.58
CA ILE E 121 1.03 42.50 28.82
C ILE E 121 -0.36 41.93 28.57
N GLY E 122 -0.61 41.39 27.38
CA GLY E 122 -1.92 40.84 27.11
C GLY E 122 -2.54 39.91 28.14
N ILE E 123 -3.86 39.96 28.28
CA ILE E 123 -4.55 39.07 29.22
C ILE E 123 -4.37 37.66 28.65
N ARG E 124 -4.66 37.52 27.36
CA ARG E 124 -4.52 36.22 26.74
C ARG E 124 -3.06 35.79 26.69
N ARG E 125 -2.15 36.76 26.64
CA ARG E 125 -0.72 36.44 26.63
C ARG E 125 -0.30 35.92 28.00
N LEU E 126 -0.85 36.52 29.06
CA LEU E 126 -0.54 36.10 30.42
C LEU E 126 -1.17 34.75 30.71
N GLU E 127 -2.25 34.43 30.00
CA GLU E 127 -2.93 33.15 30.17
C GLU E 127 -2.01 32.07 29.58
N ALA E 128 -1.21 32.47 28.60
CA ALA E 128 -0.27 31.58 27.92
C ALA E 128 0.93 31.35 28.83
N ARG E 129 1.56 32.43 29.27
CA ARG E 129 2.70 32.36 30.18
C ARG E 129 2.46 33.41 31.25
N PRO E 130 1.70 33.06 32.29
CA PRO E 130 1.41 33.99 33.39
C PRO E 130 2.63 34.52 34.12
N THR E 131 3.79 33.93 33.83
CA THR E 131 5.05 34.33 34.45
C THR E 131 5.81 35.37 33.61
N ALA E 132 5.19 35.84 32.54
CA ALA E 132 5.77 36.82 31.62
C ALA E 132 6.23 38.12 32.28
N ASP E 133 7.46 38.52 32.00
CA ASP E 133 8.05 39.74 32.56
C ASP E 133 8.05 40.90 31.57
N LEU E 134 8.07 40.59 30.28
CA LEU E 134 8.12 41.63 29.24
C LEU E 134 6.96 41.55 28.26
N CYS E 135 6.57 42.67 27.64
CA CYS E 135 5.51 42.70 26.62
C CYS E 135 6.15 42.00 25.41
N ILE E 136 5.37 41.62 24.40
CA ILE E 136 5.95 40.92 23.25
C ILE E 136 7.09 41.66 22.56
N ASP E 137 6.97 42.98 22.40
CA ASP E 137 8.01 43.77 21.75
C ASP E 137 9.34 43.75 22.50
N CYS E 138 9.30 44.06 23.80
CA CYS E 138 10.53 44.05 24.59
C CYS E 138 11.08 42.64 24.70
N LYS E 139 10.17 41.67 24.80
CA LYS E 139 10.58 40.29 24.90
C LYS E 139 11.35 39.90 23.64
N THR E 140 10.77 40.23 22.49
CA THR E 140 11.36 39.93 21.19
C THR E 140 12.68 40.67 20.98
N LEU E 141 12.66 41.96 21.28
CA LEU E 141 13.86 42.77 21.12
C LEU E 141 14.98 42.17 21.96
N ALA E 142 14.65 41.70 23.16
CA ALA E 142 15.63 41.10 24.04
C ALA E 142 16.23 39.87 23.38
N GLU E 143 15.37 39.05 22.77
CA GLU E 143 15.82 37.83 22.10
C GLU E 143 16.74 38.17 20.92
N ILE E 144 16.43 39.27 20.25
CA ILE E 144 17.21 39.71 19.11
C ILE E 144 18.58 40.15 19.60
N ARG E 145 18.60 41.02 20.61
CA ARG E 145 19.86 41.52 21.17
C ARG E 145 20.74 40.35 21.56
N GLU E 146 20.10 39.33 22.14
CA GLU E 146 20.77 38.12 22.59
C GLU E 146 21.62 37.51 21.48
N LYS E 147 20.97 37.13 20.37
CA LYS E 147 21.66 36.52 19.23
C LYS E 147 22.81 37.38 18.70
N GLN E 148 22.70 38.70 18.82
CA GLN E 148 23.73 39.61 18.35
C GLN E 148 24.84 39.89 19.37
N MET E 149 24.46 40.09 20.63
CA MET E 149 25.45 40.33 21.68
C MET E 149 26.19 39.03 21.99
N ALA E 150 25.56 37.92 21.63
CA ALA E 150 26.14 36.59 21.85
C ALA E 150 27.07 36.24 20.69
N GLY E 151 26.47 35.85 19.57
CA GLY E 151 27.25 35.50 18.39
C GLY E 151 28.03 36.66 17.82
N ARG F 7 12.39 -30.68 -11.10
CA ARG F 7 11.66 -31.71 -10.30
C ARG F 7 10.63 -31.04 -9.39
N LYS F 8 9.36 -31.41 -9.57
CA LYS F 8 8.26 -30.86 -8.78
C LYS F 8 8.31 -31.17 -7.30
N THR F 9 9.24 -30.52 -6.60
CA THR F 9 9.42 -30.71 -5.16
C THR F 9 9.27 -29.34 -4.47
N SER F 10 8.67 -29.33 -3.27
CA SER F 10 8.50 -28.08 -2.52
C SER F 10 9.89 -27.48 -2.30
N SER F 11 10.81 -28.34 -1.87
CA SER F 11 12.20 -27.96 -1.64
C SER F 11 12.91 -28.05 -2.99
N LEU F 12 13.40 -26.90 -3.47
CA LEU F 12 14.09 -26.81 -4.75
C LEU F 12 14.52 -28.13 -5.38
N SER F 13 14.15 -28.30 -6.64
CA SER F 13 14.50 -29.51 -7.37
C SER F 13 16.01 -29.66 -7.32
N ILE F 14 16.69 -28.62 -6.82
CA ILE F 14 18.14 -28.60 -6.70
C ILE F 14 18.58 -29.65 -5.70
N LEU F 15 17.92 -29.68 -4.54
CA LEU F 15 18.24 -30.67 -3.53
C LEU F 15 17.81 -32.01 -4.10
N ALA F 16 16.82 -31.95 -5.00
CA ALA F 16 16.30 -33.13 -5.66
C ALA F 16 17.33 -33.60 -6.69
N ILE F 17 17.86 -32.64 -7.46
CA ILE F 17 18.86 -32.92 -8.48
C ILE F 17 19.98 -33.73 -7.85
N ALA F 18 20.42 -33.30 -6.67
CA ALA F 18 21.45 -34.02 -5.93
C ALA F 18 20.65 -35.03 -5.13
N GLY F 19 21.30 -36.08 -4.64
CA GLY F 19 20.55 -37.05 -3.86
C GLY F 19 20.48 -36.57 -2.42
N VAL F 20 20.48 -35.25 -2.26
CA VAL F 20 20.46 -34.61 -0.96
C VAL F 20 19.12 -34.28 -0.32
N GLU F 21 19.07 -34.43 1.00
CA GLU F 21 17.89 -34.14 1.80
C GLU F 21 18.25 -32.89 2.56
N PRO F 22 17.25 -32.03 2.83
CA PRO F 22 17.51 -30.78 3.56
C PRO F 22 18.37 -31.02 4.78
N TYR F 23 19.34 -30.12 4.96
CA TYR F 23 20.23 -30.21 6.09
C TYR F 23 19.49 -30.07 7.43
N GLN F 24 19.75 -31.01 8.33
CA GLN F 24 19.14 -31.00 9.66
C GLN F 24 20.04 -30.25 10.63
N GLU F 25 19.88 -28.94 10.67
CA GLU F 25 20.67 -28.08 11.53
C GLU F 25 20.42 -28.35 13.01
N LYS F 26 21.48 -28.68 13.73
CA LYS F 26 21.38 -28.94 15.16
C LYS F 26 21.42 -27.62 15.94
N PRO F 27 20.92 -27.63 17.19
CA PRO F 27 20.87 -26.44 18.07
C PRO F 27 22.02 -25.45 18.02
N GLY F 28 23.17 -25.83 18.58
CA GLY F 28 24.30 -24.92 18.62
C GLY F 28 25.40 -25.08 17.58
N GLU F 29 25.10 -25.65 16.41
CA GLU F 29 26.13 -25.80 15.39
C GLU F 29 26.54 -24.42 14.92
N GLU F 30 27.84 -24.16 14.87
CA GLU F 30 28.28 -22.86 14.37
C GLU F 30 27.78 -22.86 12.92
N TYR F 31 27.69 -21.70 12.29
CA TYR F 31 27.19 -21.64 10.92
C TYR F 31 27.90 -22.57 9.92
N MET F 32 28.76 -22.04 9.06
CA MET F 32 29.42 -22.91 8.07
C MET F 32 30.60 -23.78 8.53
N ASN F 33 30.34 -25.05 8.77
CA ASN F 33 31.39 -25.99 9.19
C ASN F 33 31.65 -27.00 8.07
N GLU F 34 32.65 -27.84 8.26
CA GLU F 34 33.03 -28.85 7.28
C GLU F 34 31.85 -29.65 6.76
N ALA F 35 31.00 -30.12 7.67
CA ALA F 35 29.83 -30.92 7.29
C ALA F 35 28.82 -30.14 6.45
N GLN F 36 28.66 -28.87 6.79
CA GLN F 36 27.73 -28.03 6.07
C GLN F 36 28.22 -27.66 4.69
N LEU F 37 29.48 -27.24 4.57
CA LEU F 37 30.00 -26.88 3.25
C LEU F 37 30.19 -28.11 2.34
N ALA F 38 30.37 -29.28 2.93
CA ALA F 38 30.50 -30.50 2.13
C ALA F 38 29.16 -30.76 1.52
N HIS F 39 28.13 -30.38 2.27
CA HIS F 39 26.73 -30.54 1.89
C HIS F 39 26.43 -29.64 0.69
N PHE F 40 26.81 -28.37 0.81
CA PHE F 40 26.56 -27.45 -0.27
C PHE F 40 27.46 -27.67 -1.48
N ARG F 41 28.65 -28.22 -1.25
CA ARG F 41 29.56 -28.48 -2.34
C ARG F 41 28.94 -29.55 -3.21
N ARG F 42 28.36 -30.56 -2.56
CA ARG F 42 27.71 -31.66 -3.24
C ARG F 42 26.54 -31.12 -4.06
N ILE F 43 25.73 -30.27 -3.46
CA ILE F 43 24.57 -29.71 -4.14
C ILE F 43 25.00 -28.93 -5.38
N LEU F 44 26.00 -28.07 -5.23
CA LEU F 44 26.48 -27.26 -6.34
C LEU F 44 27.05 -28.12 -7.46
N GLU F 45 27.81 -29.13 -7.09
CA GLU F 45 28.41 -30.03 -8.06
C GLU F 45 27.34 -30.82 -8.82
N ALA F 46 26.34 -31.33 -8.11
CA ALA F 46 25.23 -32.09 -8.72
C ALA F 46 24.44 -31.21 -9.66
N TRP F 47 24.20 -29.99 -9.22
CA TRP F 47 23.46 -29.04 -10.02
C TRP F 47 24.21 -28.70 -11.29
N ARG F 48 25.52 -28.46 -11.16
CA ARG F 48 26.37 -28.15 -12.29
C ARG F 48 26.43 -29.29 -13.29
N ASN F 49 26.55 -30.50 -12.78
CA ASN F 49 26.61 -31.66 -13.66
C ASN F 49 25.31 -31.88 -14.41
N GLN F 50 24.20 -31.55 -13.77
CA GLN F 50 22.90 -31.70 -14.41
C GLN F 50 22.77 -30.69 -15.55
N LEU F 51 23.15 -29.44 -15.28
CA LEU F 51 23.08 -28.39 -16.27
C LEU F 51 23.95 -28.73 -17.48
N ARG F 52 25.14 -29.26 -17.22
CA ARG F 52 26.07 -29.63 -18.29
C ARG F 52 25.47 -30.69 -19.20
N ASP F 53 24.75 -31.63 -18.61
CA ASP F 53 24.12 -32.69 -19.39
C ASP F 53 22.99 -32.11 -20.23
N GLU F 54 22.32 -31.08 -19.71
CA GLU F 54 21.21 -30.45 -20.43
C GLU F 54 21.76 -29.69 -21.63
N VAL F 55 22.88 -29.01 -21.43
CA VAL F 55 23.49 -28.25 -22.52
C VAL F 55 23.93 -29.19 -23.62
N ASP F 56 24.45 -30.35 -23.26
CA ASP F 56 24.90 -31.34 -24.22
C ASP F 56 23.74 -31.90 -25.01
N ARG F 57 22.66 -32.25 -24.32
CA ARG F 57 21.48 -32.78 -24.98
C ARG F 57 20.95 -31.72 -25.95
N THR F 58 20.96 -30.46 -25.50
CA THR F 58 20.49 -29.34 -26.31
C THR F 58 21.30 -29.22 -27.59
N VAL F 59 22.62 -29.17 -27.44
CA VAL F 59 23.49 -29.06 -28.60
C VAL F 59 23.27 -30.23 -29.56
N THR F 60 23.08 -31.42 -29.01
CA THR F 60 22.87 -32.59 -29.85
C THR F 60 21.55 -32.49 -30.58
N HIS F 61 20.53 -31.98 -29.92
CA HIS F 61 19.22 -31.83 -30.55
C HIS F 61 19.34 -30.79 -31.67
N MET F 62 20.03 -29.70 -31.36
CA MET F 62 20.23 -28.64 -32.32
C MET F 62 20.94 -29.15 -33.56
N GLN F 63 21.87 -30.08 -33.39
CA GLN F 63 22.60 -30.62 -34.53
C GLN F 63 21.72 -31.56 -35.33
N ASP F 64 20.80 -32.25 -34.64
CA ASP F 64 19.89 -33.16 -35.32
C ASP F 64 18.95 -32.32 -36.17
N GLU F 65 18.57 -31.16 -35.64
CA GLU F 65 17.70 -30.25 -36.34
C GLU F 65 18.40 -29.70 -37.59
N ALA F 66 19.69 -29.39 -37.49
CA ALA F 66 20.43 -28.88 -38.62
C ALA F 66 20.53 -29.94 -39.71
N ALA F 67 20.45 -31.20 -39.31
CA ALA F 67 20.55 -32.32 -40.23
C ALA F 67 19.21 -32.69 -40.86
N ASN F 68 18.15 -32.69 -40.06
CA ASN F 68 16.83 -33.05 -40.57
C ASN F 68 16.10 -31.80 -41.08
N PHE F 69 15.49 -31.89 -42.25
CA PHE F 69 14.79 -30.74 -42.83
C PHE F 69 13.27 -30.81 -42.64
N PRO F 70 12.67 -29.77 -42.03
CA PRO F 70 11.22 -29.71 -41.80
C PRO F 70 10.43 -29.42 -43.07
N ASP F 71 9.13 -29.67 -43.02
CA ASP F 71 8.27 -29.42 -44.16
C ASP F 71 8.03 -27.93 -44.18
N PRO F 72 7.95 -27.31 -45.37
CA PRO F 72 7.73 -25.87 -45.47
C PRO F 72 6.77 -25.30 -44.42
N VAL F 73 5.76 -26.09 -44.09
CA VAL F 73 4.74 -25.68 -43.12
C VAL F 73 5.27 -25.56 -41.68
N ASP F 74 6.13 -26.49 -41.29
CA ASP F 74 6.69 -26.53 -39.94
C ASP F 74 8.04 -25.84 -39.80
N ARG F 75 8.42 -25.04 -40.79
CA ARG F 75 9.69 -24.34 -40.72
C ARG F 75 9.62 -23.22 -39.67
N ALA F 76 8.50 -22.46 -39.65
CA ALA F 76 8.29 -21.34 -38.69
C ALA F 76 8.22 -21.83 -37.25
N ALA F 77 7.70 -23.05 -37.08
CA ALA F 77 7.57 -23.64 -35.76
C ALA F 77 8.91 -24.19 -35.28
N GLN F 78 9.71 -24.70 -36.22
CA GLN F 78 11.02 -25.23 -35.88
C GLN F 78 11.97 -24.10 -35.52
N GLU F 79 11.93 -23.03 -36.31
CA GLU F 79 12.77 -21.87 -36.10
C GLU F 79 12.45 -21.24 -34.75
N GLU F 80 11.15 -21.17 -34.43
CA GLU F 80 10.70 -20.57 -33.18
C GLU F 80 11.22 -21.37 -31.99
N GLU F 81 11.09 -22.68 -32.05
CA GLU F 81 11.53 -23.56 -30.98
C GLU F 81 13.05 -23.59 -30.93
N PHE F 82 13.71 -23.44 -32.08
CA PHE F 82 15.16 -23.46 -32.11
C PHE F 82 15.74 -22.25 -31.40
N SER F 83 15.10 -21.10 -31.58
CA SER F 83 15.58 -19.87 -30.96
C SER F 83 15.41 -19.98 -29.44
N LEU F 84 14.31 -20.58 -29.01
CA LEU F 84 14.07 -20.75 -27.58
C LEU F 84 15.15 -21.61 -26.97
N GLU F 85 15.45 -22.73 -27.62
CA GLU F 85 16.51 -23.63 -27.15
C GLU F 85 17.80 -22.83 -27.01
N LEU F 86 18.16 -22.12 -28.08
CA LEU F 86 19.37 -21.32 -28.09
C LEU F 86 19.43 -20.35 -26.91
N ARG F 87 18.40 -19.53 -26.79
CA ARG F 87 18.35 -18.56 -25.70
C ARG F 87 18.50 -19.27 -24.37
N ASN F 88 17.66 -20.26 -24.14
CA ASN F 88 17.71 -21.01 -22.90
C ASN F 88 19.10 -21.58 -22.65
N ARG F 89 19.62 -22.28 -23.65
CA ARG F 89 20.95 -22.89 -23.57
C ARG F 89 21.99 -21.91 -23.06
N ASP F 90 22.00 -20.71 -23.63
CA ASP F 90 22.96 -19.71 -23.24
C ASP F 90 22.78 -19.25 -21.80
N ARG F 91 21.55 -19.34 -21.30
CA ARG F 91 21.28 -18.93 -19.93
C ARG F 91 21.88 -19.96 -18.96
N GLU F 92 21.70 -21.22 -19.30
CA GLU F 92 22.23 -22.31 -18.49
C GLU F 92 23.75 -22.23 -18.40
N ARG F 93 24.38 -21.86 -19.50
CA ARG F 93 25.82 -21.75 -19.50
C ARG F 93 26.27 -20.69 -18.50
N LYS F 94 25.47 -19.63 -18.38
CA LYS F 94 25.76 -18.53 -17.46
C LYS F 94 25.62 -19.05 -16.04
N LEU F 95 24.55 -19.82 -15.82
CA LEU F 95 24.26 -20.39 -14.52
C LEU F 95 25.41 -21.29 -14.09
N ILE F 96 25.87 -22.10 -15.02
CA ILE F 96 26.96 -23.02 -14.75
C ILE F 96 28.21 -22.27 -14.34
N LYS F 97 28.49 -21.17 -15.02
CA LYS F 97 29.67 -20.38 -14.69
C LYS F 97 29.52 -19.75 -13.31
N LYS F 98 28.29 -19.44 -12.94
CA LYS F 98 28.02 -18.85 -11.64
C LYS F 98 28.26 -19.90 -10.55
N ILE F 99 27.80 -21.11 -10.80
CA ILE F 99 27.96 -22.21 -9.86
C ILE F 99 29.47 -22.45 -9.67
N GLU F 100 30.21 -22.47 -10.78
CA GLU F 100 31.64 -22.69 -10.74
C GLU F 100 32.29 -21.61 -9.87
N LYS F 101 31.81 -20.38 -10.02
CA LYS F 101 32.34 -19.28 -9.22
C LYS F 101 32.03 -19.54 -7.75
N THR F 102 30.83 -20.05 -7.49
CA THR F 102 30.42 -20.34 -6.13
C THR F 102 31.19 -21.50 -5.55
N LEU F 103 31.54 -22.46 -6.39
CA LEU F 103 32.32 -23.61 -5.93
C LEU F 103 33.73 -23.20 -5.51
N LYS F 104 34.21 -22.09 -6.05
CA LYS F 104 35.53 -21.61 -5.69
C LYS F 104 35.43 -20.90 -4.35
N LYS F 105 34.27 -20.31 -4.06
CA LYS F 105 34.07 -19.63 -2.78
C LYS F 105 34.06 -20.70 -1.69
N VAL F 106 33.56 -21.89 -2.03
CA VAL F 106 33.52 -23.00 -1.11
C VAL F 106 34.96 -23.45 -0.89
N GLU F 107 35.67 -23.68 -1.98
CA GLU F 107 37.06 -24.11 -1.93
C GLU F 107 37.89 -23.13 -1.13
N ASP F 108 37.57 -21.85 -1.31
CA ASP F 108 38.25 -20.75 -0.64
C ASP F 108 37.71 -20.52 0.78
N GLU F 109 36.69 -21.28 1.15
CA GLU F 109 36.08 -21.14 2.47
C GLU F 109 35.46 -19.75 2.75
N ASP F 110 34.61 -19.29 1.83
CA ASP F 110 33.97 -17.97 1.92
C ASP F 110 32.55 -18.07 1.36
N PHE F 111 31.92 -19.19 1.65
CA PHE F 111 30.58 -19.48 1.17
C PHE F 111 29.51 -19.28 2.25
N GLY F 112 28.33 -18.82 1.85
CA GLY F 112 27.24 -18.65 2.80
C GLY F 112 26.87 -17.29 3.33
N TYR F 113 27.59 -16.25 2.94
CA TYR F 113 27.27 -14.92 3.46
C TYR F 113 26.98 -13.90 2.36
N CYS F 114 26.22 -12.85 2.70
CA CYS F 114 25.86 -11.81 1.73
C CYS F 114 27.10 -11.07 1.31
N GLU F 115 27.24 -10.82 0.00
CA GLU F 115 28.42 -10.11 -0.48
C GLU F 115 28.36 -8.62 -0.22
N SER F 116 27.17 -8.06 -0.04
CA SER F 116 27.04 -6.63 0.19
C SER F 116 27.30 -6.31 1.66
N CYS F 117 26.52 -6.94 2.53
CA CYS F 117 26.68 -6.77 3.95
C CYS F 117 27.20 -8.13 4.41
N GLY F 118 27.95 -8.20 5.50
CA GLY F 118 28.48 -9.50 5.87
C GLY F 118 27.53 -10.59 6.30
N VAL F 119 26.26 -10.23 6.46
CA VAL F 119 25.20 -11.13 6.89
C VAL F 119 25.22 -12.53 6.31
N GLU F 120 24.80 -13.51 7.09
CA GLU F 120 24.76 -14.87 6.61
C GLU F 120 23.47 -15.05 5.86
N ILE F 121 23.53 -15.79 4.76
CA ILE F 121 22.35 -16.08 3.93
C ILE F 121 21.74 -17.34 4.53
N GLY F 122 20.43 -17.43 4.56
CA GLY F 122 19.87 -18.63 5.17
C GLY F 122 20.34 -19.98 4.66
N ILE F 123 20.37 -20.99 5.53
CA ILE F 123 20.77 -22.32 5.10
C ILE F 123 19.69 -22.79 4.14
N ARG F 124 18.43 -22.67 4.56
CA ARG F 124 17.34 -23.10 3.72
C ARG F 124 17.25 -22.24 2.47
N ARG F 125 17.70 -21.00 2.56
CA ARG F 125 17.68 -20.12 1.39
C ARG F 125 18.76 -20.58 0.40
N LEU F 126 19.91 -21.00 0.93
CA LEU F 126 20.99 -21.48 0.08
C LEU F 126 20.64 -22.83 -0.53
N GLU F 127 19.77 -23.57 0.14
CA GLU F 127 19.35 -24.86 -0.39
C GLU F 127 18.42 -24.61 -1.58
N ALA F 128 17.79 -23.44 -1.59
CA ALA F 128 16.89 -23.05 -2.68
C ALA F 128 17.74 -22.58 -3.86
N ARG F 129 18.66 -21.65 -3.61
CA ARG F 129 19.57 -21.15 -4.63
C ARG F 129 20.94 -21.07 -4.01
N PRO F 130 21.67 -22.20 -4.01
CA PRO F 130 23.02 -22.25 -3.44
C PRO F 130 24.01 -21.29 -4.07
N THR F 131 23.61 -20.68 -5.17
CA THR F 131 24.45 -19.75 -5.89
C THR F 131 24.19 -18.31 -5.45
N ALA F 132 23.34 -18.14 -4.46
CA ALA F 132 23.00 -16.81 -3.94
C ALA F 132 24.20 -15.95 -3.48
N ASP F 133 24.24 -14.70 -3.96
CA ASP F 133 25.31 -13.75 -3.62
C ASP F 133 24.89 -12.70 -2.57
N LEU F 134 23.59 -12.42 -2.49
CA LEU F 134 23.10 -11.42 -1.57
C LEU F 134 22.00 -11.87 -0.61
N CYS F 135 21.81 -11.06 0.44
CA CYS F 135 20.74 -11.28 1.41
C CYS F 135 19.54 -10.74 0.62
N ILE F 136 18.31 -11.06 1.04
CA ILE F 136 17.13 -10.59 0.31
C ILE F 136 17.04 -9.08 0.14
N ASP F 137 17.42 -8.33 1.17
CA ASP F 137 17.37 -6.87 1.10
C ASP F 137 18.32 -6.32 0.03
N CYS F 138 19.58 -6.70 0.09
CA CYS F 138 20.54 -6.20 -0.89
C CYS F 138 20.16 -6.72 -2.25
N LYS F 139 19.68 -7.96 -2.32
CA LYS F 139 19.30 -8.54 -3.60
C LYS F 139 18.18 -7.72 -4.23
N THR F 140 17.18 -7.41 -3.42
CA THR F 140 16.02 -6.65 -3.86
C THR F 140 16.40 -5.22 -4.23
N LEU F 141 17.18 -4.59 -3.36
CA LEU F 141 17.62 -3.24 -3.62
C LEU F 141 18.34 -3.16 -4.94
N ALA F 142 19.15 -4.17 -5.22
CA ALA F 142 19.90 -4.22 -6.47
C ALA F 142 18.95 -4.27 -7.64
N GLU F 143 17.90 -5.09 -7.51
CA GLU F 143 16.92 -5.23 -8.57
C GLU F 143 16.20 -3.92 -8.81
N ILE F 144 15.97 -3.18 -7.73
CA ILE F 144 15.28 -1.90 -7.82
C ILE F 144 16.18 -0.91 -8.54
N ARG F 145 17.44 -0.80 -8.09
CA ARG F 145 18.40 0.11 -8.71
C ARG F 145 18.46 -0.17 -10.20
N GLU F 146 18.46 -1.46 -10.54
CA GLU F 146 18.50 -1.91 -11.91
C GLU F 146 17.44 -1.22 -12.78
N LYS F 147 16.18 -1.41 -12.42
CA LYS F 147 15.07 -0.82 -13.17
C LYS F 147 15.17 0.69 -13.30
N GLN F 148 15.78 1.35 -12.32
CA GLN F 148 15.93 2.80 -12.34
C GLN F 148 17.18 3.29 -13.09
N MET F 149 18.31 2.61 -12.87
CA MET F 149 19.56 2.98 -13.55
C MET F 149 19.47 2.58 -15.02
N ALA F 150 18.57 1.64 -15.30
CA ALA F 150 18.35 1.17 -16.67
C ALA F 150 17.35 2.07 -17.38
N GLY F 151 16.08 1.90 -17.07
CA GLY F 151 15.05 2.71 -17.68
C GLY F 151 15.20 4.18 -17.35
N ARG G 7 14.29 -44.15 -20.12
CA ARG G 7 13.28 -43.35 -20.87
C ARG G 7 12.42 -44.23 -21.76
N LYS G 8 11.11 -44.19 -21.53
CA LYS G 8 10.14 -44.98 -22.28
C LYS G 8 10.07 -44.66 -23.78
N THR G 9 11.11 -45.04 -24.52
CA THR G 9 11.17 -44.81 -25.96
C THR G 9 11.33 -46.15 -26.67
N SER G 10 10.70 -46.31 -27.83
CA SER G 10 10.81 -47.54 -28.61
C SER G 10 12.30 -47.77 -28.88
N SER G 11 12.96 -46.70 -29.34
CA SER G 11 14.40 -46.71 -29.63
C SER G 11 15.12 -46.46 -28.30
N LEU G 12 15.89 -47.45 -27.86
CA LEU G 12 16.62 -47.39 -26.60
C LEU G 12 16.76 -46.02 -25.97
N SER G 13 16.40 -45.96 -24.69
CA SER G 13 16.49 -44.72 -23.96
C SER G 13 17.92 -44.21 -24.04
N ILE G 14 18.81 -45.03 -24.61
CA ILE G 14 20.21 -44.67 -24.77
C ILE G 14 20.33 -43.53 -25.79
N LEU G 15 19.63 -43.66 -26.92
CA LEU G 15 19.66 -42.60 -27.92
C LEU G 15 18.94 -41.44 -27.31
N ALA G 16 18.05 -41.74 -26.36
CA ALA G 16 17.27 -40.72 -25.66
C ALA G 16 18.18 -40.02 -24.66
N ILE G 17 18.96 -40.81 -23.95
CA ILE G 17 19.90 -40.31 -22.95
C ILE G 17 20.75 -39.24 -23.61
N ALA G 18 21.23 -39.54 -24.81
CA ALA G 18 22.01 -38.58 -25.57
C ALA G 18 20.97 -37.78 -26.32
N GLY G 19 21.32 -36.61 -26.82
CA GLY G 19 20.31 -35.86 -27.55
C GLY G 19 20.29 -36.32 -28.99
N VAL G 20 20.61 -37.60 -29.18
CA VAL G 20 20.70 -38.21 -30.50
C VAL G 20 19.44 -38.84 -31.07
N GLU G 21 19.31 -38.73 -32.39
CA GLU G 21 18.20 -39.31 -33.12
C GLU G 21 18.84 -40.42 -33.95
N PRO G 22 18.11 -41.53 -34.22
CA PRO G 22 18.65 -42.65 -35.00
C PRO G 22 19.39 -42.15 -36.25
N TYR G 23 20.58 -42.69 -36.51
CA TYR G 23 21.37 -42.24 -37.64
C TYR G 23 20.72 -42.50 -39.00
N GLN G 24 20.69 -41.45 -39.83
CA GLN G 24 20.13 -41.53 -41.18
C GLN G 24 21.22 -41.90 -42.17
N GLU G 25 21.44 -43.20 -42.32
CA GLU G 25 22.46 -43.71 -43.23
C GLU G 25 22.14 -43.42 -44.69
N LYS G 26 23.07 -42.72 -45.35
CA LYS G 26 22.93 -42.38 -46.76
C LYS G 26 23.34 -43.56 -47.62
N PRO G 27 22.88 -43.60 -48.89
CA PRO G 27 23.18 -44.67 -49.85
C PRO G 27 24.59 -45.28 -49.85
N GLY G 28 25.57 -44.53 -50.34
CA GLY G 28 26.92 -45.06 -50.41
C GLY G 28 27.92 -44.68 -49.33
N GLU G 29 27.45 -44.33 -48.13
CA GLU G 29 28.38 -43.96 -47.06
C GLU G 29 29.21 -45.17 -46.64
N GLU G 30 30.51 -44.94 -46.42
CA GLU G 30 31.37 -46.02 -45.95
C GLU G 30 30.83 -46.37 -44.58
N TYR G 31 31.11 -47.58 -44.10
CA TYR G 31 30.61 -47.99 -42.78
C TYR G 31 30.94 -47.02 -41.64
N MET G 32 31.88 -47.35 -40.78
CA MET G 32 32.18 -46.43 -39.67
C MET G 32 33.03 -45.23 -40.08
N ASN G 33 32.43 -44.28 -40.78
CA ASN G 33 33.15 -43.09 -41.21
C ASN G 33 33.10 -42.04 -40.11
N GLU G 34 33.77 -40.91 -40.34
CA GLU G 34 33.83 -39.82 -39.37
C GLU G 34 32.47 -39.42 -38.79
N ALA G 35 31.47 -39.30 -39.65
CA ALA G 35 30.14 -38.91 -39.21
C ALA G 35 29.49 -39.98 -38.32
N GLN G 36 29.77 -41.23 -38.64
CA GLN G 36 29.20 -42.33 -37.90
C GLN G 36 29.86 -42.52 -36.55
N LEU G 37 31.19 -42.46 -36.49
CA LEU G 37 31.85 -42.63 -35.21
C LEU G 37 31.63 -41.41 -34.31
N ALA G 38 31.38 -40.25 -34.94
CA ALA G 38 31.14 -39.06 -34.16
C ALA G 38 29.79 -39.25 -33.46
N HIS G 39 28.91 -39.95 -34.16
CA HIS G 39 27.56 -40.29 -33.71
C HIS G 39 27.63 -41.24 -32.51
N PHE G 40 28.41 -42.30 -32.63
CA PHE G 40 28.54 -43.23 -31.53
C PHE G 40 29.37 -42.70 -30.38
N ARG G 41 30.30 -41.80 -30.66
CA ARG G 41 31.12 -41.23 -29.61
C ARG G 41 30.18 -40.41 -28.70
N ARG G 42 29.29 -39.66 -29.32
CA ARG G 42 28.35 -38.83 -28.58
C ARG G 42 27.48 -39.71 -27.73
N ILE G 43 26.97 -40.81 -28.29
CA ILE G 43 26.10 -41.72 -27.56
C ILE G 43 26.82 -42.30 -26.34
N LEU G 44 28.05 -42.76 -26.54
CA LEU G 44 28.82 -43.37 -25.46
C LEU G 44 29.11 -42.36 -24.36
N GLU G 45 29.47 -41.14 -24.76
CA GLU G 45 29.77 -40.09 -23.81
C GLU G 45 28.54 -39.71 -23.00
N ALA G 46 27.40 -39.58 -23.68
CA ALA G 46 26.17 -39.21 -23.01
C ALA G 46 25.75 -40.30 -22.01
N TRP G 47 25.90 -41.53 -22.44
CA TRP G 47 25.55 -42.67 -21.62
C TRP G 47 26.44 -42.71 -20.39
N ARG G 48 27.74 -42.53 -20.61
CA ARG G 48 28.70 -42.52 -19.52
C ARG G 48 28.42 -41.41 -18.50
N ASN G 49 28.12 -40.21 -19.00
CA ASN G 49 27.82 -39.09 -18.11
C ASN G 49 26.56 -39.32 -17.31
N GLN G 50 25.60 -40.03 -17.91
CA GLN G 50 24.36 -40.32 -17.22
C GLN G 50 24.63 -41.28 -16.08
N LEU G 51 25.39 -42.32 -16.37
CA LEU G 51 25.73 -43.33 -15.37
C LEU G 51 26.49 -42.71 -14.21
N ARG G 52 27.42 -41.81 -14.52
CA ARG G 52 28.22 -41.15 -13.48
C ARG G 52 27.33 -40.34 -12.54
N ASP G 53 26.32 -39.69 -13.09
CA ASP G 53 25.40 -38.91 -12.27
C ASP G 53 24.56 -39.81 -11.38
N GLU G 54 24.25 -41.00 -11.88
CA GLU G 54 23.45 -41.96 -11.12
C GLU G 54 24.28 -42.48 -9.97
N VAL G 55 25.55 -42.75 -10.21
CA VAL G 55 26.42 -43.25 -9.16
C VAL G 55 26.59 -42.19 -8.05
N ASP G 56 26.65 -40.92 -8.44
CA ASP G 56 26.81 -39.83 -7.50
C ASP G 56 25.56 -39.70 -6.64
N ARG G 57 24.41 -39.74 -7.29
CA ARG G 57 23.16 -39.63 -6.57
C ARG G 57 23.04 -40.79 -5.60
N THR G 58 23.47 -41.97 -6.05
CA THR G 58 23.41 -43.15 -5.20
C THR G 58 24.26 -42.97 -3.96
N VAL G 59 25.51 -42.59 -4.17
CA VAL G 59 26.43 -42.40 -3.06
C VAL G 59 25.88 -41.37 -2.09
N THR G 60 25.30 -40.30 -2.64
CA THR G 60 24.73 -39.26 -1.80
C THR G 60 23.56 -39.79 -0.99
N HIS G 61 22.73 -40.61 -1.61
CA HIS G 61 21.60 -41.16 -0.90
C HIS G 61 22.12 -42.09 0.21
N MET G 62 23.13 -42.90 -0.14
CA MET G 62 23.72 -43.82 0.81
C MET G 62 24.29 -43.09 2.01
N GLN G 63 24.83 -41.90 1.80
CA GLN G 63 25.38 -41.13 2.91
C GLN G 63 24.26 -40.53 3.75
N ASP G 64 23.15 -40.21 3.12
CA ASP G 64 22.01 -39.65 3.84
C ASP G 64 21.46 -40.75 4.71
N GLU G 65 21.49 -41.98 4.20
CA GLU G 65 20.99 -43.12 4.93
C GLU G 65 21.86 -43.39 6.15
N ALA G 66 23.16 -43.23 5.98
CA ALA G 66 24.10 -43.44 7.09
C ALA G 66 23.90 -42.39 8.17
N ALA G 67 23.38 -41.24 7.79
CA ALA G 67 23.14 -40.14 8.71
C ALA G 67 21.77 -40.22 9.38
N ASN G 68 20.75 -40.58 8.63
CA ASN G 68 19.42 -40.67 9.21
C ASN G 68 19.17 -42.02 9.83
N PHE G 69 18.75 -41.97 11.09
CA PHE G 69 18.49 -43.18 11.83
C PHE G 69 17.05 -43.66 11.79
N PRO G 70 16.81 -44.86 11.23
CA PRO G 70 15.49 -45.46 11.11
C PRO G 70 14.96 -45.99 12.43
N ASP G 71 13.66 -46.23 12.48
CA ASP G 71 13.04 -46.76 13.68
C ASP G 71 13.43 -48.24 13.70
N PRO G 72 13.65 -48.81 14.89
CA PRO G 72 14.03 -50.21 15.00
C PRO G 72 13.28 -51.14 14.04
N VAL G 73 12.01 -50.80 13.79
CA VAL G 73 11.15 -51.58 12.92
C VAL G 73 11.57 -51.52 11.44
N ASP G 74 12.00 -50.34 10.99
CA ASP G 74 12.39 -50.14 9.59
C ASP G 74 13.88 -50.25 9.33
N ARG G 75 14.63 -50.77 10.29
CA ARG G 75 16.07 -50.92 10.13
C ARG G 75 16.33 -51.94 9.04
N ALA G 76 15.42 -52.89 8.97
CA ALA G 76 15.55 -53.95 8.00
C ALA G 76 15.24 -53.49 6.57
N ALA G 77 14.35 -52.50 6.45
CA ALA G 77 13.97 -51.98 5.15
C ALA G 77 15.04 -51.06 4.58
N GLN G 78 15.69 -50.29 5.45
CA GLN G 78 16.73 -49.38 5.00
C GLN G 78 17.97 -50.18 4.58
N GLU G 79 18.31 -51.18 5.39
CA GLU G 79 19.48 -52.00 5.10
C GLU G 79 19.27 -52.73 3.78
N GLU G 80 18.05 -53.22 3.57
CA GLU G 80 17.74 -53.96 2.35
C GLU G 80 17.89 -53.07 1.12
N GLU G 81 17.36 -51.87 1.20
CA GLU G 81 17.44 -50.92 0.09
C GLU G 81 18.87 -50.40 -0.09
N PHE G 82 19.62 -50.31 1.01
CA PHE G 82 20.99 -49.83 0.97
C PHE G 82 21.89 -50.83 0.24
N SER G 83 21.64 -52.12 0.44
CA SER G 83 22.42 -53.15 -0.21
C SER G 83 22.14 -53.14 -1.70
N LEU G 84 20.87 -52.93 -2.07
CA LEU G 84 20.48 -52.88 -3.48
C LEU G 84 21.22 -51.74 -4.16
N GLU G 85 21.18 -50.56 -3.53
CA GLU G 85 21.87 -49.39 -4.07
C GLU G 85 23.34 -49.71 -4.31
N LEU G 86 23.97 -50.25 -3.29
CA LEU G 86 25.37 -50.61 -3.35
C LEU G 86 25.66 -51.55 -4.50
N ARG G 87 24.93 -52.66 -4.57
CA ARG G 87 25.14 -53.64 -5.64
C ARG G 87 24.94 -52.97 -6.99
N ASN G 88 23.81 -52.30 -7.17
CA ASN G 88 23.51 -51.60 -8.42
C ASN G 88 24.65 -50.63 -8.77
N ARG G 89 25.01 -49.77 -7.81
CA ARG G 89 26.07 -48.79 -7.96
C ARG G 89 27.34 -49.39 -8.56
N ASP G 90 27.78 -50.51 -7.98
CA ASP G 90 28.98 -51.16 -8.44
C ASP G 90 28.86 -51.70 -9.85
N ARG G 91 27.64 -52.02 -10.27
CA ARG G 91 27.41 -52.54 -11.62
C ARG G 91 27.58 -51.40 -12.62
N GLU G 92 27.02 -50.24 -12.28
CA GLU G 92 27.10 -49.07 -13.13
C GLU G 92 28.55 -48.64 -13.33
N ARG G 93 29.36 -48.77 -12.28
CA ARG G 93 30.76 -48.40 -12.39
C ARG G 93 31.46 -49.30 -13.40
N LYS G 94 31.03 -50.56 -13.47
CA LYS G 94 31.61 -51.52 -14.41
C LYS G 94 31.18 -51.14 -15.83
N LEU G 95 29.91 -50.76 -15.96
CA LEU G 95 29.36 -50.38 -17.25
C LEU G 95 30.13 -49.16 -17.76
N ILE G 96 30.37 -48.21 -16.86
CA ILE G 96 31.09 -46.99 -17.21
C ILE G 96 32.50 -47.30 -17.70
N LYS G 97 33.15 -48.25 -17.05
CA LYS G 97 34.50 -48.62 -17.47
C LYS G 97 34.47 -49.30 -18.82
N LYS G 98 33.37 -49.99 -19.10
CA LYS G 98 33.24 -50.67 -20.37
C LYS G 98 33.04 -49.63 -21.48
N ILE G 99 32.23 -48.62 -21.19
CA ILE G 99 31.98 -47.56 -22.16
C ILE G 99 33.29 -46.84 -22.45
N GLU G 100 34.06 -46.57 -21.39
CA GLU G 100 35.35 -45.92 -21.55
C GLU G 100 36.26 -46.73 -22.45
N LYS G 101 36.21 -48.05 -22.29
CA LYS G 101 37.01 -48.94 -23.12
C LYS G 101 36.53 -48.84 -24.56
N THR G 102 35.22 -48.74 -24.75
CA THR G 102 34.63 -48.65 -26.07
C THR G 102 34.96 -47.29 -26.70
N LEU G 103 35.02 -46.24 -25.89
CA LEU G 103 35.35 -44.93 -26.40
C LEU G 103 36.80 -44.89 -26.93
N LYS G 104 37.65 -45.77 -26.41
CA LYS G 104 39.04 -45.82 -26.87
C LYS G 104 39.09 -46.57 -28.19
N LYS G 105 38.15 -47.48 -28.40
CA LYS G 105 38.08 -48.22 -29.66
C LYS G 105 37.68 -47.23 -30.75
N VAL G 106 36.82 -46.28 -30.38
CA VAL G 106 36.38 -45.24 -31.30
C VAL G 106 37.58 -44.35 -31.64
N GLU G 107 38.26 -43.88 -30.60
CA GLU G 107 39.43 -43.02 -30.76
C GLU G 107 40.48 -43.74 -31.61
N ASP G 108 40.62 -45.05 -31.39
CA ASP G 108 41.59 -45.88 -32.11
C ASP G 108 41.06 -46.28 -33.49
N GLU G 109 39.81 -45.93 -33.80
CA GLU G 109 39.19 -46.27 -35.06
C GLU G 109 39.06 -47.78 -35.23
N ASP G 110 38.71 -48.45 -34.13
CA ASP G 110 38.56 -49.89 -34.17
C ASP G 110 37.19 -50.26 -33.61
N PHE G 111 36.23 -49.37 -33.82
CA PHE G 111 34.88 -49.56 -33.32
C PHE G 111 33.91 -49.99 -34.44
N GLY G 112 32.96 -50.84 -34.09
CA GLY G 112 31.95 -51.25 -35.05
C GLY G 112 32.01 -52.63 -35.69
N TYR G 113 33.05 -53.41 -35.41
CA TYR G 113 33.17 -54.71 -36.03
C TYR G 113 33.23 -55.86 -35.02
N CYS G 114 32.84 -57.06 -35.46
CA CYS G 114 32.84 -58.22 -34.61
C CYS G 114 34.27 -58.57 -34.24
N GLU G 115 34.50 -58.88 -32.97
CA GLU G 115 35.84 -59.21 -32.52
C GLU G 115 36.28 -60.61 -32.89
N SER G 116 35.33 -61.51 -33.14
CA SER G 116 35.66 -62.88 -33.52
C SER G 116 35.99 -62.97 -35.00
N CYS G 117 35.05 -62.56 -35.83
CA CYS G 117 35.24 -62.55 -37.27
C CYS G 117 35.28 -61.05 -37.59
N GLY G 118 35.95 -60.65 -38.66
CA GLY G 118 36.02 -59.22 -38.92
C GLY G 118 34.75 -58.46 -39.26
N VAL G 119 33.66 -59.19 -39.45
CA VAL G 119 32.36 -58.62 -39.82
C VAL G 119 31.94 -57.37 -39.10
N GLU G 120 31.21 -56.52 -39.81
CA GLU G 120 30.72 -55.27 -39.23
C GLU G 120 29.47 -55.60 -38.44
N ILE G 121 29.32 -54.98 -37.26
CA ILE G 121 28.14 -55.20 -36.44
C ILE G 121 27.15 -54.14 -36.94
N GLY G 122 25.86 -54.46 -37.00
CA GLY G 122 24.93 -53.45 -37.50
C GLY G 122 24.95 -52.07 -36.86
N ILE G 123 24.63 -51.04 -37.65
CA ILE G 123 24.57 -49.70 -37.09
C ILE G 123 23.43 -49.66 -36.10
N ARG G 124 22.27 -50.17 -36.52
CA ARG G 124 21.12 -50.18 -35.63
C ARG G 124 21.34 -51.12 -34.46
N ARG G 125 22.17 -52.13 -34.66
CA ARG G 125 22.44 -53.07 -33.58
C ARG G 125 23.33 -52.38 -32.55
N LEU G 126 24.28 -51.57 -33.03
CA LEU G 126 25.18 -50.85 -32.15
C LEU G 126 24.43 -49.76 -31.42
N GLU G 127 23.35 -49.27 -32.02
CA GLU G 127 22.55 -48.23 -31.40
C GLU G 127 21.79 -48.87 -30.23
N ALA G 128 21.56 -50.18 -30.33
CA ALA G 128 20.86 -50.92 -29.29
C ALA G 128 21.85 -51.18 -28.14
N ARG G 129 23.00 -51.75 -28.46
CA ARG G 129 24.03 -52.05 -27.48
C ARG G 129 25.34 -51.62 -28.10
N PRO G 130 25.69 -50.32 -27.97
CA PRO G 130 26.93 -49.77 -28.52
C PRO G 130 28.20 -50.40 -27.97
N THR G 131 28.04 -51.20 -26.92
CA THR G 131 29.15 -51.89 -26.31
C THR G 131 29.37 -53.30 -26.88
N ALA G 132 28.61 -53.64 -27.91
CA ALA G 132 28.69 -54.96 -28.56
C ALA G 132 30.08 -55.35 -29.06
N ASP G 133 30.51 -56.56 -28.69
CA ASP G 133 31.82 -57.10 -29.09
C ASP G 133 31.73 -58.12 -30.23
N LEU G 134 30.59 -58.78 -30.33
CA LEU G 134 30.40 -59.82 -31.36
C LEU G 134 29.19 -59.60 -32.26
N CYS G 135 29.19 -60.34 -33.37
CA CYS G 135 28.12 -60.30 -34.33
C CYS G 135 27.11 -61.36 -33.84
N ILE G 136 25.89 -61.34 -34.35
CA ILE G 136 24.90 -62.31 -33.88
C ILE G 136 25.33 -63.78 -34.02
N ASP G 137 25.99 -64.11 -35.12
CA ASP G 137 26.43 -65.49 -35.35
C ASP G 137 27.46 -65.94 -34.31
N CYS G 138 28.51 -65.16 -34.10
CA CYS G 138 29.53 -65.52 -33.12
C CYS G 138 28.93 -65.49 -31.71
N LYS G 139 28.02 -64.55 -31.49
CA LYS G 139 27.39 -64.44 -30.19
C LYS G 139 26.58 -65.71 -29.92
N THR G 140 25.79 -66.11 -30.90
CA THR G 140 24.94 -67.29 -30.79
C THR G 140 25.77 -68.57 -30.67
N LEU G 141 26.80 -68.70 -31.50
CA LEU G 141 27.66 -69.86 -31.48
C LEU G 141 28.28 -69.99 -30.11
N ALA G 142 28.65 -68.86 -29.53
CA ALA G 142 29.25 -68.85 -28.20
C ALA G 142 28.26 -69.39 -27.18
N GLU G 143 27.01 -68.97 -27.30
CA GLU G 143 25.98 -69.42 -26.37
C GLU G 143 25.72 -70.91 -26.52
N ILE G 144 25.83 -71.41 -27.74
CA ILE G 144 25.64 -72.83 -28.01
C ILE G 144 26.80 -73.62 -27.39
N ARG G 145 28.03 -73.20 -27.66
CA ARG G 145 29.21 -73.87 -27.11
C ARG G 145 29.06 -73.96 -25.60
N GLU G 146 28.59 -72.86 -25.00
CA GLU G 146 28.37 -72.76 -23.56
C GLU G 146 27.57 -73.92 -23.02
N LYS G 147 26.33 -74.07 -23.51
CA LYS G 147 25.46 -75.14 -23.07
C LYS G 147 26.07 -76.53 -23.22
N GLN G 148 26.94 -76.70 -24.22
CA GLN G 148 27.58 -78.00 -24.46
C GLN G 148 28.87 -78.20 -23.66
N MET G 149 29.70 -77.16 -23.58
CA MET G 149 30.95 -77.26 -22.81
C MET G 149 30.64 -77.26 -21.32
N ALA G 150 29.45 -76.78 -20.99
CA ALA G 150 28.99 -76.73 -19.60
C ALA G 150 28.34 -78.05 -19.21
N GLY G 151 27.10 -78.23 -19.68
CA GLY G 151 26.38 -79.45 -19.39
C GLY G 151 26.99 -80.70 -19.99
N ARG H 7 23.35 -12.53 22.30
CA ARG H 7 22.75 -12.64 23.66
C ARG H 7 21.43 -13.43 23.58
N LYS H 8 21.36 -14.54 24.32
CA LYS H 8 20.18 -15.40 24.34
C LYS H 8 18.92 -14.73 24.91
N THR H 9 18.34 -13.80 24.16
CA THR H 9 17.13 -13.08 24.57
C THR H 9 16.04 -13.30 23.52
N SER H 10 14.79 -13.42 23.97
CA SER H 10 13.66 -13.61 23.05
C SER H 10 13.66 -12.42 22.09
N SER H 11 13.78 -11.22 22.66
CA SER H 11 13.84 -9.97 21.90
C SER H 11 15.29 -9.80 21.46
N LEU H 12 15.50 -9.81 20.14
CA LEU H 12 16.83 -9.68 19.55
C LEU H 12 17.93 -9.17 20.47
N SER H 13 19.03 -9.93 20.49
CA SER H 13 20.17 -9.58 21.31
C SER H 13 20.59 -8.17 20.95
N ILE H 14 20.00 -7.62 19.88
CA ILE H 14 20.30 -6.27 19.43
C ILE H 14 19.81 -5.26 20.46
N LEU H 15 18.59 -5.45 20.96
CA LEU H 15 18.06 -4.56 21.98
C LEU H 15 18.87 -4.83 23.23
N ALA H 16 19.41 -6.04 23.31
CA ALA H 16 20.24 -6.46 24.42
C ALA H 16 21.61 -5.79 24.29
N ILE H 17 22.15 -5.81 23.07
CA ILE H 17 23.44 -5.20 22.76
C ILE H 17 23.44 -3.76 23.27
N ALA H 18 22.35 -3.07 23.00
CA ALA H 18 22.19 -1.70 23.47
C ALA H 18 21.55 -1.88 24.86
N GLY H 19 21.62 -0.87 25.71
CA GLY H 19 21.00 -1.02 27.01
C GLY H 19 19.52 -0.68 26.90
N VAL H 20 18.97 -0.96 25.72
CA VAL H 20 17.57 -0.65 25.42
C VAL H 20 16.54 -1.73 25.71
N GLU H 21 15.37 -1.27 26.12
CA GLU H 21 14.23 -2.13 26.40
C GLU H 21 13.22 -1.84 25.30
N PRO H 22 12.43 -2.85 24.90
CA PRO H 22 11.43 -2.64 23.84
C PRO H 22 10.67 -1.34 24.04
N TYR H 23 10.67 -0.51 23.01
CA TYR H 23 9.97 0.76 23.08
C TYR H 23 8.53 0.58 23.50
N GLN H 24 8.08 1.43 24.42
CA GLN H 24 6.71 1.38 24.92
C GLN H 24 5.83 2.33 24.11
N GLU H 25 5.31 1.80 23.01
CA GLU H 25 4.45 2.56 22.12
C GLU H 25 3.14 2.97 22.78
N LYS H 26 2.89 4.28 22.83
CA LYS H 26 1.66 4.81 23.41
C LYS H 26 0.53 4.75 22.37
N PRO H 27 -0.73 4.79 22.82
CA PRO H 27 -1.93 4.72 21.98
C PRO H 27 -1.89 5.45 20.63
N GLY H 28 -1.98 6.78 20.65
CA GLY H 28 -1.99 7.52 19.41
C GLY H 28 -0.70 8.13 18.89
N GLU H 29 0.46 7.60 19.26
CA GLU H 29 1.70 8.18 18.76
C GLU H 29 1.83 7.96 17.27
N GLU H 30 2.30 8.99 16.56
CA GLU H 30 2.49 8.89 15.13
C GLU H 30 3.59 7.86 14.93
N TYR H 31 3.71 7.30 13.73
CA TYR H 31 4.72 6.27 13.50
C TYR H 31 6.13 6.66 13.88
N MET H 32 7.00 6.95 12.90
CA MET H 32 8.37 7.28 13.26
C MET H 32 8.54 8.68 13.81
N ASN H 33 8.25 8.79 15.10
CA ASN H 33 8.36 10.06 15.78
C ASN H 33 9.71 10.20 16.44
N GLU H 34 9.99 11.40 16.93
CA GLU H 34 11.27 11.71 17.58
C GLU H 34 11.69 10.68 18.63
N ALA H 35 10.75 10.29 19.48
CA ALA H 35 11.05 9.31 20.54
C ALA H 35 11.40 7.95 19.98
N GLN H 36 10.72 7.57 18.89
CA GLN H 36 10.95 6.28 18.26
C GLN H 36 12.27 6.22 17.52
N LEU H 37 12.57 7.23 16.71
CA LEU H 37 13.82 7.20 15.99
C LEU H 37 15.02 7.43 16.89
N ALA H 38 14.79 8.06 18.04
CA ALA H 38 15.87 8.30 18.98
C ALA H 38 16.22 6.93 19.55
N HIS H 39 15.18 6.11 19.66
CA HIS H 39 15.30 4.77 20.19
C HIS H 39 16.12 3.90 19.25
N PHE H 40 15.77 3.93 17.97
CA PHE H 40 16.49 3.15 16.98
C PHE H 40 17.86 3.69 16.67
N ARG H 41 18.05 4.99 16.85
CA ARG H 41 19.37 5.57 16.61
C ARG H 41 20.31 5.01 17.67
N ARG H 42 19.81 4.92 18.89
CA ARG H 42 20.58 4.40 20.01
C ARG H 42 20.95 2.96 19.75
N ILE H 43 19.98 2.16 19.30
CA ILE H 43 20.23 0.74 19.03
C ILE H 43 21.28 0.56 17.94
N LEU H 44 21.14 1.30 16.84
CA LEU H 44 22.08 1.20 15.74
C LEU H 44 23.48 1.61 16.15
N GLU H 45 23.57 2.68 16.93
CA GLU H 45 24.86 3.16 17.39
C GLU H 45 25.53 2.16 18.31
N ALA H 46 24.75 1.58 19.23
CA ALA H 46 25.28 0.61 20.18
C ALA H 46 25.76 -0.64 19.45
N TRP H 47 24.97 -1.06 18.47
CA TRP H 47 25.30 -2.24 17.69
C TRP H 47 26.60 -1.98 16.91
N ARG H 48 26.69 -0.81 16.28
CA ARG H 48 27.87 -0.43 15.51
C ARG H 48 29.12 -0.41 16.38
N ASN H 49 29.00 0.20 17.55
CA ASN H 49 30.12 0.31 18.47
C ASN H 49 30.57 -1.05 18.96
N GLN H 50 29.63 -1.97 19.10
CA GLN H 50 29.95 -3.30 19.54
C GLN H 50 30.73 -4.03 18.45
N LEU H 51 30.25 -3.92 17.22
CA LEU H 51 30.91 -4.56 16.08
C LEU H 51 32.34 -4.03 15.87
N ARG H 52 32.51 -2.72 16.04
CA ARG H 52 33.81 -2.09 15.90
C ARG H 52 34.79 -2.67 16.93
N ASP H 53 34.32 -2.90 18.15
CA ASP H 53 35.17 -3.45 19.19
C ASP H 53 35.56 -4.90 18.87
N GLU H 54 34.64 -5.62 18.23
CA GLU H 54 34.90 -7.00 17.85
C GLU H 54 35.94 -7.06 16.75
N VAL H 55 35.85 -6.14 15.80
CA VAL H 55 36.81 -6.10 14.71
C VAL H 55 38.21 -5.77 15.23
N ASP H 56 38.28 -4.90 16.23
CA ASP H 56 39.54 -4.50 16.83
C ASP H 56 40.17 -5.66 17.60
N ARG H 57 39.34 -6.37 18.36
CA ARG H 57 39.82 -7.52 19.11
C ARG H 57 40.34 -8.56 18.14
N THR H 58 39.62 -8.72 17.03
CA THR H 58 39.99 -9.69 16.00
C THR H 58 41.35 -9.35 15.41
N VAL H 59 41.50 -8.11 14.98
CA VAL H 59 42.75 -7.67 14.38
C VAL H 59 43.90 -7.87 15.37
N THR H 60 43.65 -7.56 16.64
CA THR H 60 44.66 -7.70 17.67
C THR H 60 45.05 -9.16 17.84
N HIS H 61 44.07 -10.05 17.81
CA HIS H 61 44.34 -11.47 17.97
C HIS H 61 45.15 -11.94 16.77
N MET H 62 44.72 -11.50 15.59
CA MET H 62 45.41 -11.85 14.35
C MET H 62 46.89 -11.44 14.39
N GLN H 63 47.17 -10.29 14.97
CA GLN H 63 48.54 -9.81 15.06
C GLN H 63 49.33 -10.61 16.07
N ASP H 64 48.66 -11.08 17.12
CA ASP H 64 49.33 -11.89 18.12
C ASP H 64 49.68 -13.24 17.50
N GLU H 65 48.81 -13.70 16.62
CA GLU H 65 49.02 -14.96 15.94
C GLU H 65 50.22 -14.83 15.01
N ALA H 66 50.32 -13.70 14.33
CA ALA H 66 51.43 -13.45 13.41
C ALA H 66 52.76 -13.38 14.17
N ALA H 67 52.69 -13.04 15.44
CA ALA H 67 53.88 -12.93 16.28
C ALA H 67 54.23 -14.23 16.97
N ASN H 68 53.23 -14.96 17.43
CA ASN H 68 53.50 -16.22 18.11
C ASN H 68 53.65 -17.33 17.09
N PHE H 69 54.90 -17.81 17.03
CA PHE H 69 55.26 -18.89 16.13
C PHE H 69 54.85 -20.23 16.72
N PRO H 70 53.93 -20.93 16.04
CA PRO H 70 53.43 -22.23 16.48
C PRO H 70 54.44 -23.34 16.23
N ASP H 71 54.21 -24.48 16.87
CA ASP H 71 55.09 -25.63 16.69
C ASP H 71 54.72 -26.21 15.33
N PRO H 72 55.70 -26.75 14.59
CA PRO H 72 55.42 -27.31 13.26
C PRO H 72 54.11 -28.11 13.19
N VAL H 73 53.79 -28.79 14.29
CA VAL H 73 52.58 -29.61 14.38
C VAL H 73 51.28 -28.80 14.37
N ASP H 74 51.29 -27.65 15.03
CA ASP H 74 50.10 -26.80 15.13
C ASP H 74 50.06 -25.66 14.11
N ARG H 75 50.89 -25.72 13.09
CA ARG H 75 50.92 -24.66 12.08
C ARG H 75 49.64 -24.63 11.21
N ALA H 76 49.29 -25.76 10.61
CA ALA H 76 48.10 -25.84 9.77
C ALA H 76 46.85 -25.37 10.53
N ALA H 77 46.88 -25.50 11.85
CA ALA H 77 45.76 -25.11 12.69
C ALA H 77 45.70 -23.60 12.89
N GLN H 78 46.87 -22.97 12.96
CA GLN H 78 46.93 -21.52 13.14
C GLN H 78 46.51 -20.82 11.84
N GLU H 79 46.99 -21.34 10.71
CA GLU H 79 46.67 -20.77 9.42
C GLU H 79 45.17 -20.89 9.15
N GLU H 80 44.60 -22.03 9.53
CA GLU H 80 43.18 -22.27 9.34
C GLU H 80 42.35 -21.30 10.15
N GLU H 81 42.71 -21.10 11.42
CA GLU H 81 41.98 -20.18 12.27
C GLU H 81 42.24 -18.72 11.87
N PHE H 82 43.41 -18.45 11.31
CA PHE H 82 43.76 -17.10 10.89
C PHE H 82 42.91 -16.68 9.70
N SER H 83 42.66 -17.61 8.79
CA SER H 83 41.85 -17.31 7.62
C SER H 83 40.41 -17.06 8.03
N LEU H 84 39.92 -17.83 9.00
CA LEU H 84 38.56 -17.67 9.48
C LEU H 84 38.41 -16.26 10.05
N GLU H 85 39.36 -15.86 10.90
CA GLU H 85 39.35 -14.53 11.52
C GLU H 85 39.28 -13.47 10.43
N LEU H 86 40.16 -13.61 9.46
CA LEU H 86 40.24 -12.68 8.34
C LEU H 86 38.89 -12.56 7.62
N ARG H 87 38.36 -13.69 7.18
CA ARG H 87 37.08 -13.70 6.47
C ARG H 87 36.01 -13.06 7.31
N ASN H 88 35.89 -13.52 8.55
CA ASN H 88 34.90 -12.98 9.49
C ASN H 88 35.08 -11.49 9.65
N ARG H 89 36.31 -11.08 9.95
CA ARG H 89 36.64 -9.67 10.14
C ARG H 89 36.12 -8.80 9.01
N ASP H 90 36.36 -9.23 7.78
CA ASP H 90 35.92 -8.47 6.62
C ASP H 90 34.42 -8.37 6.51
N ARG H 91 33.72 -9.37 7.02
CA ARG H 91 32.26 -9.38 6.97
C ARG H 91 31.71 -8.32 7.93
N GLU H 92 32.31 -8.25 9.12
CA GLU H 92 31.88 -7.29 10.12
C GLU H 92 32.09 -5.87 9.62
N ARG H 93 33.16 -5.65 8.88
CA ARG H 93 33.44 -4.32 8.36
C ARG H 93 32.32 -3.92 7.41
N LYS H 94 31.78 -4.90 6.67
CA LYS H 94 30.68 -4.67 5.73
C LYS H 94 29.41 -4.34 6.48
N LEU H 95 29.18 -5.08 7.56
CA LEU H 95 28.01 -4.87 8.41
C LEU H 95 28.06 -3.45 9.00
N ILE H 96 29.23 -3.06 9.50
CA ILE H 96 29.39 -1.74 10.08
C ILE H 96 29.09 -0.65 9.06
N LYS H 97 29.53 -0.84 7.82
CA LYS H 97 29.28 0.13 6.79
C LYS H 97 27.80 0.21 6.48
N LYS H 98 27.12 -0.92 6.64
CA LYS H 98 25.68 -0.98 6.40
C LYS H 98 24.94 -0.22 7.49
N ILE H 99 25.38 -0.42 8.73
CA ILE H 99 24.77 0.27 9.86
C ILE H 99 24.98 1.77 9.70
N GLU H 100 26.19 2.16 9.30
CA GLU H 100 26.50 3.57 9.09
C GLU H 100 25.53 4.14 8.06
N LYS H 101 25.26 3.36 7.01
CA LYS H 101 24.35 3.78 5.97
C LYS H 101 22.97 3.94 6.56
N THR H 102 22.60 3.00 7.43
CA THR H 102 21.29 3.03 8.07
C THR H 102 21.18 4.22 9.04
N LEU H 103 22.29 4.56 9.68
CA LEU H 103 22.27 5.69 10.62
C LEU H 103 22.05 7.02 9.90
N LYS H 104 22.38 7.06 8.62
CA LYS H 104 22.17 8.27 7.85
C LYS H 104 20.72 8.35 7.42
N LYS H 105 20.08 7.19 7.30
CA LYS H 105 18.67 7.15 6.92
C LYS H 105 17.89 7.71 8.10
N VAL H 106 18.39 7.42 9.31
CA VAL H 106 17.78 7.92 10.55
C VAL H 106 17.96 9.44 10.60
N GLU H 107 19.20 9.88 10.40
CA GLU H 107 19.54 11.29 10.40
C GLU H 107 18.71 12.02 9.34
N ASP H 108 18.51 11.35 8.20
CA ASP H 108 17.75 11.93 7.12
C ASP H 108 16.24 11.75 7.31
N GLU H 109 15.86 11.06 8.37
CA GLU H 109 14.45 10.81 8.67
C GLU H 109 13.75 9.99 7.58
N ASP H 110 14.49 9.09 6.97
CA ASP H 110 13.96 8.22 5.92
C ASP H 110 14.10 6.79 6.44
N PHE H 111 13.99 6.66 7.75
CA PHE H 111 14.13 5.38 8.42
C PHE H 111 12.78 4.79 8.83
N GLY H 112 12.66 3.45 8.75
CA GLY H 112 11.45 2.79 9.17
C GLY H 112 10.46 2.26 8.16
N TYR H 113 10.71 2.50 6.88
CA TYR H 113 9.77 2.03 5.87
C TYR H 113 10.39 1.07 4.85
N CYS H 114 9.56 0.24 4.25
CA CYS H 114 10.01 -0.73 3.26
C CYS H 114 10.53 0.00 2.03
N GLU H 115 11.67 -0.43 1.51
CA GLU H 115 12.25 0.23 0.36
C GLU H 115 11.58 -0.12 -0.96
N SER H 116 10.90 -1.27 -1.00
CA SER H 116 10.22 -1.72 -2.21
C SER H 116 8.86 -1.05 -2.33
N CYS H 117 8.02 -1.22 -1.31
CA CYS H 117 6.71 -0.61 -1.26
C CYS H 117 6.84 0.39 -0.12
N GLY H 118 6.10 1.49 -0.14
CA GLY H 118 6.26 2.49 0.91
C GLY H 118 5.93 2.08 2.35
N VAL H 119 5.32 0.91 2.49
CA VAL H 119 4.93 0.38 3.80
C VAL H 119 5.91 0.59 4.94
N GLU H 120 5.36 0.75 6.13
CA GLU H 120 6.19 0.93 7.31
C GLU H 120 6.58 -0.45 7.80
N ILE H 121 7.82 -0.59 8.26
CA ILE H 121 8.27 -1.87 8.78
C ILE H 121 7.94 -1.85 10.27
N GLY H 122 7.54 -2.98 10.83
CA GLY H 122 7.20 -2.97 12.25
C GLY H 122 8.21 -2.35 13.20
N ILE H 123 7.71 -1.76 14.29
CA ILE H 123 8.59 -1.17 15.28
C ILE H 123 9.32 -2.32 15.94
N ARG H 124 8.57 -3.33 16.33
CA ARG H 124 9.18 -4.49 16.97
C ARG H 124 10.05 -5.25 15.99
N ARG H 125 9.71 -5.17 14.71
CA ARG H 125 10.52 -5.84 13.68
C ARG H 125 11.87 -5.12 13.51
N LEU H 126 11.83 -3.79 13.57
CA LEU H 126 13.04 -3.00 13.46
C LEU H 126 13.88 -3.16 14.71
N GLU H 127 13.24 -3.50 15.83
CA GLU H 127 13.98 -3.70 17.07
C GLU H 127 14.75 -5.00 16.96
N ALA H 128 14.25 -5.89 16.11
CA ALA H 128 14.87 -7.19 15.89
C ALA H 128 16.07 -6.99 14.94
N ARG H 129 15.83 -6.35 13.80
CA ARG H 129 16.88 -6.07 12.82
C ARG H 129 16.65 -4.64 12.37
N PRO H 130 17.19 -3.66 13.13
CA PRO H 130 17.05 -2.24 12.81
C PRO H 130 17.60 -1.85 11.44
N THR H 131 18.34 -2.77 10.83
CA THR H 131 18.94 -2.53 9.53
C THR H 131 18.03 -2.99 8.39
N ALA H 132 16.83 -3.45 8.73
CA ALA H 132 15.86 -3.93 7.74
C ALA H 132 15.54 -2.96 6.61
N ASP H 133 15.60 -3.46 5.38
CA ASP H 133 15.33 -2.66 4.19
C ASP H 133 13.95 -2.93 3.60
N LEU H 134 13.44 -4.14 3.81
CA LEU H 134 12.17 -4.53 3.26
C LEU H 134 11.15 -4.91 4.32
N CYS H 135 9.88 -4.81 3.95
CA CYS H 135 8.82 -5.14 4.88
C CYS H 135 8.63 -6.66 4.79
N ILE H 136 7.97 -7.26 5.78
CA ILE H 136 7.79 -8.71 5.79
C ILE H 136 7.16 -9.28 4.53
N ASP H 137 6.18 -8.58 3.98
CA ASP H 137 5.49 -9.04 2.76
C ASP H 137 6.41 -9.08 1.55
N CYS H 138 7.10 -7.99 1.27
CA CYS H 138 8.02 -7.93 0.14
C CYS H 138 9.16 -8.92 0.36
N LYS H 139 9.60 -9.04 1.60
CA LYS H 139 10.68 -9.94 1.95
C LYS H 139 10.26 -11.36 1.66
N THR H 140 9.07 -11.73 2.12
CA THR H 140 8.56 -13.07 1.92
C THR H 140 8.28 -13.37 0.44
N LEU H 141 7.68 -12.40 -0.24
CA LEU H 141 7.36 -12.55 -1.64
C LEU H 141 8.64 -12.83 -2.42
N ALA H 142 9.70 -12.12 -2.05
CA ALA H 142 11.00 -12.27 -2.69
C ALA H 142 11.52 -13.68 -2.49
N GLU H 143 11.35 -14.21 -1.28
CA GLU H 143 11.81 -15.56 -0.97
C GLU H 143 11.01 -16.58 -1.77
N ILE H 144 9.73 -16.31 -1.96
CA ILE H 144 8.88 -17.23 -2.71
C ILE H 144 9.32 -17.22 -4.17
N ARG H 145 9.47 -16.03 -4.75
CA ARG H 145 9.88 -15.89 -6.15
C ARG H 145 11.18 -16.66 -6.36
N GLU H 146 12.07 -16.54 -5.39
CA GLU H 146 13.36 -17.21 -5.41
C GLU H 146 13.20 -18.71 -5.68
N LYS H 147 12.49 -19.41 -4.80
CA LYS H 147 12.27 -20.84 -4.94
C LYS H 147 11.69 -21.23 -6.30
N GLN H 148 10.89 -20.34 -6.88
CA GLN H 148 10.24 -20.62 -8.15
C GLN H 148 11.10 -20.24 -9.36
N MET H 149 11.75 -19.08 -9.29
CA MET H 149 12.58 -18.64 -10.40
C MET H 149 13.85 -19.47 -10.43
N ALA H 150 14.15 -20.09 -9.29
CA ALA H 150 15.32 -20.95 -9.14
C ALA H 150 15.00 -22.36 -9.61
N GLY H 151 14.31 -23.10 -8.75
CA GLY H 151 13.95 -24.47 -9.08
C GLY H 151 13.00 -24.55 -10.26
N ARG I 7 39.45 -45.40 29.39
CA ARG I 7 40.64 -44.76 30.02
C ARG I 7 41.18 -45.63 31.16
N LYS I 8 42.45 -46.02 31.06
CA LYS I 8 43.09 -46.87 32.05
C LYS I 8 43.24 -46.22 33.43
N THR I 9 42.12 -46.09 34.15
CA THR I 9 42.11 -45.50 35.49
C THR I 9 41.52 -46.52 36.47
N SER I 10 42.05 -46.57 37.69
CA SER I 10 41.54 -47.48 38.70
C SER I 10 40.05 -47.17 38.88
N SER I 11 39.75 -45.88 39.02
CA SER I 11 38.38 -45.40 39.17
C SER I 11 37.80 -45.29 37.76
N LEU I 12 36.75 -46.06 37.49
CA LEU I 12 36.08 -46.11 36.19
C LEU I 12 36.42 -44.96 35.25
N SER I 13 36.80 -45.32 34.04
CA SER I 13 37.13 -44.34 33.03
C SER I 13 35.93 -43.41 32.86
N ILE I 14 34.81 -43.75 33.49
CA ILE I 14 33.60 -42.94 33.44
C ILE I 14 33.81 -41.63 34.17
N LEU I 15 34.42 -41.68 35.35
CA LEU I 15 34.71 -40.47 36.10
C LEU I 15 35.79 -39.77 35.31
N ALA I 16 36.56 -40.54 34.55
CA ALA I 16 37.62 -40.01 33.70
C ALA I 16 36.99 -39.33 32.48
N ILE I 17 36.01 -40.01 31.89
CA ILE I 17 35.30 -39.49 30.73
C ILE I 17 34.79 -38.10 31.04
N ALA I 18 34.24 -37.94 32.23
CA ALA I 18 33.77 -36.64 32.68
C ALA I 18 35.01 -36.03 33.33
N GLY I 19 35.05 -34.71 33.51
CA GLY I 19 36.20 -34.11 34.13
C GLY I 19 36.04 -34.18 35.64
N VAL I 20 35.33 -35.22 36.07
CA VAL I 20 35.02 -35.45 37.48
C VAL I 20 36.02 -36.27 38.31
N GLU I 21 36.16 -35.88 39.57
CA GLU I 21 37.02 -36.56 40.53
C GLU I 21 36.06 -37.21 41.52
N PRO I 22 36.41 -38.39 42.07
CA PRO I 22 35.55 -39.07 43.04
C PRO I 22 34.97 -38.11 44.07
N TYR I 23 33.67 -38.23 44.35
CA TYR I 23 33.08 -37.28 45.27
C TYR I 23 33.63 -37.32 46.68
N GLN I 24 34.02 -36.15 47.18
CA GLN I 24 34.56 -36.02 48.53
C GLN I 24 33.43 -35.70 49.51
N GLU I 25 32.79 -36.75 50.00
CA GLU I 25 31.68 -36.64 50.94
C GLU I 25 32.10 -36.03 52.27
N LYS I 26 31.48 -34.92 52.65
CA LYS I 26 31.76 -34.24 53.91
C LYS I 26 30.97 -34.91 55.03
N PRO I 27 31.43 -34.73 56.29
CA PRO I 27 30.80 -35.31 57.50
C PRO I 27 29.27 -35.39 57.55
N GLY I 28 28.61 -34.25 57.74
CA GLY I 28 27.16 -34.26 57.84
C GLY I 28 26.33 -33.90 56.63
N GLU I 29 26.84 -34.11 55.42
CA GLU I 29 26.04 -33.79 54.22
C GLU I 29 24.91 -34.78 54.04
N GLU I 30 23.79 -34.33 53.50
CA GLU I 30 22.65 -35.23 53.30
C GLU I 30 23.00 -36.21 52.19
N TYR I 31 22.34 -37.35 52.15
CA TYR I 31 22.65 -38.34 51.12
C TYR I 31 22.62 -37.83 49.68
N MET I 32 21.60 -38.17 48.91
CA MET I 32 21.55 -37.69 47.52
C MET I 32 21.13 -36.24 47.52
N ASN I 33 22.00 -35.46 48.12
CA ASN I 33 21.78 -34.05 48.29
C ASN I 33 22.14 -33.27 47.04
N GLU I 34 21.84 -31.98 47.06
CA GLU I 34 22.11 -31.11 45.92
C GLU I 34 23.51 -31.24 45.35
N ALA I 35 24.51 -31.27 46.23
CA ALA I 35 25.90 -31.38 45.80
C ALA I 35 26.21 -32.71 45.14
N GLN I 36 25.58 -33.76 45.65
CA GLN I 36 25.81 -35.09 45.11
C GLN I 36 25.13 -35.29 43.76
N LEU I 37 23.87 -34.90 43.64
CA LEU I 37 23.19 -35.08 42.37
C LEU I 37 23.71 -34.12 41.29
N ALA I 38 24.30 -33.01 41.72
CA ALA I 38 24.88 -32.06 40.77
C ALA I 38 26.10 -32.75 40.20
N HIS I 39 26.73 -33.56 41.05
CA HIS I 39 27.93 -34.33 40.70
C HIS I 39 27.59 -35.39 39.66
N PHE I 40 26.54 -36.17 39.93
CA PHE I 40 26.14 -37.21 39.00
C PHE I 40 25.49 -36.67 37.73
N ARG I 41 24.87 -35.49 37.82
CA ARG I 41 24.26 -34.88 36.64
C ARG I 41 25.36 -34.51 35.68
N ARG I 42 26.45 -33.98 36.23
CA ARG I 42 27.62 -33.59 35.45
C ARG I 42 28.18 -34.83 34.75
N ILE I 43 28.34 -35.92 35.51
CA ILE I 43 28.90 -37.14 34.94
C ILE I 43 28.03 -37.71 33.81
N LEU I 44 26.72 -37.76 34.03
CA LEU I 44 25.81 -38.28 33.03
C LEU I 44 25.80 -37.43 31.78
N GLU I 45 25.84 -36.12 31.96
CA GLU I 45 25.86 -35.20 30.83
C GLU I 45 27.15 -35.33 30.03
N ALA I 46 28.27 -35.43 30.72
CA ALA I 46 29.57 -35.56 30.05
C ALA I 46 29.63 -36.86 29.28
N TRP I 47 29.12 -37.92 29.91
CA TRP I 47 29.11 -39.24 29.31
C TRP I 47 28.24 -39.22 28.04
N ARG I 48 27.07 -38.61 28.15
CA ARG I 48 26.14 -38.51 27.02
C ARG I 48 26.76 -37.72 25.89
N ASN I 49 27.38 -36.60 26.20
CA ASN I 49 27.99 -35.76 25.17
C ASN I 49 29.13 -36.47 24.47
N GLN I 50 29.83 -37.31 25.21
CA GLN I 50 30.94 -38.06 24.64
C GLN I 50 30.40 -39.09 23.66
N LEU I 51 29.38 -39.82 24.08
CA LEU I 51 28.74 -40.84 23.24
C LEU I 51 28.19 -40.24 21.94
N ARG I 52 27.58 -39.07 22.05
CA ARG I 52 27.02 -38.39 20.90
C ARG I 52 28.09 -38.03 19.89
N ASP I 53 29.26 -37.64 20.38
CA ASP I 53 30.36 -37.28 19.50
C ASP I 53 30.87 -38.53 18.79
N GLU I 54 30.83 -39.66 19.48
CA GLU I 54 31.28 -40.92 18.91
C GLU I 54 30.35 -41.37 17.81
N VAL I 55 29.05 -41.21 18.04
CA VAL I 55 28.08 -41.61 17.04
C VAL I 55 28.24 -40.75 15.79
N ASP I 56 28.53 -39.47 15.98
CA ASP I 56 28.71 -38.54 14.85
C ASP I 56 29.95 -38.92 14.05
N ARG I 57 31.05 -39.20 14.75
CA ARG I 57 32.27 -39.59 14.07
C ARG I 57 32.04 -40.89 13.31
N THR I 58 31.27 -41.79 13.91
CA THR I 58 30.98 -43.08 13.28
C THR I 58 30.19 -42.87 11.99
N VAL I 59 29.12 -42.08 12.07
CA VAL I 59 28.29 -41.79 10.92
C VAL I 59 29.12 -41.16 9.81
N THR I 60 30.00 -40.24 10.20
CA THR I 60 30.87 -39.56 9.25
C THR I 60 31.81 -40.54 8.57
N HIS I 61 32.36 -41.47 9.36
CA HIS I 61 33.26 -42.45 8.81
C HIS I 61 32.50 -43.33 7.85
N MET I 62 31.31 -43.75 8.27
CA MET I 62 30.46 -44.60 7.45
C MET I 62 30.17 -43.96 6.09
N GLN I 63 29.94 -42.65 6.10
CA GLN I 63 29.64 -41.91 4.87
C GLN I 63 30.87 -41.81 3.99
N ASP I 64 32.04 -41.75 4.61
CA ASP I 64 33.27 -41.68 3.84
C ASP I 64 33.50 -43.04 3.19
N GLU I 65 33.12 -44.09 3.91
CA GLU I 65 33.26 -45.43 3.39
C GLU I 65 32.35 -45.61 2.18
N ALA I 66 31.14 -45.08 2.27
CA ALA I 66 30.17 -45.18 1.17
C ALA I 66 30.65 -44.44 -0.06
N ALA I 67 31.51 -43.45 0.16
CA ALA I 67 32.05 -42.63 -0.92
C ALA I 67 33.34 -43.20 -1.51
N ASN I 68 34.21 -43.73 -0.65
CA ASN I 68 35.46 -44.30 -1.14
C ASN I 68 35.27 -45.77 -1.53
N PHE I 69 35.57 -46.07 -2.79
CA PHE I 69 35.46 -47.42 -3.33
C PHE I 69 36.72 -48.24 -3.05
N PRO I 70 36.56 -49.36 -2.34
CA PRO I 70 37.67 -50.25 -1.99
C PRO I 70 38.14 -51.08 -3.17
N ASP I 71 39.33 -51.65 -3.03
CA ASP I 71 39.88 -52.51 -4.08
C ASP I 71 39.13 -53.82 -3.96
N PRO I 72 38.85 -54.49 -5.09
CA PRO I 72 38.12 -55.77 -5.05
C PRO I 72 38.52 -56.68 -3.89
N VAL I 73 39.80 -56.67 -3.54
CA VAL I 73 40.34 -57.48 -2.45
C VAL I 73 39.84 -57.10 -1.06
N ASP I 74 39.70 -55.79 -0.82
CA ASP I 74 39.26 -55.28 0.47
C ASP I 74 37.77 -54.97 0.56
N ARG I 75 36.98 -55.48 -0.39
CA ARG I 75 35.55 -55.22 -0.37
C ARG I 75 34.84 -55.95 0.78
N ALA I 76 35.07 -57.24 0.92
CA ALA I 76 34.47 -58.04 1.99
C ALA I 76 34.90 -57.53 3.37
N ALA I 77 36.08 -56.92 3.42
CA ALA I 77 36.63 -56.37 4.65
C ALA I 77 35.95 -55.04 5.01
N GLN I 78 35.60 -54.25 4.01
CA GLN I 78 34.94 -52.98 4.25
C GLN I 78 33.51 -53.21 4.72
N GLU I 79 32.84 -54.16 4.07
CA GLU I 79 31.46 -54.48 4.43
C GLU I 79 31.38 -55.03 5.85
N GLU I 80 32.35 -55.87 6.20
CA GLU I 80 32.43 -56.47 7.53
C GLU I 80 32.59 -55.39 8.60
N GLU I 81 33.52 -54.48 8.38
CA GLU I 81 33.77 -53.39 9.32
C GLU I 81 32.63 -52.38 9.35
N PHE I 82 31.95 -52.22 8.21
CA PHE I 82 30.84 -51.29 8.12
C PHE I 82 29.65 -51.79 8.96
N SER I 83 29.43 -53.11 8.94
CA SER I 83 28.33 -53.68 9.70
C SER I 83 28.61 -53.53 11.19
N LEU I 84 29.87 -53.73 11.59
CA LEU I 84 30.27 -53.61 12.99
C LEU I 84 29.99 -52.20 13.46
N GLU I 85 30.39 -51.22 12.67
CA GLU I 85 30.17 -49.82 13.00
C GLU I 85 28.68 -49.58 13.19
N LEU I 86 27.90 -50.02 12.22
CA LEU I 86 26.46 -49.87 12.26
C LEU I 86 25.87 -50.46 13.55
N ARG I 87 26.15 -51.73 13.80
CA ARG I 87 25.65 -52.39 15.00
C ARG I 87 26.04 -51.64 16.26
N ASN I 88 27.33 -51.35 16.36
CA ASN I 88 27.85 -50.63 17.50
C ASN I 88 27.15 -49.28 17.66
N ARG I 89 27.11 -48.53 16.56
CA ARG I 89 26.49 -47.22 16.56
C ARG I 89 25.09 -47.25 17.15
N ASP I 90 24.29 -48.23 16.73
CA ASP I 90 22.92 -48.36 17.22
C ASP I 90 22.86 -48.67 18.71
N ARG I 91 23.88 -49.32 19.23
CA ARG I 91 23.91 -49.65 20.64
C ARG I 91 24.18 -48.39 21.46
N GLU I 92 25.09 -47.55 20.97
CA GLU I 92 25.43 -46.31 21.64
C GLU I 92 24.23 -45.40 21.72
N ARG I 93 23.42 -45.40 20.67
CA ARG I 93 22.22 -44.56 20.64
C ARG I 93 21.26 -44.99 21.73
N LYS I 94 21.22 -46.29 22.01
CA LYS I 94 20.36 -46.85 23.06
C LYS I 94 20.89 -46.43 24.43
N LEU I 95 22.21 -46.49 24.57
CA LEU I 95 22.88 -46.10 25.81
C LEU I 95 22.58 -44.63 26.08
N ILE I 96 22.72 -43.80 25.05
CA ILE I 96 22.45 -42.38 25.17
C ILE I 96 21.03 -42.13 25.63
N LYS I 97 20.07 -42.86 25.08
CA LYS I 97 18.69 -42.70 25.47
C LYS I 97 18.49 -43.11 26.93
N LYS I 98 19.29 -44.09 27.37
CA LYS I 98 19.19 -44.55 28.75
C LYS I 98 19.74 -43.47 29.69
N ILE I 99 20.85 -42.87 29.30
CA ILE I 99 21.45 -41.82 30.09
C ILE I 99 20.46 -40.66 30.19
N GLU I 100 19.83 -40.30 29.08
CA GLU I 100 18.86 -39.21 29.07
C GLU I 100 17.75 -39.52 30.07
N LYS I 101 17.32 -40.78 30.09
CA LYS I 101 16.27 -41.23 31.00
C LYS I 101 16.74 -41.07 32.44
N THR I 102 18.01 -41.41 32.67
CA THR I 102 18.61 -41.31 33.99
C THR I 102 18.77 -39.86 34.41
N LEU I 103 19.06 -38.98 33.44
CA LEU I 103 19.21 -37.56 33.74
C LEU I 103 17.88 -36.94 34.18
N LYS I 104 16.77 -37.54 33.77
CA LYS I 104 15.47 -37.03 34.16
C LYS I 104 15.16 -37.50 35.57
N LYS I 105 15.73 -38.63 35.95
CA LYS I 105 15.53 -39.18 37.30
C LYS I 105 16.25 -38.22 38.24
N VAL I 106 17.39 -37.69 37.78
CA VAL I 106 18.17 -36.74 38.56
C VAL I 106 17.37 -35.44 38.71
N GLU I 107 16.87 -34.95 37.58
CA GLU I 107 16.08 -33.73 37.55
C GLU I 107 14.84 -33.90 38.43
N ASP I 108 14.27 -35.10 38.40
CA ASP I 108 13.07 -35.40 39.19
C ASP I 108 13.42 -35.74 40.64
N GLU I 109 14.71 -35.78 40.95
CA GLU I 109 15.18 -36.12 42.29
C GLU I 109 14.73 -37.50 42.71
N ASP I 110 14.49 -38.35 41.71
CA ASP I 110 14.12 -39.71 41.99
C ASP I 110 15.31 -40.55 41.57
N PHE I 111 16.49 -39.96 41.70
CA PHE I 111 17.73 -40.61 41.32
C PHE I 111 18.51 -41.11 42.53
N GLY I 112 19.18 -42.25 42.37
CA GLY I 112 19.99 -42.79 43.44
C GLY I 112 19.51 -43.95 44.28
N TYR I 113 18.29 -44.41 44.06
CA TYR I 113 17.77 -45.51 44.84
C TYR I 113 17.38 -46.74 44.02
N CYS I 114 17.41 -47.91 44.65
CA CYS I 114 17.07 -49.14 43.98
C CYS I 114 15.59 -49.12 43.59
N GLU I 115 15.30 -49.57 42.37
CA GLU I 115 13.92 -49.57 41.89
C GLU I 115 13.06 -50.70 42.44
N SER I 116 13.70 -51.78 42.89
CA SER I 116 12.98 -52.93 43.44
C SER I 116 12.63 -52.68 44.92
N CYS I 117 13.65 -52.43 45.71
CA CYS I 117 13.48 -52.13 47.14
C CYS I 117 13.88 -50.65 47.22
N GLY I 118 13.35 -49.89 48.17
CA GLY I 118 13.69 -48.48 48.22
C GLY I 118 15.13 -48.09 48.52
N VAL I 119 15.93 -49.08 48.89
CA VAL I 119 17.33 -48.85 49.25
C VAL I 119 18.10 -47.90 48.35
N GLU I 120 19.05 -47.20 48.95
CA GLU I 120 19.89 -46.28 48.20
C GLU I 120 21.01 -47.09 47.56
N ILE I 121 21.38 -46.71 46.33
CA ILE I 121 22.45 -47.40 45.63
C ILE I 121 23.70 -46.60 45.99
N GLY I 122 24.81 -47.29 46.19
CA GLY I 122 26.03 -46.59 46.57
C GLY I 122 26.41 -45.38 45.73
N ILE I 123 27.02 -44.38 46.36
CA ILE I 123 27.45 -43.21 45.62
C ILE I 123 28.58 -43.65 44.71
N ARG I 124 29.53 -44.39 45.27
CA ARG I 124 30.65 -44.88 44.47
C ARG I 124 30.17 -45.89 43.43
N ARG I 125 29.07 -46.57 43.72
CA ARG I 125 28.51 -47.55 42.79
C ARG I 125 27.87 -46.80 41.62
N LEU I 126 27.20 -45.69 41.91
CA LEU I 126 26.58 -44.89 40.86
C LEU I 126 27.64 -44.18 40.04
N GLU I 127 28.81 -43.97 40.63
CA GLU I 127 29.89 -43.32 39.91
C GLU I 127 30.43 -44.32 38.89
N ALA I 128 30.25 -45.60 39.19
CA ALA I 128 30.72 -46.66 38.32
C ALA I 128 29.73 -46.79 37.16
N ARG I 129 28.45 -46.93 37.50
CA ARG I 129 27.38 -47.05 36.49
C ARG I 129 26.24 -46.17 36.97
N PRO I 130 26.32 -44.86 36.66
CA PRO I 130 25.30 -43.90 37.07
C PRO I 130 23.88 -44.22 36.56
N THR I 131 23.81 -45.18 35.64
CA THR I 131 22.54 -45.59 35.07
C THR I 131 21.91 -46.76 35.82
N ALA I 132 22.54 -47.16 36.93
CA ALA I 132 22.07 -48.27 37.75
C ALA I 132 20.61 -48.16 38.25
N ASP I 133 19.84 -49.22 38.06
CA ASP I 133 18.44 -49.27 38.45
C ASP I 133 18.21 -50.07 39.73
N LEU I 134 19.07 -51.03 39.99
CA LEU I 134 18.93 -51.88 41.16
C LEU I 134 20.11 -51.87 42.09
N CYS I 135 19.85 -52.30 43.32
CA CYS I 135 20.90 -52.35 44.32
C CYS I 135 21.52 -53.74 44.14
N ILE I 136 22.71 -53.95 44.68
CA ILE I 136 23.39 -55.22 44.52
C ILE I 136 22.57 -56.43 44.98
N ASP I 137 21.85 -56.26 46.07
CA ASP I 137 21.03 -57.36 46.60
C ASP I 137 19.90 -57.77 45.66
N CYS I 138 19.10 -56.81 45.22
CA CYS I 138 18.00 -57.09 44.32
C CYS I 138 18.54 -57.60 42.99
N LYS I 139 19.65 -57.02 42.57
CA LYS I 139 20.27 -57.42 41.31
C LYS I 139 20.67 -58.88 41.38
N THR I 140 21.33 -59.24 42.47
CA THR I 140 21.78 -60.61 42.68
C THR I 140 20.63 -61.59 42.84
N LEU I 141 19.66 -61.19 43.65
CA LEU I 141 18.50 -62.03 43.90
C LEU I 141 17.83 -62.33 42.57
N ALA I 142 17.75 -61.32 41.72
CA ALA I 142 17.14 -61.47 40.40
C ALA I 142 17.89 -62.50 39.57
N GLU I 143 19.22 -62.45 39.62
CA GLU I 143 20.03 -63.38 38.89
C GLU I 143 19.85 -64.80 39.42
N ILE I 144 19.65 -64.92 40.73
CA ILE I 144 19.46 -66.23 41.32
C ILE I 144 18.11 -66.79 40.88
N ARG I 145 17.07 -65.98 41.00
CA ARG I 145 15.73 -66.41 40.61
C ARG I 145 15.79 -66.91 39.18
N GLU I 146 16.52 -66.17 38.35
CA GLU I 146 16.70 -66.49 36.94
C GLU I 146 17.11 -67.95 36.75
N LYS I 147 18.27 -68.31 37.30
CA LYS I 147 18.80 -69.65 37.17
C LYS I 147 17.82 -70.72 37.65
N GLN I 148 16.97 -70.37 38.61
CA GLN I 148 15.99 -71.32 39.16
C GLN I 148 14.65 -71.35 38.41
N MET I 149 14.16 -70.18 38.02
CA MET I 149 12.92 -70.10 37.26
C MET I 149 13.17 -70.58 35.83
N ALA I 150 14.42 -70.53 35.41
CA ALA I 150 14.83 -70.96 34.07
C ALA I 150 15.08 -72.47 34.04
N GLY I 151 16.22 -72.88 34.58
CA GLY I 151 16.56 -74.30 34.62
C GLY I 151 15.66 -75.13 35.51
N ARG J 7 2.44 -19.98 -28.70
CA ARG J 7 3.87 -20.03 -28.26
C ARG J 7 3.99 -20.69 -26.88
N LYS J 8 4.78 -21.76 -26.81
CA LYS J 8 4.98 -22.51 -25.57
C LYS J 8 5.70 -21.72 -24.47
N THR J 9 5.00 -20.77 -23.86
CA THR J 9 5.54 -19.94 -22.79
C THR J 9 4.65 -20.10 -21.54
N SER J 10 5.26 -20.11 -20.36
CA SER J 10 4.50 -20.22 -19.11
C SER J 10 3.51 -19.07 -19.09
N SER J 11 4.02 -17.87 -19.39
CA SER J 11 3.19 -16.66 -19.44
C SER J 11 2.56 -16.62 -20.84
N LEU J 12 1.23 -16.69 -20.86
CA LEU J 12 0.45 -16.69 -22.10
C LEU J 12 1.20 -16.26 -23.35
N SER J 13 1.10 -17.09 -24.38
CA SER J 13 1.75 -16.80 -25.65
C SER J 13 1.28 -15.45 -26.13
N ILE J 14 0.29 -14.87 -25.44
CA ILE J 14 -0.25 -13.56 -25.79
C ILE J 14 0.79 -12.47 -25.53
N LEU J 15 1.46 -12.55 -24.38
CA LEU J 15 2.50 -11.58 -24.07
C LEU J 15 3.65 -11.90 -25.01
N ALA J 16 3.69 -13.16 -25.45
CA ALA J 16 4.71 -13.62 -26.39
C ALA J 16 4.38 -13.09 -27.78
N ILE J 17 3.10 -13.19 -28.15
CA ILE J 17 2.60 -12.71 -29.43
C ILE J 17 3.06 -11.26 -29.60
N ALA J 18 2.89 -10.48 -28.55
CA ALA J 18 3.32 -9.09 -28.55
C ALA J 18 4.78 -9.18 -28.10
N GLY J 19 5.59 -8.15 -28.36
CA GLY J 19 6.96 -8.20 -27.93
C GLY J 19 7.04 -7.74 -26.48
N VAL J 20 5.95 -7.99 -25.75
CA VAL J 20 5.82 -7.59 -24.36
C VAL J 20 6.30 -8.57 -23.29
N GLU J 21 6.85 -8.00 -22.22
CA GLU J 21 7.33 -8.74 -21.07
C GLU J 21 6.33 -8.40 -19.94
N PRO J 22 6.07 -9.35 -19.02
CA PRO J 22 5.14 -9.10 -17.92
C PRO J 22 5.39 -7.75 -17.26
N TYR J 23 4.32 -7.03 -16.93
CA TYR J 23 4.54 -5.72 -16.33
C TYR J 23 5.06 -5.80 -14.91
N GLN J 24 6.15 -5.08 -14.67
CA GLN J 24 6.78 -5.03 -13.36
C GLN J 24 6.19 -3.86 -12.57
N GLU J 25 5.08 -4.13 -11.89
CA GLU J 25 4.40 -3.12 -11.09
C GLU J 25 5.23 -2.64 -9.89
N LYS J 26 5.49 -1.35 -9.84
CA LYS J 26 6.25 -0.76 -8.76
C LYS J 26 5.34 -0.51 -7.56
N PRO J 27 5.92 -0.36 -6.36
CA PRO J 27 5.18 -0.13 -5.10
C PRO J 27 3.96 0.77 -5.13
N GLY J 28 4.19 2.07 -5.25
CA GLY J 28 3.09 3.01 -5.25
C GLY J 28 2.56 3.54 -6.58
N GLU J 29 2.73 2.78 -7.67
CA GLU J 29 2.21 3.28 -8.95
C GLU J 29 0.69 3.30 -8.86
N GLU J 30 0.07 4.43 -9.20
CA GLU J 30 -1.37 4.46 -9.17
C GLU J 30 -1.76 3.31 -10.09
N TYR J 31 -2.99 2.81 -9.98
CA TYR J 31 -3.39 1.68 -10.82
C TYR J 31 -3.16 1.89 -12.32
N MET J 32 -4.22 2.14 -13.10
CA MET J 32 -4.01 2.30 -14.53
C MET J 32 -3.39 3.63 -14.93
N ASN J 33 -2.06 3.69 -14.79
CA ASN J 33 -1.31 4.90 -15.15
C ASN J 33 -0.80 4.81 -16.59
N GLU J 34 -0.24 5.90 -17.10
CA GLU J 34 0.28 5.98 -18.45
C GLU J 34 1.13 4.79 -18.87
N ALA J 35 2.07 4.41 -18.02
CA ALA J 35 2.97 3.28 -18.30
C ALA J 35 2.22 1.96 -18.37
N GLN J 36 1.22 1.80 -17.53
CA GLN J 36 0.44 0.56 -17.50
C GLN J 36 -0.49 0.41 -18.71
N LEU J 37 -1.23 1.46 -19.05
CA LEU J 37 -2.13 1.39 -20.18
C LEU J 37 -1.36 1.35 -21.51
N ALA J 38 -0.14 1.89 -21.52
CA ALA J 38 0.67 1.87 -22.72
C ALA J 38 1.06 0.42 -22.94
N HIS J 39 1.23 -0.27 -21.81
CA HIS J 39 1.59 -1.69 -21.78
C HIS J 39 0.46 -2.52 -22.34
N PHE J 40 -0.75 -2.29 -21.85
CA PHE J 40 -1.88 -3.06 -22.34
C PHE J 40 -2.34 -2.65 -23.73
N ARG J 41 -2.05 -1.41 -24.14
CA ARG J 41 -2.41 -0.97 -25.48
C ARG J 41 -1.54 -1.76 -26.45
N ARG J 42 -0.27 -1.92 -26.11
CA ARG J 42 0.67 -2.66 -26.94
C ARG J 42 0.22 -4.11 -27.08
N ILE J 43 -0.16 -4.73 -25.97
CA ILE J 43 -0.61 -6.12 -25.98
C ILE J 43 -1.86 -6.30 -26.86
N LEU J 44 -2.83 -5.42 -26.70
CA LEU J 44 -4.08 -5.50 -27.46
C LEU J 44 -3.83 -5.31 -28.95
N GLU J 45 -2.96 -4.37 -29.28
CA GLU J 45 -2.62 -4.10 -30.67
C GLU J 45 -1.90 -5.28 -31.29
N ALA J 46 -0.93 -5.85 -30.57
CA ALA J 46 -0.18 -7.00 -31.07
C ALA J 46 -1.08 -8.20 -31.27
N TRP J 47 -1.99 -8.40 -30.32
CA TRP J 47 -2.91 -9.51 -30.38
C TRP J 47 -3.84 -9.33 -31.58
N ARG J 48 -4.33 -8.11 -31.77
CA ARG J 48 -5.23 -7.81 -32.88
C ARG J 48 -4.53 -8.02 -34.22
N ASN J 49 -3.30 -7.55 -34.34
CA ASN J 49 -2.54 -7.70 -35.57
C ASN J 49 -2.27 -9.15 -35.89
N GLN J 50 -2.09 -9.96 -34.86
CA GLN J 50 -1.83 -11.37 -35.05
C GLN J 50 -3.08 -12.05 -35.58
N LEU J 51 -4.21 -11.75 -34.96
CA LEU J 51 -5.49 -12.31 -35.37
C LEU J 51 -5.82 -11.94 -36.82
N ARG J 52 -5.54 -10.69 -37.19
CA ARG J 52 -5.80 -10.21 -38.55
C ARG J 52 -5.00 -11.01 -39.57
N ASP J 53 -3.75 -11.34 -39.23
CA ASP J 53 -2.89 -12.11 -40.12
C ASP J 53 -3.41 -13.54 -40.27
N GLU J 54 -3.98 -14.07 -39.20
CA GLU J 54 -4.53 -15.42 -39.21
C GLU J 54 -5.76 -15.48 -40.10
N VAL J 55 -6.59 -14.45 -40.01
CA VAL J 55 -7.81 -14.40 -40.82
C VAL J 55 -7.43 -14.31 -42.29
N ASP J 56 -6.37 -13.56 -42.60
CA ASP J 56 -5.92 -13.39 -43.97
C ASP J 56 -5.38 -14.71 -44.51
N ARG J 57 -4.57 -15.39 -43.72
CA ARG J 57 -4.01 -16.66 -44.13
C ARG J 57 -5.15 -17.65 -44.35
N THR J 58 -6.15 -17.58 -43.48
CA THR J 58 -7.31 -18.47 -43.59
C THR J 58 -8.05 -18.24 -44.89
N VAL J 59 -8.38 -16.98 -45.17
CA VAL J 59 -9.10 -16.65 -46.40
C VAL J 59 -8.30 -17.08 -47.62
N THR J 60 -6.98 -16.90 -47.57
CA THR J 60 -6.12 -17.28 -48.69
C THR J 60 -6.14 -18.79 -48.87
N HIS J 61 -6.11 -19.53 -47.77
CA HIS J 61 -6.15 -21.00 -47.84
C HIS J 61 -7.49 -21.43 -48.44
N MET J 62 -8.55 -20.81 -47.95
CA MET J 62 -9.90 -21.10 -48.42
C MET J 62 -10.04 -20.87 -49.92
N GLN J 63 -9.36 -19.84 -50.43
CA GLN J 63 -9.42 -19.53 -51.86
C GLN J 63 -8.61 -20.54 -52.65
N ASP J 64 -7.54 -21.04 -52.06
CA ASP J 64 -6.71 -22.04 -52.73
C ASP J 64 -7.50 -23.33 -52.80
N GLU J 65 -8.30 -23.59 -51.78
CA GLU J 65 -9.13 -24.78 -51.72
C GLU J 65 -10.21 -24.70 -52.80
N ALA J 66 -10.78 -23.51 -52.99
CA ALA J 66 -11.81 -23.31 -54.00
C ALA J 66 -11.23 -23.50 -55.40
N ALA J 67 -9.93 -23.30 -55.53
CA ALA J 67 -9.23 -23.43 -56.81
C ALA J 67 -8.76 -24.87 -57.09
N ASN J 68 -8.23 -25.55 -56.06
CA ASN J 68 -7.74 -26.93 -56.21
C ASN J 68 -8.86 -27.96 -55.94
N PHE J 69 -8.94 -29.07 -56.71
CA PHE J 69 -10.05 -30.01 -56.59
C PHE J 69 -9.79 -31.44 -56.08
N PRO J 70 -10.49 -31.85 -55.01
CA PRO J 70 -10.35 -33.19 -54.41
C PRO J 70 -11.03 -34.28 -55.23
N ASP J 71 -10.65 -35.53 -54.96
CA ASP J 71 -11.23 -36.66 -55.66
C ASP J 71 -12.62 -36.84 -55.05
N PRO J 72 -13.61 -37.25 -55.86
CA PRO J 72 -14.98 -37.44 -55.35
C PRO J 72 -15.03 -38.07 -53.97
N VAL J 73 -14.11 -38.99 -53.70
CA VAL J 73 -14.04 -39.69 -52.43
C VAL J 73 -13.65 -38.81 -51.24
N ASP J 74 -12.72 -37.88 -51.48
CA ASP J 74 -12.25 -36.98 -50.42
C ASP J 74 -12.90 -35.60 -50.40
N ARG J 75 -14.01 -35.46 -51.11
CA ARG J 75 -14.72 -34.19 -51.16
C ARG J 75 -15.21 -34.04 -49.75
N ALA J 76 -15.36 -35.23 -49.16
CA ALA J 76 -15.86 -35.30 -47.82
C ALA J 76 -14.84 -34.78 -46.83
N ALA J 77 -13.56 -35.04 -47.09
CA ALA J 77 -12.50 -34.57 -46.18
C ALA J 77 -12.21 -33.08 -46.37
N GLN J 78 -12.32 -32.61 -47.61
CA GLN J 78 -12.08 -31.20 -47.92
C GLN J 78 -13.24 -30.36 -47.37
N GLU J 79 -14.47 -30.83 -47.59
CA GLU J 79 -15.66 -30.14 -47.13
C GLU J 79 -15.64 -30.03 -45.61
N GLU J 80 -15.26 -31.13 -44.95
CA GLU J 80 -15.20 -31.19 -43.49
C GLU J 80 -14.21 -30.17 -42.95
N GLU J 81 -13.02 -30.11 -43.54
CA GLU J 81 -11.99 -29.18 -43.12
C GLU J 81 -12.33 -27.74 -43.48
N PHE J 82 -13.07 -27.58 -44.57
CA PHE J 82 -13.47 -26.26 -45.04
C PHE J 82 -14.47 -25.63 -44.08
N SER J 83 -15.37 -26.46 -43.55
CA SER J 83 -16.37 -25.98 -42.62
C SER J 83 -15.69 -25.56 -41.31
N LEU J 84 -14.70 -26.34 -40.88
CA LEU J 84 -13.96 -26.04 -39.66
C LEU J 84 -13.28 -24.69 -39.78
N GLU J 85 -12.61 -24.48 -40.91
CA GLU J 85 -11.93 -23.22 -41.19
C GLU J 85 -12.93 -22.08 -41.09
N LEU J 86 -14.04 -22.24 -41.78
CA LEU J 86 -15.10 -21.24 -41.80
C LEU J 86 -15.56 -20.91 -40.39
N ARG J 87 -15.98 -21.92 -39.64
CA ARG J 87 -16.45 -21.71 -38.27
C ARG J 87 -15.39 -21.01 -37.44
N ASN J 88 -14.18 -21.56 -37.46
CA ASN J 88 -13.07 -20.98 -36.71
C ASN J 88 -12.86 -19.52 -37.12
N ARG J 89 -12.73 -19.29 -38.42
CA ARG J 89 -12.52 -17.95 -38.96
C ARG J 89 -13.49 -16.93 -38.40
N ASP J 90 -14.78 -17.28 -38.39
CA ASP J 90 -15.80 -16.39 -37.87
C ASP J 90 -15.67 -16.12 -36.39
N ARG J 91 -15.07 -17.05 -35.65
CA ARG J 91 -14.88 -16.88 -34.22
C ARG J 91 -13.78 -15.85 -33.98
N GLU J 92 -12.71 -15.95 -34.77
CA GLU J 92 -11.58 -15.03 -34.68
C GLU J 92 -12.03 -13.61 -34.98
N ARG J 93 -12.94 -13.46 -35.93
CA ARG J 93 -13.43 -12.14 -36.29
C ARG J 93 -14.15 -11.52 -35.10
N LYS J 94 -14.83 -12.35 -34.32
CA LYS J 94 -15.56 -11.92 -33.12
C LYS J 94 -14.55 -11.48 -32.07
N LEU J 95 -13.52 -12.29 -31.90
CA LEU J 95 -12.47 -12.01 -30.94
C LEU J 95 -11.82 -10.68 -31.27
N ILE J 96 -11.53 -10.46 -32.55
CA ILE J 96 -10.90 -9.22 -33.00
C ILE J 96 -11.79 -8.02 -32.67
N LYS J 97 -13.09 -8.16 -32.87
CA LYS J 97 -14.00 -7.06 -32.59
C LYS J 97 -14.03 -6.78 -31.09
N LYS J 98 -13.85 -7.84 -30.30
CA LYS J 98 -13.84 -7.71 -28.84
C LYS J 98 -12.58 -6.95 -28.42
N ILE J 99 -11.45 -7.29 -29.04
CA ILE J 99 -10.18 -6.63 -28.74
C ILE J 99 -10.30 -5.15 -29.10
N GLU J 100 -10.88 -4.88 -30.26
CA GLU J 100 -11.05 -3.51 -30.71
C GLU J 100 -11.86 -2.74 -29.67
N LYS J 101 -12.90 -3.39 -29.15
CA LYS J 101 -13.74 -2.78 -28.13
C LYS J 101 -12.90 -2.49 -26.89
N THR J 102 -12.05 -3.46 -26.54
CA THR J 102 -11.20 -3.32 -25.37
C THR J 102 -10.17 -2.22 -25.59
N LEU J 103 -9.70 -2.06 -26.83
CA LEU J 103 -8.72 -1.03 -27.13
C LEU J 103 -9.31 0.37 -26.98
N LYS J 104 -10.63 0.48 -27.09
CA LYS J 104 -11.27 1.76 -26.93
C LYS J 104 -11.43 2.06 -25.45
N LYS J 105 -11.53 1.01 -24.65
CA LYS J 105 -11.64 1.16 -23.20
C LYS J 105 -10.29 1.73 -22.72
N VAL J 106 -9.21 1.28 -23.36
CA VAL J 106 -7.87 1.74 -23.02
C VAL J 106 -7.76 3.21 -23.42
N GLU J 107 -8.15 3.51 -24.65
CA GLU J 107 -8.11 4.88 -25.15
C GLU J 107 -8.97 5.79 -24.28
N ASP J 108 -10.11 5.26 -23.83
CA ASP J 108 -11.05 5.98 -22.97
C ASP J 108 -10.60 5.97 -21.50
N GLU J 109 -9.52 5.25 -21.20
CA GLU J 109 -9.02 5.14 -19.85
C GLU J 109 -10.08 4.55 -18.90
N ASP J 110 -11.02 3.76 -19.44
CA ASP J 110 -12.06 3.07 -18.66
C ASP J 110 -11.70 1.57 -18.68
N PHE J 111 -10.40 1.32 -18.78
CA PHE J 111 -9.85 -0.04 -18.85
C PHE J 111 -9.24 -0.46 -17.53
N GLY J 112 -9.37 -1.75 -17.20
CA GLY J 112 -8.77 -2.27 -15.99
C GLY J 112 -9.61 -2.55 -14.77
N TYR J 113 -10.90 -2.23 -14.81
CA TYR J 113 -11.73 -2.46 -13.63
C TYR J 113 -12.89 -3.41 -13.90
N CYS J 114 -13.39 -4.06 -12.85
CA CYS J 114 -14.52 -4.98 -12.97
C CYS J 114 -15.77 -4.21 -13.37
N GLU J 115 -16.52 -4.75 -14.31
CA GLU J 115 -17.72 -4.09 -14.78
C GLU J 115 -18.92 -4.22 -13.84
N SER J 116 -18.90 -5.24 -12.98
CA SER J 116 -19.99 -5.45 -12.02
C SER J 116 -19.79 -4.57 -10.78
N CYS J 117 -18.64 -4.75 -10.14
CA CYS J 117 -18.26 -3.99 -8.95
C CYS J 117 -17.11 -3.10 -9.46
N GLY J 118 -16.92 -1.92 -8.92
CA GLY J 118 -15.86 -1.07 -9.46
C GLY J 118 -14.43 -1.55 -9.29
N VAL J 119 -14.24 -2.64 -8.56
CA VAL J 119 -12.91 -3.17 -8.29
C VAL J 119 -11.97 -3.26 -9.48
N GLU J 120 -10.69 -3.12 -9.19
CA GLU J 120 -9.67 -3.18 -10.21
C GLU J 120 -9.37 -4.66 -10.47
N ILE J 121 -9.16 -5.01 -11.74
CA ILE J 121 -8.85 -6.38 -12.12
C ILE J 121 -7.32 -6.45 -12.08
N GLY J 122 -6.76 -7.54 -11.60
CA GLY J 122 -5.31 -7.62 -11.53
C GLY J 122 -4.53 -7.24 -12.78
N ILE J 123 -3.34 -6.67 -12.59
CA ILE J 123 -2.49 -6.31 -13.73
C ILE J 123 -2.06 -7.63 -14.38
N ARG J 124 -1.60 -8.55 -13.55
CA ARG J 124 -1.16 -9.84 -14.06
C ARG J 124 -2.35 -10.61 -14.61
N ARG J 125 -3.54 -10.35 -14.07
CA ARG J 125 -4.70 -11.05 -14.57
C ARG J 125 -5.08 -10.52 -15.95
N LEU J 126 -4.93 -9.21 -16.13
CA LEU J 126 -5.24 -8.59 -17.42
C LEU J 126 -4.19 -8.97 -18.44
N GLU J 127 -3.00 -9.32 -17.97
CA GLU J 127 -1.93 -9.74 -18.86
C GLU J 127 -2.29 -11.14 -19.39
N ALA J 128 -3.07 -11.87 -18.60
CA ALA J 128 -3.52 -13.21 -18.97
C ALA J 128 -4.66 -13.11 -19.98
N ARG J 129 -5.69 -12.34 -19.64
CA ARG J 129 -6.84 -12.12 -20.52
C ARG J 129 -7.12 -10.62 -20.47
N PRO J 130 -6.42 -9.82 -21.29
CA PRO J 130 -6.61 -8.37 -21.32
C PRO J 130 -8.03 -7.92 -21.68
N THR J 131 -8.84 -8.88 -22.12
CA THR J 131 -10.21 -8.62 -22.52
C THR J 131 -11.19 -8.85 -21.35
N ALA J 132 -10.65 -9.14 -20.17
CA ALA J 132 -11.45 -9.39 -18.97
C ALA J 132 -12.43 -8.28 -18.58
N ASP J 133 -13.69 -8.65 -18.35
CA ASP J 133 -14.75 -7.71 -17.99
C ASP J 133 -15.06 -7.72 -16.49
N LEU J 134 -14.83 -8.86 -15.85
CA LEU J 134 -15.12 -9.00 -14.42
C LEU J 134 -13.87 -9.34 -13.57
N CYS J 135 -13.82 -8.90 -12.31
CA CYS J 135 -12.73 -9.20 -11.39
C CYS J 135 -12.84 -10.73 -11.18
N ILE J 136 -11.85 -11.37 -10.57
CA ILE J 136 -11.90 -12.83 -10.40
C ILE J 136 -13.14 -13.35 -9.69
N ASP J 137 -13.60 -12.64 -8.66
CA ASP J 137 -14.79 -13.07 -7.92
C ASP J 137 -16.06 -13.03 -8.76
N CYS J 138 -16.32 -11.92 -9.41
CA CYS J 138 -17.51 -11.82 -10.24
C CYS J 138 -17.40 -12.77 -11.43
N LYS J 139 -16.18 -12.92 -11.95
CA LYS J 139 -15.94 -13.83 -13.07
C LYS J 139 -16.27 -15.25 -12.65
N THR J 140 -15.79 -15.65 -11.48
CA THR J 140 -16.01 -17.00 -10.96
C THR J 140 -17.48 -17.23 -10.60
N LEU J 141 -18.07 -16.25 -9.92
CA LEU J 141 -19.46 -16.34 -9.54
C LEU J 141 -20.30 -16.56 -10.78
N ALA J 142 -19.97 -15.83 -11.85
CA ALA J 142 -20.69 -15.94 -13.11
C ALA J 142 -20.59 -17.37 -13.64
N GLU J 143 -19.40 -17.94 -13.58
CA GLU J 143 -19.16 -19.29 -14.06
C GLU J 143 -19.97 -20.28 -13.23
N ILE J 144 -20.09 -20.01 -11.93
CA ILE J 144 -20.84 -20.89 -11.06
C ILE J 144 -22.32 -20.82 -11.42
N ARG J 145 -22.86 -19.60 -11.52
CA ARG J 145 -24.26 -19.39 -11.87
C ARG J 145 -24.58 -20.15 -13.16
N GLU J 146 -23.65 -20.06 -14.10
CA GLU J 146 -23.76 -20.71 -15.39
C GLU J 146 -24.10 -22.21 -15.24
N LYS J 147 -23.22 -22.94 -14.59
CA LYS J 147 -23.40 -24.38 -14.39
C LYS J 147 -24.74 -24.71 -13.73
N GLN J 148 -25.24 -23.81 -12.88
CA GLN J 148 -26.49 -24.03 -12.19
C GLN J 148 -27.72 -23.57 -12.97
N MET J 149 -27.64 -22.41 -13.60
CA MET J 149 -28.76 -21.90 -14.39
C MET J 149 -28.89 -22.73 -15.66
N ALA J 150 -27.79 -23.39 -16.02
CA ALA J 150 -27.76 -24.24 -17.22
C ALA J 150 -28.27 -25.63 -16.88
N GLY J 151 -27.42 -26.43 -16.25
CA GLY J 151 -27.78 -27.78 -15.88
C GLY J 151 -28.90 -27.84 -14.85
#